data_8RKG
#
_entry.id   8RKG
#
_cell.length_a   88.210
_cell.length_b   70.310
_cell.length_c   149.860
_cell.angle_alpha   90.000
_cell.angle_beta   90.037
_cell.angle_gamma   90.000
#
_symmetry.space_group_name_H-M   'P 1 21 1'
#
loop_
_entity.id
_entity.type
_entity.pdbx_description
1 polymer 'XlZPA protein'
2 polymer 'XlZPA protein'
3 branched 2-acetamido-2-deoxy-beta-D-glucopyranose-(1-4)-2-acetamido-2-deoxy-beta-D-glucopyranose
4 non-polymer 2-acetamido-2-deoxy-beta-D-glucopyranose
5 non-polymer 'NITRATE ION'
6 non-polymer BICINE
7 water water
#
loop_
_entity_poly.entity_id
_entity_poly.type
_entity_poly.pdbx_seq_one_letter_code
_entity_poly.pdbx_strand_id
1 'polypeptide(L)' DEPGSSVVTCTKDSMTVRIPRTLSGFDDEIP L,M,N,O,P,Q,R,S
2 'polypeptide(L)'
;VAAPSFWDLEVKFTGQTSLLGMSEARQRGYQFSSDPYYLTVQASYSAFGLNVFNLENQRLYVADLRLVSQFGSPRISIDT
PMICARDSPSCNSTHATVLIPFFGGVLTGINVNSVNIQLSSYSLQQHGITLDSRNGYRLYIKRSTLKGDRNDVLVLTFIY
YGKTVPMLISLVCSGGSNLEHHHHHHHH
;
A,B,C,D,E,F,G,H
#
# COMPACT_ATOMS: atom_id res chain seq x y z
N GLY A 4 30.35 -55.04 1.38
CA GLY A 4 31.28 -55.46 2.42
C GLY A 4 32.17 -54.33 2.94
N SER A 5 33.13 -53.91 2.13
CA SER A 5 34.05 -52.85 2.51
C SER A 5 34.40 -52.03 1.27
N SER A 6 34.88 -50.81 1.51
CA SER A 6 35.39 -49.94 0.46
C SER A 6 36.63 -49.24 0.98
N VAL A 7 37.78 -49.51 0.37
CA VAL A 7 39.05 -48.93 0.81
C VAL A 7 39.56 -47.96 -0.24
N VAL A 8 40.27 -46.95 0.23
CA VAL A 8 41.00 -46.04 -0.63
C VAL A 8 42.33 -46.70 -0.98
N THR A 9 42.60 -46.86 -2.27
CA THR A 9 43.88 -47.38 -2.74
C THR A 9 44.74 -46.20 -3.18
N CYS A 10 45.86 -46.01 -2.50
CA CYS A 10 46.68 -44.81 -2.68
C CYS A 10 48.03 -45.19 -3.30
N THR A 11 48.27 -44.70 -4.50
CA THR A 11 49.57 -44.70 -5.15
C THR A 11 50.11 -43.27 -5.19
N LYS A 12 51.38 -43.15 -5.54
CA LYS A 12 52.01 -41.83 -5.61
C LYS A 12 51.37 -40.96 -6.68
N ASP A 13 50.57 -41.54 -7.58
CA ASP A 13 50.02 -40.84 -8.73
C ASP A 13 48.51 -40.71 -8.75
N SER A 14 47.79 -41.53 -7.98
CA SER A 14 46.33 -41.54 -8.06
C SER A 14 45.72 -42.00 -6.75
N MET A 15 44.42 -41.72 -6.62
CA MET A 15 43.61 -42.17 -5.50
C MET A 15 42.40 -42.91 -6.07
N THR A 16 42.16 -44.13 -5.60
CA THR A 16 41.17 -45.01 -6.20
C THR A 16 40.33 -45.67 -5.11
N VAL A 17 39.01 -45.63 -5.27
CA VAL A 17 38.10 -46.30 -4.34
C VAL A 17 37.16 -47.19 -5.14
N ARG A 18 37.08 -48.45 -4.76
CA ARG A 18 36.16 -49.41 -5.38
C ARG A 18 35.00 -49.67 -4.43
N ILE A 19 33.79 -49.51 -4.94
CA ILE A 19 32.55 -49.64 -4.18
C ILE A 19 31.84 -50.90 -4.64
N PRO A 20 31.57 -51.86 -3.76
CA PRO A 20 30.74 -53.00 -4.18
C PRO A 20 29.36 -52.53 -4.64
N ARG A 21 28.88 -53.12 -5.72
CA ARG A 21 27.62 -52.67 -6.30
C ARG A 21 26.42 -53.23 -5.55
N THR A 22 26.51 -54.45 -5.05
CA THR A 22 25.40 -55.08 -4.36
C THR A 22 25.33 -54.55 -2.94
N LEU A 23 24.16 -54.02 -2.57
CA LEU A 23 23.97 -53.50 -1.23
C LEU A 23 23.87 -54.64 -0.21
N SER A 24 24.38 -54.38 1.00
CA SER A 24 24.29 -55.36 2.08
C SER A 24 22.84 -55.54 2.51
N GLY A 25 22.49 -56.79 2.87
CA GLY A 25 21.14 -57.09 3.28
C GLY A 25 20.85 -56.74 4.73
N PHE A 26 19.57 -56.88 5.10
CA PHE A 26 19.12 -56.48 6.43
C PHE A 26 19.53 -57.51 7.49
N ASP A 27 19.26 -58.79 7.23
CA ASP A 27 19.68 -59.88 8.11
C ASP A 27 20.22 -60.98 7.21
N ASP A 28 21.52 -60.89 6.89
CA ASP A 28 22.23 -61.87 6.09
C ASP A 28 21.35 -62.63 5.09
N PHE B 6 24.23 -41.89 -14.83
CA PHE B 6 23.35 -42.34 -13.75
C PHE B 6 23.75 -41.69 -12.42
N TRP B 7 25.05 -41.42 -12.28
CA TRP B 7 25.58 -40.84 -11.05
C TRP B 7 26.23 -39.50 -11.37
N ASP B 8 26.29 -38.64 -10.35
CA ASP B 8 27.08 -37.41 -10.36
C ASP B 8 28.12 -37.49 -9.25
N LEU B 9 29.19 -36.71 -9.40
CA LEU B 9 30.25 -36.62 -8.38
C LEU B 9 30.15 -35.26 -7.70
N GLU B 10 29.80 -35.29 -6.42
CA GLU B 10 29.75 -34.08 -5.61
C GLU B 10 31.14 -33.85 -5.04
N VAL B 11 31.70 -32.68 -5.32
CA VAL B 11 32.98 -32.27 -4.77
C VAL B 11 32.70 -31.26 -3.67
N LYS B 12 33.07 -31.60 -2.45
CA LYS B 12 32.78 -30.76 -1.28
C LYS B 12 34.08 -30.09 -0.87
N PHE B 13 34.19 -28.79 -1.17
CA PHE B 13 35.42 -28.05 -0.92
C PHE B 13 35.10 -26.69 -0.31
N THR B 14 35.89 -26.31 0.69
CA THR B 14 35.86 -24.98 1.32
C THR B 14 34.43 -24.50 1.57
N GLY B 15 33.64 -25.35 2.20
CA GLY B 15 32.32 -24.95 2.66
C GLY B 15 31.21 -25.02 1.64
N GLN B 16 31.49 -25.50 0.44
CA GLN B 16 30.48 -25.59 -0.61
C GLN B 16 30.62 -26.95 -1.28
N THR B 17 29.63 -27.29 -2.10
CA THR B 17 29.64 -28.52 -2.90
C THR B 17 29.46 -28.16 -4.37
N SER B 18 30.16 -28.90 -5.21
CA SER B 18 30.09 -28.75 -6.66
C SER B 18 29.52 -30.03 -7.23
N LEU B 19 28.37 -29.95 -7.90
CA LEU B 19 27.73 -31.12 -8.48
C LEU B 19 28.21 -31.26 -9.92
N LEU B 20 29.08 -32.23 -10.17
CA LEU B 20 29.72 -32.41 -11.46
C LEU B 20 29.12 -33.62 -12.17
N GLY B 21 28.70 -33.42 -13.41
CA GLY B 21 28.36 -34.55 -14.25
C GLY B 21 29.57 -35.42 -14.48
N MET B 22 29.39 -36.55 -15.14
CA MET B 22 30.54 -37.42 -15.43
C MET B 22 31.55 -36.73 -16.32
N SER B 23 31.06 -36.04 -17.37
CA SER B 23 31.96 -35.35 -18.29
C SER B 23 32.73 -34.24 -17.58
N GLU B 24 32.03 -33.39 -16.84
CA GLU B 24 32.71 -32.28 -16.18
C GLU B 24 33.68 -32.76 -15.10
N ALA B 25 33.30 -33.78 -14.33
CA ALA B 25 34.23 -34.34 -13.35
C ALA B 25 35.47 -34.90 -14.03
N ARG B 26 35.27 -35.60 -15.16
CA ARG B 26 36.39 -36.11 -15.92
C ARG B 26 37.28 -34.99 -16.43
N GLN B 27 36.70 -33.82 -16.71
CA GLN B 27 37.50 -32.67 -17.11
C GLN B 27 38.18 -31.99 -15.93
N ARG B 28 37.68 -32.15 -14.72
CA ARG B 28 38.26 -31.52 -13.54
C ARG B 28 39.08 -32.47 -12.67
N GLY B 29 39.32 -33.69 -13.13
CA GLY B 29 40.37 -34.54 -12.57
C GLY B 29 39.92 -35.87 -12.02
N TYR B 30 38.63 -36.22 -12.14
CA TYR B 30 38.10 -37.47 -11.62
C TYR B 30 37.81 -38.43 -12.76
N GLN B 31 37.66 -39.71 -12.42
CA GLN B 31 37.38 -40.74 -13.40
C GLN B 31 36.32 -41.68 -12.83
N PHE B 32 35.58 -42.31 -13.74
CA PHE B 32 34.50 -43.22 -13.36
C PHE B 32 34.45 -44.38 -14.34
N SER B 33 34.48 -45.60 -13.83
CA SER B 33 34.41 -46.79 -14.67
C SER B 33 33.29 -47.70 -14.18
N SER B 34 32.72 -48.46 -15.10
CA SER B 34 31.66 -49.41 -14.80
C SER B 34 32.23 -50.83 -14.89
N ASP B 35 31.99 -51.60 -13.84
CA ASP B 35 32.45 -52.97 -13.70
C ASP B 35 31.29 -53.79 -13.14
N PRO B 36 31.16 -55.07 -13.54
CA PRO B 36 30.06 -55.86 -12.98
C PRO B 36 30.10 -55.98 -11.47
N TYR B 37 31.29 -56.00 -10.87
CA TYR B 37 31.45 -56.24 -9.45
C TYR B 37 31.54 -54.98 -8.61
N TYR B 38 32.13 -53.89 -9.13
CA TYR B 38 32.32 -52.69 -8.35
C TYR B 38 31.97 -51.45 -9.15
N LEU B 39 31.83 -50.33 -8.42
CA LEU B 39 31.78 -48.99 -9.00
C LEU B 39 33.06 -48.27 -8.58
N THR B 40 33.87 -47.88 -9.56
CA THR B 40 35.22 -47.39 -9.28
C THR B 40 35.31 -45.91 -9.62
N VAL B 41 35.89 -45.14 -8.70
CA VAL B 41 36.19 -43.72 -8.91
C VAL B 41 37.67 -43.53 -8.63
N GLN B 42 38.38 -42.95 -9.59
CA GLN B 42 39.79 -42.64 -9.42
C GLN B 42 40.00 -41.14 -9.59
N ALA B 43 40.91 -40.60 -8.80
CA ALA B 43 41.24 -39.19 -8.87
C ALA B 43 42.76 -39.04 -8.89
N SER B 44 43.24 -38.12 -9.71
CA SER B 44 44.64 -37.74 -9.67
C SER B 44 44.87 -36.75 -8.54
N TYR B 45 46.13 -36.61 -8.16
CA TYR B 45 46.46 -35.66 -7.10
C TYR B 45 46.35 -34.21 -7.55
N SER B 46 46.01 -33.97 -8.82
CA SER B 46 45.73 -32.64 -9.32
C SER B 46 44.24 -32.38 -9.49
N ALA B 47 43.39 -33.26 -8.97
CA ALA B 47 41.96 -33.13 -9.17
C ALA B 47 41.43 -31.86 -8.50
N PHE B 48 40.29 -31.39 -8.98
CA PHE B 48 39.64 -30.24 -8.41
C PHE B 48 38.97 -30.60 -7.08
N GLY B 49 39.26 -29.82 -6.03
CA GLY B 49 38.62 -29.99 -4.75
C GLY B 49 39.38 -30.83 -3.75
N LEU B 50 40.64 -31.16 -4.01
CA LEU B 50 41.43 -31.89 -3.05
C LEU B 50 41.90 -30.96 -1.93
N ASN B 51 41.85 -31.45 -0.70
CA ASN B 51 42.47 -30.77 0.43
C ASN B 51 43.86 -31.38 0.61
N VAL B 52 44.90 -30.54 0.62
CA VAL B 52 46.27 -31.02 0.71
C VAL B 52 46.87 -30.56 2.03
N PHE B 53 47.42 -31.50 2.79
CA PHE B 53 48.08 -31.24 4.06
C PHE B 53 49.49 -31.79 4.04
N ASN B 54 50.38 -31.17 4.80
CA ASN B 54 51.80 -31.51 4.80
C ASN B 54 52.24 -31.85 6.22
N LEU B 55 52.86 -33.02 6.39
CA LEU B 55 53.57 -33.34 7.63
C LEU B 55 55.02 -33.68 7.29
N GLU B 56 55.93 -32.78 7.60
CA GLU B 56 57.36 -32.92 7.28
C GLU B 56 57.48 -33.11 5.77
N ASN B 57 57.98 -34.23 5.29
CA ASN B 57 58.18 -34.48 3.89
C ASN B 57 57.06 -35.28 3.26
N GLN B 58 55.96 -35.51 3.97
CA GLN B 58 54.88 -36.35 3.48
C GLN B 58 53.59 -35.56 3.35
N ARG B 59 52.94 -35.70 2.19
CA ARG B 59 51.75 -34.96 1.84
C ARG B 59 50.51 -35.83 1.95
N LEU B 60 49.42 -35.24 2.46
CA LEU B 60 48.14 -35.93 2.64
C LEU B 60 47.07 -35.21 1.83
N TYR B 61 46.57 -35.88 0.81
CA TYR B 61 45.48 -35.37 0.00
C TYR B 61 44.17 -35.93 0.54
N VAL B 62 43.15 -35.06 0.61
CA VAL B 62 41.82 -35.44 1.09
C VAL B 62 40.79 -34.85 0.14
N ALA B 63 40.02 -35.73 -0.49
CA ALA B 63 38.89 -35.35 -1.33
C ALA B 63 37.62 -35.76 -0.60
N ASP B 64 36.74 -34.78 -0.33
CA ASP B 64 35.45 -35.06 0.30
C ASP B 64 34.43 -35.27 -0.81
N LEU B 65 34.35 -36.50 -1.30
CA LEU B 65 33.55 -36.84 -2.47
C LEU B 65 32.37 -37.71 -2.07
N ARG B 66 31.25 -37.49 -2.77
CA ARG B 66 30.04 -38.24 -2.52
C ARG B 66 29.33 -38.42 -3.85
N LEU B 67 29.07 -39.67 -4.23
CA LEU B 67 28.35 -39.96 -5.46
C LEU B 67 26.86 -39.75 -5.24
N VAL B 68 26.25 -38.86 -6.00
CA VAL B 68 24.82 -38.58 -5.92
C VAL B 68 24.19 -39.03 -7.22
N SER B 69 23.13 -39.83 -7.13
CA SER B 69 22.53 -40.36 -8.35
C SER B 69 21.73 -39.29 -9.09
N GLN B 70 21.88 -39.26 -10.42
CA GLN B 70 21.00 -38.43 -11.23
C GLN B 70 19.58 -38.95 -11.22
N PHE B 71 19.41 -40.28 -11.32
CA PHE B 71 18.08 -40.86 -11.30
C PHE B 71 17.41 -40.63 -9.95
N GLY B 72 16.11 -40.35 -9.98
CA GLY B 72 15.41 -39.89 -8.80
C GLY B 72 14.41 -40.84 -8.17
N SER B 73 14.05 -41.93 -8.86
CA SER B 73 13.09 -42.88 -8.31
C SER B 73 13.56 -43.40 -6.97
N PRO B 74 14.72 -44.10 -6.87
CA PRO B 74 15.45 -44.14 -5.60
C PRO B 74 16.57 -43.09 -5.60
N ARG B 75 16.76 -42.36 -4.51
CA ARG B 75 17.83 -41.38 -4.42
C ARG B 75 18.94 -41.92 -3.53
N ILE B 76 20.13 -42.10 -4.09
CA ILE B 76 21.23 -42.70 -3.37
C ILE B 76 22.40 -41.72 -3.36
N SER B 77 22.99 -41.56 -2.18
CA SER B 77 24.21 -40.79 -1.97
C SER B 77 25.22 -41.71 -1.30
N ILE B 78 26.39 -41.85 -1.92
CA ILE B 78 27.43 -42.77 -1.45
C ILE B 78 28.64 -41.95 -1.02
N ASP B 79 28.92 -41.93 0.28
CA ASP B 79 30.13 -41.27 0.77
C ASP B 79 31.35 -42.06 0.30
N THR B 80 32.21 -41.45 -0.52
CA THR B 80 33.41 -42.11 -1.00
C THR B 80 34.61 -41.20 -0.78
N PRO B 81 34.86 -40.79 0.45
CA PRO B 81 35.98 -39.88 0.70
C PRO B 81 37.31 -40.55 0.38
N MET B 82 38.22 -39.77 -0.19
CA MET B 82 39.55 -40.23 -0.53
C MET B 82 40.54 -39.53 0.40
N ILE B 83 41.41 -40.30 1.02
CA ILE B 83 42.51 -39.78 1.83
C ILE B 83 43.74 -40.56 1.43
N CYS B 84 44.82 -39.86 1.12
CA CYS B 84 46.03 -40.53 0.66
C CYS B 84 47.28 -39.84 1.19
N ALA B 85 48.16 -40.63 1.80
CA ALA B 85 49.52 -40.22 2.13
C ALA B 85 50.37 -40.53 0.91
N ARG B 86 50.48 -39.54 0.01
CA ARG B 86 51.07 -39.79 -1.30
C ARG B 86 52.55 -40.13 -1.20
N ASP B 87 53.27 -39.43 -0.34
CA ASP B 87 54.72 -39.60 -0.20
C ASP B 87 55.08 -40.63 0.85
N SER B 88 54.10 -41.33 1.41
CA SER B 88 54.39 -42.35 2.42
C SER B 88 54.66 -43.69 1.74
N PRO B 89 55.60 -44.49 2.27
CA PRO B 89 56.47 -44.25 3.44
C PRO B 89 57.86 -43.73 3.04
N SER B 90 58.60 -43.24 4.03
CA SER B 90 59.95 -42.71 3.85
C SER B 90 60.91 -43.58 4.67
N CYS B 91 61.45 -44.63 4.05
CA CYS B 91 62.39 -45.49 4.73
C CYS B 91 63.76 -44.82 4.86
N ASN B 92 64.52 -45.21 5.87
CA ASN B 92 65.91 -44.81 5.90
C ASN B 92 66.87 -45.99 5.76
N SER B 93 66.90 -46.92 6.73
CA SER B 93 67.64 -48.17 6.50
C SER B 93 66.85 -49.41 6.91
N THR B 94 66.39 -49.44 8.16
CA THR B 94 65.69 -50.58 8.73
C THR B 94 64.30 -50.19 9.21
N HIS B 95 63.88 -48.96 8.97
CA HIS B 95 62.64 -48.42 9.51
C HIS B 95 61.88 -47.72 8.41
N ALA B 96 60.61 -48.06 8.26
CA ALA B 96 59.71 -47.41 7.31
C ALA B 96 58.77 -46.52 8.11
N THR B 97 58.77 -45.22 7.82
CA THR B 97 58.05 -44.23 8.59
C THR B 97 56.88 -43.68 7.80
N VAL B 98 55.70 -43.70 8.40
CA VAL B 98 54.51 -43.06 7.86
C VAL B 98 54.21 -41.87 8.77
N LEU B 99 53.95 -40.70 8.16
CA LEU B 99 53.67 -39.48 8.90
C LEU B 99 52.36 -38.91 8.41
N ILE B 100 51.43 -38.69 9.32
CA ILE B 100 50.12 -38.14 8.99
C ILE B 100 49.92 -36.88 9.81
N PRO B 101 49.71 -35.72 9.19
CA PRO B 101 49.41 -34.52 9.98
C PRO B 101 48.03 -34.62 10.62
N PHE B 102 47.86 -33.87 11.71
CA PHE B 102 46.54 -33.81 12.32
C PHE B 102 45.60 -33.05 11.38
N PHE B 103 44.89 -33.76 10.51
CA PHE B 103 44.03 -33.13 9.52
C PHE B 103 42.54 -33.31 9.83
N GLY B 104 42.20 -33.64 11.06
CA GLY B 104 40.82 -33.85 11.42
C GLY B 104 40.31 -35.26 11.24
N GLY B 105 41.17 -36.19 10.87
CA GLY B 105 40.83 -37.60 10.80
C GLY B 105 41.53 -38.35 11.92
N VAL B 106 40.74 -39.07 12.72
CA VAL B 106 41.26 -39.75 13.90
C VAL B 106 41.68 -41.16 13.51
N LEU B 107 42.86 -41.58 13.94
CA LEU B 107 43.35 -42.92 13.64
C LEU B 107 42.50 -43.95 14.38
N THR B 108 41.88 -44.86 13.62
CA THR B 108 40.98 -45.87 14.16
C THR B 108 41.50 -47.30 14.05
N GLY B 109 42.23 -47.62 12.99
CA GLY B 109 42.73 -48.97 12.82
C GLY B 109 44.09 -49.00 12.17
N ILE B 110 44.79 -50.11 12.37
CA ILE B 110 46.07 -50.35 11.73
C ILE B 110 46.07 -51.79 11.25
N ASN B 111 46.32 -52.00 9.97
CA ASN B 111 46.43 -53.32 9.37
C ASN B 111 47.71 -53.37 8.55
N VAL B 112 48.52 -54.42 8.77
CA VAL B 112 49.75 -54.63 8.02
C VAL B 112 49.73 -56.04 7.46
N ASN B 113 49.95 -56.16 6.15
CA ASN B 113 49.98 -57.45 5.48
C ASN B 113 48.75 -58.27 5.83
N SER B 114 47.58 -57.64 5.66
CA SER B 114 46.29 -58.30 5.85
C SER B 114 46.16 -58.89 7.25
N VAL B 115 46.68 -58.18 8.25
CA VAL B 115 46.64 -58.58 9.64
C VAL B 115 46.22 -57.37 10.46
N ASN B 116 44.97 -57.37 10.95
CA ASN B 116 44.51 -56.32 11.85
C ASN B 116 45.27 -56.39 13.16
N ILE B 117 45.59 -55.21 13.71
CA ILE B 117 46.41 -55.11 14.92
C ILE B 117 45.62 -54.38 15.99
N GLN B 118 45.71 -54.89 17.22
CA GLN B 118 45.08 -54.21 18.35
C GLN B 118 45.82 -52.92 18.66
N LEU B 119 45.08 -51.84 18.82
CA LEU B 119 45.67 -50.51 19.04
C LEU B 119 46.18 -50.42 20.49
N SER B 120 47.26 -51.15 20.75
CA SER B 120 47.94 -51.12 22.04
C SER B 120 49.44 -51.12 21.78
N SER B 121 50.20 -50.60 22.74
CA SER B 121 51.65 -50.53 22.57
C SER B 121 52.23 -51.92 22.37
N TYR B 122 51.82 -52.87 23.20
CA TYR B 122 52.36 -54.22 23.10
C TYR B 122 52.05 -54.84 21.75
N SER B 123 50.79 -54.73 21.30
CA SER B 123 50.38 -55.37 20.05
C SER B 123 51.08 -54.74 18.86
N LEU B 124 51.11 -53.41 18.83
CA LEU B 124 51.81 -52.71 17.76
C LEU B 124 53.26 -53.18 17.66
N GLN B 125 54.00 -53.12 18.77
CA GLN B 125 55.40 -53.50 18.69
C GLN B 125 55.58 -55.00 18.47
N GLN B 126 54.59 -55.80 18.82
CA GLN B 126 54.61 -57.21 18.42
C GLN B 126 54.64 -57.32 16.90
N HIS B 127 53.85 -56.50 16.23
CA HIS B 127 53.83 -56.46 14.77
C HIS B 127 54.83 -55.47 14.19
N GLY B 128 55.76 -54.97 15.00
CA GLY B 128 56.88 -54.20 14.49
C GLY B 128 56.64 -52.72 14.30
N ILE B 129 55.65 -52.15 14.98
CA ILE B 129 55.21 -50.78 14.75
C ILE B 129 55.38 -50.00 16.04
N THR B 130 55.89 -48.79 15.92
CA THR B 130 55.92 -47.84 17.02
C THR B 130 55.15 -46.60 16.58
N LEU B 131 54.09 -46.27 17.32
CA LEU B 131 53.18 -45.20 16.95
C LEU B 131 53.30 -44.05 17.93
N ASP B 132 53.53 -42.85 17.40
CA ASP B 132 53.58 -41.63 18.18
C ASP B 132 52.44 -40.73 17.71
N SER B 133 51.52 -40.41 18.62
CA SER B 133 50.38 -39.56 18.34
C SER B 133 50.51 -38.16 18.96
N ARG B 134 51.66 -37.83 19.51
CA ARG B 134 51.80 -36.54 20.20
C ARG B 134 51.85 -35.39 19.21
N ASN B 135 52.72 -35.48 18.20
CA ASN B 135 52.86 -34.44 17.18
C ASN B 135 52.45 -35.06 15.84
N GLY B 136 51.15 -35.06 15.57
CA GLY B 136 50.63 -35.80 14.44
C GLY B 136 50.81 -37.29 14.64
N TYR B 137 50.32 -38.06 13.68
CA TYR B 137 50.43 -39.51 13.74
C TYR B 137 51.70 -39.93 13.01
N ARG B 138 52.61 -40.59 13.74
CA ARG B 138 53.88 -41.04 13.19
C ARG B 138 54.07 -42.51 13.53
N LEU B 139 54.26 -43.34 12.50
CA LEU B 139 54.44 -44.77 12.65
C LEU B 139 55.83 -45.17 12.21
N TYR B 140 56.57 -45.87 13.07
CA TYR B 140 57.92 -46.33 12.77
C TYR B 140 57.87 -47.86 12.71
N ILE B 141 57.80 -48.40 11.50
CA ILE B 141 57.58 -49.83 11.27
C ILE B 141 58.91 -50.48 10.93
N LYS B 142 59.15 -51.65 11.50
CA LYS B 142 60.42 -52.36 11.33
C LYS B 142 60.48 -53.05 9.97
N ARG B 143 61.39 -52.57 9.12
CA ARG B 143 61.58 -53.18 7.82
C ARG B 143 61.96 -54.66 7.96
N SER B 144 62.60 -55.02 9.07
CA SER B 144 62.90 -56.43 9.32
C SER B 144 61.62 -57.24 9.52
N THR B 145 60.58 -56.62 10.07
CA THR B 145 59.30 -57.29 10.21
C THR B 145 58.46 -57.25 8.94
N LEU B 146 58.87 -56.47 7.93
CA LEU B 146 58.16 -56.51 6.66
C LEU B 146 58.69 -57.62 5.75
N LYS B 147 57.89 -57.95 4.72
CA LYS B 147 58.30 -58.99 3.76
C LYS B 147 59.47 -58.54 2.88
N GLY B 148 59.55 -57.23 2.57
CA GLY B 148 60.54 -56.74 1.64
C GLY B 148 60.21 -57.13 0.22
N ASP B 149 58.95 -56.89 -0.17
CA ASP B 149 58.41 -57.22 -1.48
C ASP B 149 57.60 -56.03 -1.99
N ARG B 150 57.03 -56.20 -3.20
CA ARG B 150 56.05 -55.27 -3.72
C ARG B 150 54.73 -55.34 -2.94
N ASN B 151 54.49 -56.43 -2.19
CA ASN B 151 53.20 -56.68 -1.58
C ASN B 151 53.09 -56.20 -0.12
N ASP B 152 54.16 -55.71 0.49
CA ASP B 152 54.02 -55.06 1.80
C ASP B 152 52.95 -53.98 1.68
N VAL B 153 51.96 -54.02 2.58
CA VAL B 153 50.84 -53.08 2.53
C VAL B 153 50.49 -52.63 3.94
N LEU B 154 50.02 -51.39 4.05
CA LEU B 154 49.55 -50.82 5.30
C LEU B 154 48.21 -50.16 5.09
N VAL B 155 47.25 -50.49 5.94
CA VAL B 155 45.91 -49.90 5.89
C VAL B 155 45.68 -49.18 7.21
N LEU B 156 45.38 -47.89 7.14
CA LEU B 156 45.04 -47.07 8.29
C LEU B 156 43.59 -46.62 8.16
N THR B 157 42.76 -46.98 9.12
CA THR B 157 41.36 -46.56 9.10
C THR B 157 41.21 -45.28 9.91
N PHE B 158 40.55 -44.30 9.31
CA PHE B 158 40.35 -42.99 9.91
C PHE B 158 38.86 -42.73 10.08
N ILE B 159 38.51 -42.12 11.19
CA ILE B 159 37.21 -41.49 11.34
C ILE B 159 37.40 -40.05 10.86
N TYR B 160 36.76 -39.69 9.76
CA TYR B 160 36.89 -38.36 9.16
C TYR B 160 35.51 -37.72 9.12
N TYR B 161 35.22 -36.86 10.11
CA TYR B 161 33.92 -36.22 10.22
C TYR B 161 32.81 -37.27 10.19
N GLY B 162 33.03 -38.37 10.91
CA GLY B 162 32.08 -39.44 11.04
C GLY B 162 32.20 -40.55 10.00
N LYS B 163 33.05 -40.39 9.01
CA LYS B 163 33.18 -41.37 7.93
C LYS B 163 34.31 -42.34 8.25
N THR B 164 34.15 -43.58 7.79
CA THR B 164 35.18 -44.60 7.91
C THR B 164 35.97 -44.62 6.61
N VAL B 165 37.28 -44.40 6.71
CA VAL B 165 38.10 -44.25 5.52
C VAL B 165 39.35 -45.12 5.63
N PRO B 166 39.30 -46.36 5.15
CA PRO B 166 40.53 -47.17 5.08
C PRO B 166 41.43 -46.62 3.97
N MET B 167 42.72 -46.44 4.30
CA MET B 167 43.69 -45.91 3.36
C MET B 167 44.75 -46.98 3.11
N LEU B 168 44.74 -47.54 1.90
CA LEU B 168 45.69 -48.59 1.53
C LEU B 168 46.86 -47.93 0.82
N ILE B 169 48.04 -48.02 1.42
CA ILE B 169 49.29 -47.57 0.80
C ILE B 169 50.24 -48.76 0.79
N SER B 170 50.87 -49.00 -0.36
CA SER B 170 51.93 -49.99 -0.41
C SER B 170 53.09 -49.53 0.47
N LEU B 171 53.65 -50.46 1.24
CA LEU B 171 54.79 -50.17 2.10
C LEU B 171 56.10 -50.46 1.37
N VAL B 172 56.25 -49.76 0.25
CA VAL B 172 57.46 -49.76 -0.54
C VAL B 172 57.99 -48.33 -0.51
N CYS B 173 59.27 -48.18 -0.19
CA CYS B 173 59.82 -46.86 0.06
C CYS B 173 59.52 -45.92 -1.11
N SER B 174 59.21 -44.67 -0.78
CA SER B 174 58.81 -43.71 -1.78
C SER B 174 59.98 -43.02 -2.47
N GLY B 175 61.21 -43.26 -2.02
CA GLY B 175 62.36 -42.60 -2.58
C GLY B 175 62.22 -41.10 -2.48
N SER C 6 11.63 -48.46 -5.46
CA SER C 6 11.31 -47.71 -6.67
C SER C 6 9.92 -47.08 -6.58
N VAL C 7 8.90 -47.93 -6.39
CA VAL C 7 7.51 -47.51 -6.39
C VAL C 7 6.90 -47.84 -5.03
N VAL C 8 6.03 -46.96 -4.55
CA VAL C 8 5.36 -47.17 -3.27
C VAL C 8 4.10 -47.98 -3.53
N THR C 9 3.99 -49.12 -2.86
CA THR C 9 2.80 -49.95 -2.92
C THR C 9 1.92 -49.64 -1.71
N CYS C 10 0.65 -49.32 -1.96
CA CYS C 10 -0.27 -48.93 -0.91
C CYS C 10 -1.42 -49.92 -0.86
N THR C 11 -1.62 -50.54 0.30
CA THR C 11 -2.66 -51.52 0.53
C THR C 11 -3.60 -51.03 1.63
N LYS C 12 -4.49 -51.91 2.07
CA LYS C 12 -5.40 -51.57 3.16
C LYS C 12 -4.64 -51.35 4.46
N ASP C 13 -3.46 -51.99 4.61
CA ASP C 13 -2.79 -52.09 5.90
C ASP C 13 -1.33 -51.64 5.91
N SER C 14 -0.66 -51.52 4.77
CA SER C 14 0.78 -51.27 4.80
C SER C 14 1.21 -50.46 3.60
N MET C 15 2.38 -49.82 3.75
CA MET C 15 3.08 -49.13 2.68
C MET C 15 4.43 -49.82 2.50
N THR C 16 4.72 -50.29 1.30
CA THR C 16 5.91 -51.10 1.05
C THR C 16 6.66 -50.60 -0.17
N VAL C 17 7.97 -50.51 -0.04
CA VAL C 17 8.85 -50.09 -1.13
C VAL C 17 10.01 -51.08 -1.22
N ARG C 18 10.37 -51.45 -2.45
CA ARG C 18 11.47 -52.38 -2.71
C ARG C 18 12.54 -51.66 -3.50
N ILE C 19 13.79 -51.75 -3.05
CA ILE C 19 14.92 -51.06 -3.65
C ILE C 19 15.88 -52.11 -4.19
N PRO C 20 16.38 -51.97 -5.43
CA PRO C 20 17.34 -52.94 -5.95
C PRO C 20 18.62 -52.97 -5.13
N ARG C 21 19.21 -54.16 -5.06
CA ARG C 21 20.43 -54.34 -4.27
C ARG C 21 21.70 -54.01 -5.05
N THR C 22 21.64 -54.00 -6.37
CA THR C 22 22.81 -53.73 -7.21
C THR C 22 22.79 -52.28 -7.64
N LEU C 23 23.93 -51.62 -7.49
CA LEU C 23 24.05 -50.20 -7.83
C LEU C 23 24.25 -50.01 -9.33
N SER C 24 23.63 -48.94 -9.87
CA SER C 24 23.68 -48.69 -11.29
C SER C 24 25.05 -48.15 -11.72
N GLY C 25 25.28 -48.15 -13.03
CA GLY C 25 26.57 -47.82 -13.59
C GLY C 25 26.68 -46.36 -13.97
N PHE C 26 27.77 -46.03 -14.66
CA PHE C 26 28.06 -44.67 -15.08
C PHE C 26 27.83 -44.53 -16.58
N ASP C 27 27.23 -43.43 -16.99
CA ASP C 27 27.04 -43.15 -18.40
C ASP C 27 28.11 -42.16 -18.84
N PHE D 6 23.93 -53.45 10.91
CA PHE D 6 23.90 -53.30 9.46
C PHE D 6 23.38 -51.90 9.12
N TRP D 7 22.08 -51.79 8.89
CA TRP D 7 21.44 -50.55 8.51
C TRP D 7 20.85 -49.84 9.73
N ASP D 8 20.53 -48.55 9.54
CA ASP D 8 19.76 -47.78 10.51
C ASP D 8 18.69 -47.01 9.75
N LEU D 9 17.59 -46.70 10.45
CA LEU D 9 16.42 -46.08 9.84
C LEU D 9 16.28 -44.65 10.35
N GLU D 10 16.48 -43.69 9.46
CA GLU D 10 16.32 -42.29 9.80
C GLU D 10 14.87 -41.90 9.56
N VAL D 11 14.27 -41.21 10.53
CA VAL D 11 12.87 -40.78 10.44
C VAL D 11 12.82 -39.27 10.70
N LYS D 12 12.32 -38.52 9.72
CA LYS D 12 12.11 -37.08 9.85
C LYS D 12 10.70 -36.85 10.38
N PHE D 13 10.60 -36.34 11.61
CA PHE D 13 9.36 -36.30 12.35
C PHE D 13 9.32 -35.07 13.24
N THR D 14 8.38 -34.15 12.97
CA THR D 14 8.17 -32.92 13.72
C THR D 14 9.28 -31.90 13.55
N GLY D 15 10.09 -32.02 12.50
CA GLY D 15 11.18 -31.10 12.25
C GLY D 15 12.55 -31.61 12.60
N GLN D 16 12.64 -32.72 13.33
CA GLN D 16 13.91 -33.36 13.66
C GLN D 16 13.98 -34.72 12.99
N THR D 17 15.21 -35.20 12.79
CA THR D 17 15.47 -36.50 12.20
C THR D 17 16.00 -37.44 13.28
N SER D 18 15.35 -38.59 13.44
CA SER D 18 15.71 -39.56 14.44
C SER D 18 16.21 -40.82 13.74
N LEU D 19 17.34 -41.33 14.20
CA LEU D 19 17.93 -42.54 13.63
C LEU D 19 17.60 -43.72 14.54
N LEU D 20 17.01 -44.75 13.96
CA LEU D 20 16.64 -45.96 14.66
C LEU D 20 17.52 -47.10 14.19
N GLY D 21 17.87 -48.00 15.11
CA GLY D 21 18.48 -49.25 14.72
C GLY D 21 17.46 -50.17 14.08
N MET D 22 17.97 -51.29 13.55
CA MET D 22 17.10 -52.27 12.91
C MET D 22 16.08 -52.81 13.90
N SER D 23 16.55 -53.29 15.06
CA SER D 23 15.64 -53.86 16.04
C SER D 23 14.64 -52.84 16.54
N GLU D 24 15.10 -51.62 16.83
CA GLU D 24 14.19 -50.59 17.33
C GLU D 24 13.13 -50.25 16.30
N ALA D 25 13.52 -50.16 15.02
CA ALA D 25 12.54 -49.87 13.97
C ALA D 25 11.52 -51.01 13.85
N ARG D 26 12.00 -52.26 13.90
CA ARG D 26 11.09 -53.39 13.84
C ARG D 26 10.12 -53.36 15.02
N GLN D 27 10.59 -52.93 16.18
CA GLN D 27 9.71 -52.77 17.34
C GLN D 27 8.70 -51.65 17.10
N ARG D 28 9.12 -50.58 16.43
CA ARG D 28 8.31 -49.38 16.29
C ARG D 28 7.55 -49.32 14.97
N GLY D 29 7.39 -50.46 14.31
CA GLY D 29 6.38 -50.59 13.27
C GLY D 29 6.90 -50.69 11.87
N TYR D 30 8.20 -50.83 11.69
CA TYR D 30 8.83 -50.96 10.39
C TYR D 30 9.31 -52.38 10.21
N GLN D 31 9.40 -52.82 8.97
CA GLN D 31 9.87 -54.16 8.65
C GLN D 31 10.93 -54.06 7.56
N PHE D 32 11.86 -55.00 7.60
CA PHE D 32 12.97 -55.04 6.66
C PHE D 32 13.14 -56.47 6.16
N SER D 33 13.37 -56.59 4.86
CA SER D 33 13.51 -57.90 4.24
C SER D 33 14.50 -57.80 3.09
N SER D 34 15.29 -58.85 2.91
CA SER D 34 16.30 -58.91 1.85
C SER D 34 16.07 -60.18 1.03
N ASP D 35 15.80 -59.99 -0.25
CA ASP D 35 15.84 -61.07 -1.22
C ASP D 35 16.98 -60.82 -2.20
N PRO D 36 17.27 -61.78 -3.07
CA PRO D 36 18.41 -61.59 -4.00
C PRO D 36 18.31 -60.32 -4.82
N TYR D 37 17.11 -59.96 -5.27
CA TYR D 37 16.92 -58.81 -6.16
C TYR D 37 16.74 -57.51 -5.39
N TYR D 38 15.84 -57.48 -4.41
CA TYR D 38 15.37 -56.25 -3.81
C TYR D 38 15.60 -56.19 -2.31
N LEU D 39 15.92 -55.01 -1.81
CA LEU D 39 15.72 -54.70 -0.40
C LEU D 39 14.30 -54.21 -0.23
N THR D 40 13.64 -54.68 0.82
CA THR D 40 12.24 -54.38 1.05
C THR D 40 12.09 -53.66 2.38
N VAL D 41 11.39 -52.53 2.34
CA VAL D 41 10.98 -51.80 3.53
C VAL D 41 9.46 -51.87 3.57
N GLN D 42 8.92 -52.18 4.75
CA GLN D 42 7.47 -52.21 4.93
C GLN D 42 7.13 -51.44 6.20
N ALA D 43 6.07 -50.64 6.11
CA ALA D 43 5.58 -49.87 7.23
C ALA D 43 4.09 -50.10 7.36
N SER D 44 3.63 -50.24 8.60
CA SER D 44 2.20 -50.14 8.85
C SER D 44 1.81 -48.66 8.89
N TYR D 45 0.51 -48.40 8.89
CA TYR D 45 0.01 -47.06 9.09
C TYR D 45 0.04 -46.62 10.55
N SER D 46 0.57 -47.47 11.43
CA SER D 46 0.77 -47.16 12.84
C SER D 46 2.25 -47.00 13.19
N ALA D 47 3.14 -47.07 12.21
CA ALA D 47 4.58 -47.03 12.49
C ALA D 47 4.95 -45.71 13.15
N PHE D 48 6.13 -45.69 13.75
CA PHE D 48 6.62 -44.48 14.39
C PHE D 48 7.03 -43.45 13.35
N GLY D 49 6.70 -42.18 13.61
CA GLY D 49 7.23 -41.09 12.83
C GLY D 49 6.47 -40.75 11.57
N LEU D 50 5.28 -41.29 11.37
CA LEU D 50 4.51 -40.99 10.17
C LEU D 50 3.84 -39.63 10.29
N ASN D 51 3.96 -38.82 9.25
CA ASN D 51 3.19 -37.59 9.12
C ASN D 51 1.96 -37.89 8.28
N VAL D 52 0.78 -37.66 8.86
CA VAL D 52 -0.48 -38.03 8.23
C VAL D 52 -1.18 -36.75 7.78
N PHE D 53 -1.70 -36.76 6.55
CA PHE D 53 -2.48 -35.67 6.01
C PHE D 53 -3.85 -36.21 5.63
N ASN D 54 -4.88 -35.39 5.83
CA ASN D 54 -6.27 -35.80 5.65
C ASN D 54 -6.99 -34.82 4.75
N LEU D 55 -7.80 -35.35 3.82
CA LEU D 55 -8.62 -34.54 2.93
C LEU D 55 -10.03 -35.13 2.93
N GLU D 56 -10.88 -34.59 3.81
CA GLU D 56 -12.28 -35.02 3.91
C GLU D 56 -12.36 -36.51 4.26
N ASN D 57 -11.76 -36.85 5.39
CA ASN D 57 -11.75 -38.17 6.00
C ASN D 57 -10.86 -39.16 5.25
N GLN D 58 -10.10 -38.73 4.24
CA GLN D 58 -9.19 -39.59 3.50
C GLN D 58 -7.76 -39.28 3.90
N ARG D 59 -7.08 -40.27 4.49
CA ARG D 59 -5.76 -40.05 5.07
C ARG D 59 -4.66 -40.35 4.07
N LEU D 60 -3.64 -39.49 4.06
CA LEU D 60 -2.47 -39.57 3.19
C LEU D 60 -1.25 -39.67 4.09
N TYR D 61 -0.72 -40.89 4.23
CA TYR D 61 0.40 -41.14 5.12
C TYR D 61 1.72 -40.86 4.40
N VAL D 62 2.62 -40.18 5.10
CA VAL D 62 3.92 -39.79 4.58
C VAL D 62 4.98 -40.31 5.54
N ALA D 63 5.90 -41.11 5.02
CA ALA D 63 7.03 -41.61 5.77
C ALA D 63 8.29 -41.10 5.08
N ASP D 64 9.01 -40.20 5.76
CA ASP D 64 10.29 -39.68 5.27
C ASP D 64 11.40 -40.52 5.88
N LEU D 65 11.73 -41.63 5.22
CA LEU D 65 12.67 -42.60 5.75
C LEU D 65 13.95 -42.61 4.92
N ARG D 66 15.06 -42.87 5.59
CA ARG D 66 16.34 -43.05 4.92
C ARG D 66 17.09 -44.19 5.58
N LEU D 67 17.53 -45.15 4.78
CA LEU D 67 18.35 -46.26 5.25
C LEU D 67 19.81 -45.84 5.20
N VAL D 68 20.48 -45.85 6.35
CA VAL D 68 21.86 -45.43 6.48
C VAL D 68 22.67 -46.62 6.97
N SER D 69 23.79 -46.90 6.31
CA SER D 69 24.69 -47.94 6.81
C SER D 69 25.59 -47.38 7.91
N GLY D 72 31.07 -48.95 9.05
CA GLY D 72 30.62 -49.07 7.68
C GLY D 72 31.41 -48.19 6.72
N SER D 73 32.48 -48.76 6.15
CA SER D 73 33.31 -48.00 5.23
C SER D 73 32.52 -47.52 4.02
N PRO D 74 31.76 -48.36 3.32
CA PRO D 74 30.78 -47.80 2.37
C PRO D 74 29.58 -47.26 3.13
N ARG D 75 29.47 -45.93 3.26
CA ARG D 75 28.44 -45.32 4.09
C ARG D 75 27.31 -44.81 3.20
N ILE D 76 26.49 -45.75 2.74
CA ILE D 76 25.39 -45.42 1.82
C ILE D 76 24.18 -44.98 2.61
N SER D 77 23.50 -43.94 2.10
CA SER D 77 22.23 -43.47 2.60
C SER D 77 21.24 -43.48 1.44
N ILE D 78 20.12 -44.16 1.62
CA ILE D 78 19.11 -44.31 0.58
C ILE D 78 17.81 -43.70 1.08
N ASP D 79 17.30 -42.70 0.36
CA ASP D 79 15.99 -42.14 0.66
C ASP D 79 14.91 -43.11 0.16
N THR D 80 14.00 -43.50 1.06
CA THR D 80 12.94 -44.46 0.72
C THR D 80 11.61 -43.93 1.23
N PRO D 81 11.16 -42.78 0.73
CA PRO D 81 9.92 -42.21 1.23
C PRO D 81 8.71 -43.02 0.79
N MET D 82 7.68 -42.97 1.62
CA MET D 82 6.41 -43.63 1.34
C MET D 82 5.29 -42.61 1.39
N ILE D 83 4.47 -42.59 0.34
CA ILE D 83 3.29 -41.74 0.28
C ILE D 83 2.12 -42.66 -0.08
N CYS D 84 1.07 -42.65 0.75
CA CYS D 84 -0.02 -43.59 0.53
C CYS D 84 -1.36 -43.00 0.92
N ALA D 85 -2.32 -43.05 -0.01
CA ALA D 85 -3.69 -42.59 0.23
C ALA D 85 -4.50 -43.79 0.71
N ARG D 86 -4.51 -44.00 2.03
CA ARG D 86 -4.96 -45.28 2.56
C ARG D 86 -6.45 -45.49 2.29
N ASP D 87 -7.22 -44.42 2.31
CA ASP D 87 -8.66 -44.51 2.20
C ASP D 87 -9.15 -44.18 0.80
N SER D 88 -8.26 -44.07 -0.17
CA SER D 88 -8.66 -43.73 -1.53
C SER D 88 -8.83 -44.97 -2.36
N PRO D 89 -9.85 -45.07 -3.24
CA PRO D 89 -10.88 -44.11 -3.62
C PRO D 89 -12.21 -44.33 -2.94
N SER D 90 -12.77 -43.29 -2.33
CA SER D 90 -14.16 -43.34 -1.92
C SER D 90 -15.04 -43.34 -3.17
N CYS D 91 -16.05 -44.20 -3.19
CA CYS D 91 -16.88 -44.37 -4.37
C CYS D 91 -18.34 -44.03 -4.08
N ASN D 92 -19.01 -43.55 -5.12
CA ASN D 92 -20.47 -43.54 -5.19
C ASN D 92 -20.87 -44.32 -6.44
N SER D 93 -22.16 -44.22 -6.79
CA SER D 93 -22.68 -45.05 -7.87
C SER D 93 -21.95 -44.79 -9.18
N THR D 94 -21.56 -43.55 -9.44
CA THR D 94 -21.03 -43.16 -10.74
C THR D 94 -19.52 -43.01 -10.77
N HIS D 95 -18.91 -42.58 -9.67
CA HIS D 95 -17.49 -42.26 -9.67
C HIS D 95 -16.77 -42.90 -8.50
N ALA D 96 -15.51 -43.22 -8.74
CA ALA D 96 -14.53 -43.48 -7.69
C ALA D 96 -13.68 -42.23 -7.54
N THR D 97 -13.61 -41.70 -6.33
CA THR D 97 -13.00 -40.40 -6.07
C THR D 97 -11.75 -40.57 -5.22
N VAL D 98 -10.61 -40.12 -5.74
CA VAL D 98 -9.34 -40.11 -5.02
C VAL D 98 -9.08 -38.66 -4.60
N LEU D 99 -8.92 -38.45 -3.29
CA LEU D 99 -8.60 -37.14 -2.74
C LEU D 99 -7.20 -37.19 -2.16
N ILE D 100 -6.32 -36.36 -2.70
CA ILE D 100 -4.93 -36.26 -2.25
C ILE D 100 -4.76 -34.90 -1.58
N PRO D 101 -4.46 -34.83 -0.29
CA PRO D 101 -4.17 -33.54 0.34
C PRO D 101 -2.85 -32.97 -0.14
N PHE D 102 -2.73 -31.65 -0.05
CA PHE D 102 -1.44 -31.01 -0.26
C PHE D 102 -0.51 -31.40 0.89
N PHE D 103 0.68 -31.89 0.55
CA PHE D 103 1.59 -32.37 1.58
C PHE D 103 3.06 -32.03 1.28
N GLY D 104 3.34 -31.22 0.27
CA GLY D 104 4.71 -30.90 -0.09
C GLY D 104 5.24 -31.65 -1.29
N GLY D 105 4.42 -32.47 -1.95
CA GLY D 105 4.81 -33.19 -3.14
C GLY D 105 4.10 -32.61 -4.35
N VAL D 106 4.83 -32.55 -5.48
CA VAL D 106 4.34 -31.94 -6.70
C VAL D 106 3.90 -33.07 -7.63
N LEU D 107 2.62 -33.05 -8.01
CA LEU D 107 2.11 -34.05 -8.94
C LEU D 107 2.64 -33.78 -10.34
N THR D 108 3.37 -34.76 -10.88
CA THR D 108 3.92 -34.70 -12.22
C THR D 108 3.45 -35.82 -13.13
N GLY D 109 2.95 -36.94 -12.58
CA GLY D 109 2.58 -38.08 -13.38
C GLY D 109 1.35 -38.81 -12.90
N ILE D 110 0.42 -39.07 -13.82
CA ILE D 110 -0.79 -39.83 -13.54
C ILE D 110 -0.84 -41.02 -14.50
N ASN D 111 -1.02 -42.21 -13.95
CA ASN D 111 -1.13 -43.43 -14.73
C ASN D 111 -2.32 -44.21 -14.19
N VAL D 112 -3.16 -44.72 -15.08
CA VAL D 112 -4.34 -45.51 -14.71
C VAL D 112 -4.30 -46.79 -15.52
N ASN D 113 -4.14 -47.92 -14.83
CA ASN D 113 -4.08 -49.23 -15.48
C ASN D 113 -3.01 -49.25 -16.57
N SER D 114 -1.81 -48.81 -16.19
CA SER D 114 -0.62 -48.86 -17.04
C SER D 114 -0.73 -47.95 -18.26
N VAL D 115 -1.57 -46.91 -18.20
CA VAL D 115 -1.76 -45.98 -19.30
C VAL D 115 -1.30 -44.61 -18.81
N ASN D 116 -0.12 -44.17 -19.27
CA ASN D 116 0.31 -42.81 -19.01
C ASN D 116 -0.58 -41.83 -19.74
N ILE D 117 -0.83 -40.69 -19.12
CA ILE D 117 -1.80 -39.72 -19.64
C ILE D 117 -1.19 -38.37 -19.94
N GLN D 118 0.00 -38.05 -19.42
CA GLN D 118 0.81 -36.87 -19.72
C GLN D 118 0.27 -35.58 -19.12
N LEU D 119 -0.81 -35.64 -18.33
CA LEU D 119 -1.29 -34.49 -17.56
C LEU D 119 -1.66 -33.31 -18.48
N SER D 120 -2.51 -33.59 -19.46
CA SER D 120 -3.17 -32.55 -20.24
C SER D 120 -4.63 -32.55 -19.83
N SER D 121 -5.09 -31.46 -19.23
CA SER D 121 -6.46 -31.43 -18.70
C SER D 121 -7.47 -31.80 -19.79
N TYR D 122 -7.16 -31.47 -21.04
CA TYR D 122 -8.04 -31.82 -22.14
C TYR D 122 -8.10 -33.33 -22.34
N SER D 123 -6.93 -33.99 -22.38
CA SER D 123 -6.90 -35.44 -22.55
C SER D 123 -7.42 -36.15 -21.31
N LEU D 124 -7.25 -35.55 -20.12
CA LEU D 124 -7.85 -36.10 -18.90
C LEU D 124 -9.37 -36.14 -19.02
N GLN D 125 -9.97 -34.99 -19.35
CA GLN D 125 -11.41 -34.93 -19.53
C GLN D 125 -11.86 -35.93 -20.60
N GLN D 126 -11.07 -36.06 -21.67
CA GLN D 126 -11.40 -37.04 -22.71
C GLN D 126 -11.27 -38.47 -22.20
N HIS D 127 -10.38 -38.71 -21.24
CA HIS D 127 -10.19 -40.03 -20.64
C HIS D 127 -11.15 -40.27 -19.49
N GLY D 128 -12.06 -39.35 -19.22
CA GLY D 128 -13.09 -39.58 -18.24
C GLY D 128 -12.70 -39.23 -16.82
N ILE D 129 -11.66 -38.43 -16.66
CA ILE D 129 -11.15 -38.02 -15.36
C ILE D 129 -11.38 -36.51 -15.23
N THR D 130 -11.81 -36.09 -14.05
CA THR D 130 -11.89 -34.68 -13.70
C THR D 130 -10.91 -34.43 -12.57
N LEU D 131 -10.07 -33.40 -12.73
CA LEU D 131 -9.00 -33.10 -11.78
C LEU D 131 -9.19 -31.68 -11.26
N ASP D 132 -9.49 -31.56 -9.97
CA ASP D 132 -9.71 -30.28 -9.32
C ASP D 132 -8.53 -29.99 -8.40
N SER D 133 -7.85 -28.87 -8.65
CA SER D 133 -6.66 -28.49 -7.92
C SER D 133 -6.90 -27.40 -6.89
N ARG D 134 -8.18 -27.07 -6.63
CA ARG D 134 -8.48 -25.98 -5.72
C ARG D 134 -8.12 -26.32 -4.28
N ASN D 135 -8.52 -27.50 -3.81
CA ASN D 135 -8.34 -27.86 -2.41
C ASN D 135 -7.54 -29.16 -2.30
N GLY D 136 -6.42 -29.24 -3.01
CA GLY D 136 -5.72 -30.49 -3.21
C GLY D 136 -6.05 -31.07 -4.57
N TYR D 137 -5.56 -32.28 -4.79
CA TYR D 137 -5.85 -33.02 -6.02
C TYR D 137 -7.08 -33.89 -5.80
N ARG D 138 -8.13 -33.65 -6.58
CA ARG D 138 -9.39 -34.39 -6.50
C ARG D 138 -9.61 -35.13 -7.82
N LEU D 139 -9.37 -36.44 -7.83
CA LEU D 139 -9.54 -37.24 -9.03
C LEU D 139 -10.93 -37.85 -9.04
N TYR D 140 -11.70 -37.55 -10.08
CA TYR D 140 -13.04 -38.09 -10.28
C TYR D 140 -12.97 -39.06 -11.45
N ILE D 141 -12.90 -40.36 -11.13
CA ILE D 141 -12.67 -41.40 -12.13
C ILE D 141 -14.00 -42.09 -12.44
N LYS D 142 -14.16 -42.51 -13.70
CA LYS D 142 -15.37 -43.19 -14.11
C LYS D 142 -15.26 -44.69 -13.82
N ARG D 143 -16.15 -45.16 -12.94
CA ARG D 143 -16.15 -46.55 -12.52
C ARG D 143 -16.26 -47.50 -13.70
N SER D 144 -16.82 -47.04 -14.81
CA SER D 144 -16.84 -47.86 -16.01
C SER D 144 -15.47 -47.89 -16.68
N THR D 145 -14.76 -46.77 -16.66
CA THR D 145 -13.40 -46.78 -17.17
C THR D 145 -12.53 -47.74 -16.39
N LEU D 146 -12.92 -48.10 -15.17
CA LEU D 146 -12.20 -49.14 -14.44
C LEU D 146 -12.77 -50.53 -14.72
N LYS D 147 -11.86 -51.52 -14.73
CA LYS D 147 -12.24 -52.90 -15.04
C LYS D 147 -13.24 -53.48 -14.03
N GLY D 148 -13.29 -52.94 -12.83
CA GLY D 148 -14.09 -53.54 -11.78
C GLY D 148 -13.55 -54.86 -11.28
N ASP D 149 -12.23 -54.96 -11.12
CA ASP D 149 -11.58 -56.18 -10.64
C ASP D 149 -10.46 -55.80 -9.68
N ARG D 150 -9.80 -56.81 -9.13
CA ARG D 150 -8.65 -56.55 -8.26
C ARG D 150 -7.48 -55.98 -9.03
N ASN D 151 -7.59 -55.90 -10.36
CA ASN D 151 -6.51 -55.45 -11.22
C ASN D 151 -6.58 -53.96 -11.52
N ASP D 152 -7.58 -53.26 -11.00
CA ASP D 152 -7.64 -51.81 -11.12
C ASP D 152 -6.49 -51.18 -10.33
N VAL D 153 -5.81 -50.22 -10.95
CA VAL D 153 -4.64 -49.59 -10.36
C VAL D 153 -4.68 -48.10 -10.65
N LEU D 154 -4.10 -47.32 -9.75
CA LEU D 154 -3.83 -45.91 -9.98
C LEU D 154 -2.42 -45.60 -9.49
N VAL D 155 -1.62 -44.99 -10.34
CA VAL D 155 -0.29 -44.51 -9.97
C VAL D 155 -0.29 -42.99 -10.10
N LEU D 156 0.08 -42.30 -9.02
CA LEU D 156 0.24 -40.86 -9.01
C LEU D 156 1.69 -40.54 -8.69
N THR D 157 2.38 -39.91 -9.63
CA THR D 157 3.81 -39.65 -9.50
C THR D 157 4.04 -38.24 -8.99
N PHE D 158 4.79 -38.11 -7.89
CA PHE D 158 5.05 -36.84 -7.26
C PHE D 158 6.54 -36.56 -7.32
N ILE D 159 6.88 -35.29 -7.42
CA ILE D 159 8.21 -34.83 -7.06
C ILE D 159 8.11 -34.35 -5.61
N TYR D 160 8.86 -34.99 -4.73
CA TYR D 160 8.79 -34.74 -3.30
C TYR D 160 10.20 -34.71 -2.76
N TYR D 161 10.68 -33.52 -2.40
CA TYR D 161 12.02 -33.33 -1.84
C TYR D 161 13.09 -33.96 -2.74
N GLY D 162 13.07 -33.57 -3.99
CA GLY D 162 14.06 -34.04 -4.95
C GLY D 162 14.06 -35.54 -5.16
N LYS D 163 12.89 -36.16 -5.14
CA LYS D 163 12.74 -37.57 -5.39
C LYS D 163 11.52 -37.78 -6.27
N THR D 164 11.53 -38.85 -7.06
CA THR D 164 10.37 -39.26 -7.81
C THR D 164 9.70 -40.40 -7.05
N VAL D 165 8.47 -40.15 -6.57
CA VAL D 165 7.76 -41.06 -5.70
C VAL D 165 6.48 -41.52 -6.40
N PRO D 166 6.49 -42.70 -7.03
CA PRO D 166 5.27 -43.25 -7.61
C PRO D 166 4.43 -43.96 -6.55
N MET D 167 3.21 -43.46 -6.32
CA MET D 167 2.29 -44.05 -5.37
C MET D 167 1.33 -44.96 -6.13
N LEU D 168 1.42 -46.26 -5.86
CA LEU D 168 0.48 -47.23 -6.41
C LEU D 168 -0.61 -47.48 -5.37
N ILE D 169 -1.85 -47.26 -5.75
CA ILE D 169 -3.01 -47.57 -4.93
C ILE D 169 -3.98 -48.33 -5.81
N SER D 170 -4.72 -49.24 -5.20
CA SER D 170 -5.79 -49.91 -5.93
C SER D 170 -7.01 -48.99 -6.00
N LEU D 171 -7.70 -49.02 -7.14
CA LEU D 171 -8.95 -48.28 -7.29
C LEU D 171 -10.13 -49.17 -6.96
N VAL D 172 -10.02 -49.84 -5.80
CA VAL D 172 -11.07 -50.63 -5.19
C VAL D 172 -11.70 -49.78 -4.11
N CYS D 173 -13.02 -49.67 -4.13
CA CYS D 173 -13.70 -48.66 -3.31
C CYS D 173 -13.36 -48.83 -1.83
N SER D 174 -13.33 -47.71 -1.11
CA SER D 174 -12.79 -47.68 0.26
C SER D 174 -13.58 -48.60 1.19
N GLY D 175 -12.89 -49.18 2.18
CA GLY D 175 -13.53 -49.93 3.21
C GLY D 175 -12.84 -49.60 4.54
N SER E 6 9.69 -12.53 0.31
CA SER E 6 9.12 -13.77 -0.21
C SER E 6 9.81 -14.21 -1.51
N VAL E 7 10.80 -13.43 -1.97
CA VAL E 7 11.50 -13.68 -3.22
C VAL E 7 13.00 -13.65 -2.96
N VAL E 8 13.73 -14.55 -3.63
CA VAL E 8 15.18 -14.60 -3.56
C VAL E 8 15.73 -13.66 -4.61
N THR E 9 16.50 -12.66 -4.19
CA THR E 9 17.08 -11.68 -5.10
C THR E 9 18.47 -12.16 -5.50
N CYS E 10 18.70 -12.28 -6.80
CA CYS E 10 19.92 -12.85 -7.35
C CYS E 10 20.64 -11.77 -8.15
N THR E 11 21.79 -11.34 -7.66
CA THR E 11 22.70 -10.49 -8.39
C THR E 11 23.95 -11.32 -8.70
N LYS E 12 24.95 -10.66 -9.28
CA LYS E 12 26.20 -11.35 -9.58
C LYS E 12 27.04 -11.61 -8.34
N ASP E 13 26.73 -10.98 -7.20
CA ASP E 13 27.57 -11.05 -6.02
C ASP E 13 26.89 -11.64 -4.78
N SER E 14 25.56 -11.65 -4.73
CA SER E 14 24.89 -12.03 -3.50
C SER E 14 23.51 -12.60 -3.79
N MET E 15 22.99 -13.33 -2.81
CA MET E 15 21.61 -13.82 -2.81
C MET E 15 20.94 -13.23 -1.57
N THR E 16 19.85 -12.49 -1.79
CA THR E 16 19.22 -11.70 -0.72
C THR E 16 17.74 -12.01 -0.61
N VAL E 17 17.28 -12.29 0.61
CA VAL E 17 15.87 -12.54 0.90
C VAL E 17 15.45 -11.65 2.07
N ARG E 18 14.32 -10.96 1.91
CA ARG E 18 13.76 -10.10 2.96
C ARG E 18 12.45 -10.71 3.45
N ILE E 19 12.32 -10.88 4.76
CA ILE E 19 11.23 -11.63 5.37
C ILE E 19 10.43 -10.67 6.25
N PRO E 20 9.11 -10.55 6.04
CA PRO E 20 8.32 -9.65 6.89
C PRO E 20 8.39 -10.04 8.35
N ARG E 21 8.39 -9.04 9.22
CA ARG E 21 8.54 -9.24 10.65
C ARG E 21 7.23 -9.40 11.39
N THR E 22 6.10 -9.29 10.71
CA THR E 22 4.79 -9.49 11.33
C THR E 22 4.14 -10.72 10.71
N LEU E 23 3.75 -11.66 11.57
CA LEU E 23 3.10 -12.88 11.11
C LEU E 23 1.68 -12.61 10.65
N SER E 24 1.23 -13.38 9.66
CA SER E 24 -0.11 -13.21 9.12
C SER E 24 -1.16 -13.78 10.06
N GLY E 25 -2.30 -13.11 10.14
CA GLY E 25 -3.38 -13.56 10.99
C GLY E 25 -4.01 -14.84 10.48
N PHE E 26 -5.14 -15.17 11.09
CA PHE E 26 -5.92 -16.35 10.70
C PHE E 26 -7.08 -15.97 9.80
N ASP E 27 -7.95 -15.08 10.27
CA ASP E 27 -9.14 -14.70 9.53
C ASP E 27 -9.58 -13.30 9.92
N PHE F 6 18.08 -14.46 19.97
CA PHE F 6 18.06 -13.99 18.58
C PHE F 6 17.61 -15.10 17.66
N TRP F 7 18.03 -15.00 16.40
CA TRP F 7 17.88 -16.06 15.42
C TRP F 7 19.24 -16.69 15.18
N ASP F 8 19.27 -18.02 15.07
CA ASP F 8 20.43 -18.75 14.59
C ASP F 8 20.11 -19.32 13.22
N LEU F 9 21.16 -19.57 12.44
CA LEU F 9 21.02 -20.15 11.10
C LEU F 9 21.31 -21.63 11.19
N GLU F 10 20.30 -22.45 10.88
CA GLU F 10 20.51 -23.88 10.68
C GLU F 10 20.65 -24.14 9.19
N VAL F 11 21.71 -24.84 8.82
CA VAL F 11 22.04 -25.07 7.41
C VAL F 11 21.98 -26.57 7.15
N LYS F 12 21.19 -26.94 6.14
CA LYS F 12 21.18 -28.32 5.63
C LYS F 12 22.21 -28.40 4.51
N PHE F 13 23.26 -29.19 4.72
CA PHE F 13 24.40 -29.22 3.82
C PHE F 13 24.87 -30.65 3.68
N THR F 14 25.05 -31.08 2.42
CA THR F 14 25.50 -32.44 2.09
C THR F 14 24.72 -33.50 2.88
N GLY F 15 23.46 -33.19 3.18
CA GLY F 15 22.59 -34.09 3.92
C GLY F 15 22.58 -33.91 5.42
N GLN F 16 23.45 -33.09 5.98
CA GLN F 16 23.54 -32.89 7.42
C GLN F 16 22.98 -31.53 7.81
N THR F 17 22.50 -31.44 9.05
CA THR F 17 21.95 -30.21 9.59
C THR F 17 22.93 -29.63 10.61
N SER F 18 23.28 -28.37 10.43
CA SER F 18 24.23 -27.67 11.29
C SER F 18 23.64 -26.32 11.68
N LEU F 19 23.87 -25.94 12.93
CA LEU F 19 23.39 -24.66 13.46
C LEU F 19 24.57 -23.69 13.51
N LEU F 20 24.36 -22.49 12.96
CA LEU F 20 25.40 -21.48 12.87
C LEU F 20 24.98 -20.23 13.62
N GLY F 21 25.85 -19.76 14.51
CA GLY F 21 25.64 -18.50 15.18
C GLY F 21 25.82 -17.33 14.23
N MET F 22 25.38 -16.16 14.71
CA MET F 22 25.49 -14.95 13.91
C MET F 22 26.94 -14.64 13.57
N SER F 23 27.85 -14.78 14.55
CA SER F 23 29.25 -14.45 14.31
C SER F 23 29.88 -15.38 13.27
N GLU F 24 29.68 -16.68 13.42
CA GLU F 24 30.19 -17.62 12.44
C GLU F 24 29.64 -17.32 11.05
N ALA F 25 28.32 -17.11 10.94
CA ALA F 25 27.72 -16.89 9.64
C ALA F 25 28.24 -15.60 8.99
N ARG F 26 28.40 -14.55 9.78
CA ARG F 26 28.91 -13.30 9.25
C ARG F 26 30.36 -13.43 8.80
N GLN F 27 31.16 -14.22 9.53
CA GLN F 27 32.51 -14.50 9.05
C GLN F 27 32.47 -15.34 7.79
N ARG F 28 31.51 -16.26 7.67
CA ARG F 28 31.44 -17.23 6.59
C ARG F 28 30.43 -16.86 5.51
N GLY F 29 30.20 -15.57 5.30
CA GLY F 29 29.61 -15.11 4.05
C GLY F 29 28.15 -14.79 4.10
N TYR F 30 27.53 -14.83 5.26
CA TYR F 30 26.14 -14.43 5.42
C TYR F 30 26.07 -13.06 6.08
N GLN F 31 24.97 -12.36 5.84
CA GLN F 31 24.71 -11.08 6.45
C GLN F 31 23.29 -11.08 6.99
N PHE F 32 23.10 -10.48 8.16
CA PHE F 32 21.80 -10.38 8.80
C PHE F 32 21.52 -8.93 9.12
N SER F 33 20.40 -8.42 8.62
CA SER F 33 20.01 -7.04 8.85
C SER F 33 18.54 -7.00 9.18
N SER F 34 18.16 -6.05 10.03
CA SER F 34 16.79 -5.88 10.49
C SER F 34 16.23 -4.59 9.92
N ASP F 35 15.08 -4.68 9.29
CA ASP F 35 14.34 -3.53 8.81
C ASP F 35 13.06 -3.36 9.63
N PRO F 36 12.52 -2.15 9.73
CA PRO F 36 11.22 -1.99 10.43
C PRO F 36 10.11 -2.85 9.86
N TYR F 37 10.31 -3.39 8.66
CA TYR F 37 9.29 -4.19 7.98
C TYR F 37 9.76 -5.58 7.57
N TYR F 38 11.08 -5.81 7.49
CA TYR F 38 11.62 -7.07 7.01
C TYR F 38 12.80 -7.53 7.85
N LEU F 39 12.92 -8.83 8.04
CA LEU F 39 14.18 -9.45 8.40
C LEU F 39 14.88 -9.85 7.10
N THR F 40 16.10 -9.38 6.90
CA THR F 40 16.81 -9.56 5.65
C THR F 40 18.00 -10.51 5.86
N VAL F 41 18.00 -11.62 5.14
CA VAL F 41 19.11 -12.56 5.11
C VAL F 41 19.74 -12.49 3.73
N GLN F 42 21.06 -12.35 3.71
CA GLN F 42 21.82 -12.24 2.47
C GLN F 42 22.98 -13.22 2.50
N ALA F 43 23.23 -13.87 1.37
CA ALA F 43 24.30 -14.85 1.26
C ALA F 43 25.20 -14.51 0.08
N SER F 44 26.51 -14.44 0.33
CA SER F 44 27.47 -14.33 -0.74
C SER F 44 27.66 -15.69 -1.38
N TYR F 45 28.00 -15.68 -2.67
CA TYR F 45 28.19 -16.94 -3.40
C TYR F 45 29.39 -17.72 -2.90
N SER F 46 30.24 -17.13 -2.07
CA SER F 46 31.30 -17.86 -1.39
C SER F 46 30.86 -18.36 -0.01
N ALA F 47 29.62 -18.11 0.38
CA ALA F 47 29.18 -18.44 1.72
C ALA F 47 29.24 -19.94 1.96
N PHE F 48 29.33 -20.30 3.24
CA PHE F 48 29.40 -21.69 3.66
C PHE F 48 28.08 -22.41 3.40
N GLY F 49 28.19 -23.69 3.09
CA GLY F 49 27.01 -24.52 2.94
C GLY F 49 26.24 -24.35 1.65
N LEU F 50 26.81 -23.67 0.67
CA LEU F 50 26.17 -23.54 -0.64
C LEU F 50 26.47 -24.77 -1.48
N ASN F 51 25.48 -25.19 -2.24
CA ASN F 51 25.60 -26.30 -3.19
C ASN F 51 25.47 -25.73 -4.60
N VAL F 52 26.41 -26.09 -5.47
CA VAL F 52 26.56 -25.45 -6.76
C VAL F 52 26.25 -26.48 -7.85
N PHE F 53 25.03 -26.43 -8.36
CA PHE F 53 24.68 -27.21 -9.54
C PHE F 53 25.24 -26.49 -10.77
N ASN F 54 25.17 -27.15 -11.91
CA ASN F 54 25.67 -26.55 -13.15
C ASN F 54 24.93 -27.12 -14.34
N LEU F 55 24.43 -26.21 -15.20
CA LEU F 55 23.85 -26.59 -16.50
C LEU F 55 24.55 -25.78 -17.58
N GLU F 56 25.33 -26.46 -18.42
CA GLU F 56 26.15 -25.81 -19.44
C GLU F 56 27.10 -24.87 -18.69
N ASN F 57 27.19 -23.59 -19.05
CA ASN F 57 28.06 -22.65 -18.38
C ASN F 57 27.32 -21.77 -17.37
N GLN F 58 26.03 -22.01 -17.15
CA GLN F 58 25.23 -21.24 -16.22
C GLN F 58 25.15 -21.98 -14.89
N ARG F 59 25.49 -21.29 -13.81
CA ARG F 59 25.57 -21.87 -12.48
C ARG F 59 24.30 -21.60 -11.70
N LEU F 60 23.81 -22.60 -10.99
CA LEU F 60 22.71 -22.45 -10.04
C LEU F 60 23.25 -22.77 -8.64
N TYR F 61 23.14 -21.80 -7.75
CA TYR F 61 23.54 -21.94 -6.36
C TYR F 61 22.30 -22.13 -5.50
N VAL F 62 22.30 -23.19 -4.69
CA VAL F 62 21.17 -23.51 -3.83
C VAL F 62 21.67 -23.60 -2.39
N ALA F 63 21.04 -22.82 -1.51
CA ALA F 63 21.26 -22.89 -0.06
C ALA F 63 19.95 -23.26 0.60
N ASP F 64 19.96 -24.35 1.36
CA ASP F 64 18.79 -24.80 2.13
C ASP F 64 18.98 -24.28 3.54
N LEU F 65 18.35 -23.14 3.85
CA LEU F 65 18.61 -22.39 5.06
C LEU F 65 17.34 -22.26 5.88
N ARG F 66 17.53 -22.13 7.20
CA ARG F 66 16.42 -21.95 8.13
C ARG F 66 16.88 -21.01 9.25
N LEU F 67 16.00 -20.09 9.63
CA LEU F 67 16.19 -19.21 10.77
C LEU F 67 15.48 -19.80 11.98
N VAL F 68 16.25 -20.14 13.00
CA VAL F 68 15.74 -20.79 14.21
C VAL F 68 15.88 -19.80 15.35
N SER F 69 14.79 -19.54 16.06
CA SER F 69 14.85 -18.64 17.20
C SER F 69 15.61 -19.28 18.35
N GLN F 70 16.44 -18.49 19.01
CA GLN F 70 17.12 -18.96 20.20
C GLN F 70 16.24 -18.88 21.44
N PHE F 71 15.13 -18.14 21.34
CA PHE F 71 14.17 -18.03 22.43
C PHE F 71 13.15 -19.15 22.29
N GLY F 72 13.24 -20.15 23.16
CA GLY F 72 12.48 -21.37 23.01
C GLY F 72 11.03 -21.29 23.41
N SER F 73 10.61 -20.23 24.13
CA SER F 73 9.23 -20.16 24.59
C SER F 73 8.27 -20.04 23.41
N PRO F 74 8.36 -19.00 22.57
CA PRO F 74 7.76 -19.12 21.21
C PRO F 74 8.80 -19.65 20.22
N ARG F 75 9.02 -20.96 20.22
CA ARG F 75 10.01 -21.56 19.33
C ARG F 75 9.55 -21.41 17.88
N ILE F 76 10.25 -20.57 17.12
CA ILE F 76 9.88 -20.25 15.74
C ILE F 76 10.98 -20.72 14.79
N SER F 77 10.56 -21.34 13.68
CA SER F 77 11.46 -21.81 12.64
C SER F 77 10.98 -21.28 11.28
N ILE F 78 11.88 -20.60 10.56
CA ILE F 78 11.56 -19.92 9.30
C ILE F 78 12.48 -20.44 8.21
N ASP F 79 11.95 -21.26 7.31
CA ASP F 79 12.74 -21.68 6.16
C ASP F 79 13.01 -20.50 5.23
N THR F 80 14.27 -20.27 4.89
CA THR F 80 14.67 -19.20 3.98
C THR F 80 15.57 -19.75 2.88
N PRO F 81 15.04 -20.63 2.02
CA PRO F 81 15.87 -21.22 0.96
C PRO F 81 16.22 -20.22 -0.13
N MET F 82 17.42 -20.38 -0.70
CA MET F 82 17.90 -19.50 -1.75
C MET F 82 18.26 -20.32 -2.99
N ILE F 83 17.69 -19.95 -4.13
CA ILE F 83 17.95 -20.59 -5.42
C ILE F 83 18.30 -19.48 -6.41
N CYS F 84 19.52 -19.49 -6.94
CA CYS F 84 19.94 -18.42 -7.84
C CYS F 84 20.73 -18.98 -9.02
N ALA F 85 20.30 -18.66 -10.24
CA ALA F 85 21.11 -18.90 -11.43
C ALA F 85 21.99 -17.67 -11.61
N ARG F 86 23.21 -17.75 -11.07
CA ARG F 86 24.09 -16.59 -11.00
C ARG F 86 24.45 -16.06 -12.39
N ASP F 87 24.77 -16.96 -13.30
CA ASP F 87 25.29 -16.61 -14.61
C ASP F 87 24.20 -16.43 -15.65
N SER F 88 22.95 -16.61 -15.28
CA SER F 88 21.86 -16.40 -16.22
C SER F 88 21.57 -14.92 -16.39
N PRO F 89 21.15 -14.50 -17.59
CA PRO F 89 21.07 -15.32 -18.80
C PRO F 89 22.34 -15.28 -19.64
N SER F 90 22.43 -16.22 -20.57
CA SER F 90 23.36 -16.16 -21.69
C SER F 90 22.56 -15.77 -22.92
N CYS F 91 23.05 -14.79 -23.67
CA CYS F 91 22.30 -14.24 -24.79
C CYS F 91 22.99 -14.60 -26.09
N ASN F 92 22.22 -14.58 -27.17
CA ASN F 92 22.78 -14.56 -28.51
C ASN F 92 22.03 -13.52 -29.33
N SER F 93 22.23 -13.53 -30.65
CA SER F 93 21.78 -12.43 -31.48
C SER F 93 20.31 -12.10 -31.27
N THR F 94 19.48 -13.11 -31.00
CA THR F 94 18.05 -12.91 -30.87
C THR F 94 17.43 -13.46 -29.60
N HIS F 95 18.08 -14.38 -28.90
CA HIS F 95 17.52 -15.02 -27.73
C HIS F 95 18.42 -14.86 -26.52
N ALA F 96 17.79 -14.63 -25.37
CA ALA F 96 18.45 -14.75 -24.07
C ALA F 96 18.08 -16.10 -23.48
N THR F 97 19.10 -16.86 -23.07
CA THR F 97 18.91 -18.24 -22.63
C THR F 97 19.18 -18.32 -21.13
N VAL F 98 18.21 -18.86 -20.40
CA VAL F 98 18.35 -19.16 -18.98
C VAL F 98 18.37 -20.67 -18.84
N LEU F 99 19.41 -21.19 -18.18
CA LEU F 99 19.60 -22.63 -18.05
C LEU F 99 19.58 -23.00 -16.59
N ILE F 100 18.56 -23.74 -16.18
CA ILE F 100 18.38 -24.23 -14.82
C ILE F 100 18.61 -25.74 -14.84
N PRO F 101 19.66 -26.25 -14.18
CA PRO F 101 19.80 -27.71 -14.05
C PRO F 101 18.73 -28.28 -13.12
N PHE F 102 18.44 -29.56 -13.31
CA PHE F 102 17.56 -30.28 -12.39
C PHE F 102 18.25 -30.37 -11.03
N PHE F 103 17.73 -29.65 -10.04
CA PHE F 103 18.40 -29.48 -8.76
C PHE F 103 17.49 -29.79 -7.57
N GLY F 104 16.31 -30.36 -7.81
CA GLY F 104 15.32 -30.56 -6.78
C GLY F 104 14.17 -29.58 -6.81
N GLY F 105 14.18 -28.63 -7.73
CA GLY F 105 13.11 -27.65 -7.86
C GLY F 105 12.30 -27.93 -9.11
N VAL F 106 10.99 -27.83 -8.98
CA VAL F 106 10.05 -28.03 -10.08
C VAL F 106 9.56 -26.66 -10.51
N LEU F 107 9.86 -26.28 -11.74
CA LEU F 107 9.40 -25.00 -12.26
C LEU F 107 7.88 -24.97 -12.32
N THR F 108 7.26 -24.11 -11.52
CA THR F 108 5.80 -24.04 -11.46
C THR F 108 5.21 -22.74 -11.98
N GLY F 109 6.01 -21.68 -12.05
CA GLY F 109 5.53 -20.42 -12.59
C GLY F 109 6.66 -19.64 -13.22
N ILE F 110 6.32 -18.87 -14.25
CA ILE F 110 7.25 -17.96 -14.91
C ILE F 110 6.66 -16.56 -14.86
N ASN F 111 7.47 -15.59 -14.46
CA ASN F 111 7.05 -14.19 -14.43
C ASN F 111 8.08 -13.35 -15.15
N VAL F 112 7.63 -12.60 -16.13
CA VAL F 112 8.47 -11.65 -16.86
C VAL F 112 7.88 -10.27 -16.66
N ASN F 113 8.64 -9.39 -16.02
CA ASN F 113 8.21 -8.01 -15.81
C ASN F 113 6.78 -7.97 -15.25
N SER F 114 6.60 -8.66 -14.12
CA SER F 114 5.36 -8.66 -13.35
C SER F 114 4.20 -9.30 -14.09
N VAL F 115 4.46 -10.10 -15.12
CA VAL F 115 3.43 -10.81 -15.85
C VAL F 115 3.64 -12.29 -15.63
N ASN F 116 2.65 -12.96 -15.02
CA ASN F 116 2.69 -14.40 -14.88
C ASN F 116 2.23 -15.06 -16.17
N ILE F 117 3.04 -15.98 -16.68
CA ILE F 117 2.82 -16.62 -17.97
C ILE F 117 2.37 -18.05 -17.73
N GLN F 118 1.20 -18.40 -18.25
CA GLN F 118 0.72 -19.77 -18.16
C GLN F 118 1.69 -20.71 -18.84
N LEU F 119 1.90 -21.88 -18.23
CA LEU F 119 2.85 -22.85 -18.78
C LEU F 119 2.32 -23.58 -20.01
N SER F 120 1.19 -23.15 -20.57
CA SER F 120 0.75 -23.68 -21.85
C SER F 120 1.84 -23.46 -22.89
N SER F 121 2.07 -24.47 -23.73
CA SER F 121 3.08 -24.32 -24.78
C SER F 121 2.74 -23.14 -25.68
N TYR F 122 1.45 -22.97 -26.01
CA TYR F 122 1.03 -21.86 -26.85
C TYR F 122 1.24 -20.51 -26.17
N SER F 123 0.89 -20.42 -24.88
CA SER F 123 1.09 -19.16 -24.16
C SER F 123 2.57 -18.81 -24.08
N LEU F 124 3.41 -19.80 -23.78
CA LEU F 124 4.86 -19.56 -23.71
C LEU F 124 5.41 -19.12 -25.06
N GLN F 125 5.03 -19.81 -26.14
CA GLN F 125 5.50 -19.43 -27.46
C GLN F 125 5.04 -18.03 -27.82
N GLN F 126 3.77 -17.70 -27.52
CA GLN F 126 3.27 -16.35 -27.76
C GLN F 126 4.11 -15.32 -27.02
N HIS F 127 4.49 -15.63 -25.78
CA HIS F 127 5.38 -14.77 -25.02
C HIS F 127 6.84 -14.96 -25.43
N GLY F 128 7.10 -15.73 -26.47
CA GLY F 128 8.45 -15.88 -26.98
C GLY F 128 9.34 -16.79 -26.17
N ILE F 129 8.76 -17.70 -25.39
CA ILE F 129 9.51 -18.56 -24.48
C ILE F 129 9.33 -20.01 -24.91
N THR F 130 10.44 -20.73 -25.00
CA THR F 130 10.46 -22.16 -25.29
C THR F 130 11.14 -22.86 -24.14
N LEU F 131 10.54 -23.96 -23.67
CA LEU F 131 11.01 -24.68 -22.48
C LEU F 131 11.38 -26.11 -22.85
N ASP F 132 12.63 -26.47 -22.62
CA ASP F 132 13.14 -27.82 -22.81
C ASP F 132 13.31 -28.46 -21.44
N SER F 133 12.82 -29.69 -21.30
CA SER F 133 12.85 -30.39 -20.02
C SER F 133 13.70 -31.66 -20.05
N ARG F 134 14.48 -31.89 -21.10
CA ARG F 134 15.21 -33.14 -21.20
C ARG F 134 16.27 -33.26 -20.11
N ASN F 135 17.13 -32.25 -19.97
CA ASN F 135 18.21 -32.23 -18.99
C ASN F 135 18.16 -30.86 -18.32
N GLY F 136 17.42 -30.76 -17.22
CA GLY F 136 17.17 -29.48 -16.59
C GLY F 136 16.17 -28.69 -17.42
N TYR F 137 15.81 -27.53 -16.87
CA TYR F 137 14.89 -26.62 -17.54
C TYR F 137 15.71 -25.64 -18.37
N ARG F 138 15.47 -25.60 -19.69
CA ARG F 138 16.22 -24.73 -20.59
C ARG F 138 15.26 -23.72 -21.19
N LEU F 139 15.35 -22.48 -20.74
CA LEU F 139 14.51 -21.39 -21.21
C LEU F 139 15.27 -20.56 -22.22
N TYR F 140 14.65 -20.36 -23.39
CA TYR F 140 15.18 -19.50 -24.44
C TYR F 140 14.16 -18.37 -24.61
N ILE F 141 14.55 -17.17 -24.20
CA ILE F 141 13.63 -16.05 -24.06
C ILE F 141 13.87 -15.06 -25.20
N LYS F 142 12.82 -14.72 -25.94
CA LYS F 142 12.93 -13.77 -27.03
C LYS F 142 13.32 -12.40 -26.51
N ARG F 143 14.39 -11.82 -27.08
CA ARG F 143 14.86 -10.51 -26.65
C ARG F 143 13.92 -9.39 -27.07
N SER F 144 13.25 -9.53 -28.21
CA SER F 144 12.36 -8.48 -28.69
C SER F 144 11.29 -8.14 -27.66
N THR F 145 10.69 -9.16 -27.04
CA THR F 145 9.60 -8.93 -26.10
C THR F 145 10.07 -8.18 -24.85
N LEU F 146 11.38 -8.09 -24.62
CA LEU F 146 11.89 -7.36 -23.48
C LEU F 146 11.63 -5.86 -23.65
N LYS F 147 11.94 -5.11 -22.60
CA LYS F 147 11.68 -3.66 -22.55
C LYS F 147 12.95 -2.91 -22.22
N GLY F 148 14.02 -3.22 -22.95
CA GLY F 148 15.26 -2.52 -22.82
C GLY F 148 16.26 -3.30 -21.97
N ASP F 149 17.22 -2.55 -21.44
CA ASP F 149 18.29 -3.12 -20.63
C ASP F 149 18.20 -2.57 -19.22
N ARG F 150 18.48 -3.44 -18.25
CA ARG F 150 18.31 -3.14 -16.82
C ARG F 150 16.85 -2.83 -16.47
N ASN F 151 15.92 -3.27 -17.33
CA ASN F 151 14.50 -3.02 -17.12
C ASN F 151 13.66 -4.30 -17.12
N ASP F 152 14.30 -5.47 -17.15
CA ASP F 152 13.60 -6.73 -17.32
C ASP F 152 13.99 -7.67 -16.18
N VAL F 153 12.97 -8.30 -15.58
CA VAL F 153 13.16 -9.19 -14.44
C VAL F 153 12.43 -10.50 -14.72
N LEU F 154 13.06 -11.61 -14.35
CA LEU F 154 12.50 -12.94 -14.48
C LEU F 154 12.37 -13.56 -13.10
N VAL F 155 11.18 -14.04 -12.77
CA VAL F 155 10.96 -14.81 -11.55
C VAL F 155 10.58 -16.22 -11.96
N LEU F 156 11.45 -17.17 -11.69
CA LEU F 156 11.18 -18.59 -11.89
C LEU F 156 10.84 -19.18 -10.53
N THR F 157 9.61 -19.64 -10.37
CA THR F 157 9.15 -20.22 -9.11
C THR F 157 9.32 -21.73 -9.15
N PHE F 158 10.03 -22.25 -8.16
CA PHE F 158 10.23 -23.68 -8.00
C PHE F 158 9.52 -24.16 -6.74
N ILE F 159 9.21 -25.44 -6.72
CA ILE F 159 8.84 -26.13 -5.49
C ILE F 159 10.08 -26.91 -5.06
N TYR F 160 10.75 -26.43 -4.03
CA TYR F 160 12.04 -26.97 -3.62
C TYR F 160 11.90 -27.55 -2.22
N TYR F 161 11.86 -28.87 -2.14
CA TYR F 161 11.81 -29.56 -0.85
C TYR F 161 10.73 -28.98 0.04
N GLY F 162 9.52 -28.86 -0.51
CA GLY F 162 8.37 -28.42 0.25
C GLY F 162 8.24 -26.92 0.43
N LYS F 163 9.09 -26.14 -0.21
CA LYS F 163 9.06 -24.68 -0.10
C LYS F 163 8.94 -24.08 -1.48
N THR F 164 8.03 -23.12 -1.63
CA THR F 164 7.84 -22.41 -2.90
C THR F 164 8.79 -21.22 -2.97
N VAL F 165 9.80 -21.32 -3.82
CA VAL F 165 10.94 -20.42 -3.83
C VAL F 165 10.88 -19.64 -5.15
N PRO F 166 10.54 -18.35 -5.13
CA PRO F 166 10.66 -17.52 -6.35
C PRO F 166 12.07 -16.96 -6.50
N MET F 167 12.65 -17.16 -7.68
CA MET F 167 14.01 -16.70 -7.96
C MET F 167 13.96 -15.49 -8.90
N LEU F 168 14.33 -14.32 -8.38
CA LEU F 168 14.30 -13.08 -9.14
C LEU F 168 15.69 -12.83 -9.74
N ILE F 169 15.75 -12.73 -11.06
CA ILE F 169 16.99 -12.42 -11.77
C ILE F 169 16.70 -11.35 -12.81
N SER F 170 17.68 -10.47 -13.03
CA SER F 170 17.62 -9.52 -14.13
C SER F 170 18.03 -10.22 -15.41
N LEU F 171 17.25 -10.03 -16.48
CA LEU F 171 17.54 -10.66 -17.77
C LEU F 171 18.47 -9.78 -18.62
N VAL F 172 19.62 -9.44 -18.03
CA VAL F 172 20.62 -8.63 -18.70
C VAL F 172 21.67 -9.55 -19.32
N CYS F 173 22.21 -9.15 -20.47
CA CYS F 173 23.16 -9.98 -21.20
C CYS F 173 24.58 -9.67 -20.72
N SER F 174 25.23 -10.68 -20.14
CA SER F 174 26.56 -10.50 -19.57
C SER F 174 27.44 -11.73 -19.77
N GLY G 4 -0.50 -13.32 28.98
CA GLY G 4 -0.96 -13.64 27.65
C GLY G 4 0.08 -13.38 26.58
N SER G 5 1.30 -13.88 26.84
CA SER G 5 2.46 -13.64 25.96
C SER G 5 3.30 -14.91 25.93
N SER G 6 3.03 -15.77 24.95
CA SER G 6 3.66 -17.09 24.82
C SER G 6 3.39 -17.99 26.04
N VAL G 7 2.37 -17.67 26.84
CA VAL G 7 2.03 -18.43 28.02
C VAL G 7 0.70 -19.14 27.78
N VAL G 8 0.60 -20.36 28.31
CA VAL G 8 -0.62 -21.16 28.18
C VAL G 8 -1.59 -20.73 29.28
N THR G 9 -2.75 -20.22 28.89
CA THR G 9 -3.78 -19.76 29.81
C THR G 9 -4.82 -20.85 29.97
N CYS G 10 -4.86 -21.47 31.14
CA CYS G 10 -5.69 -22.65 31.39
C CYS G 10 -7.01 -22.24 32.02
N THR G 11 -8.11 -22.71 31.44
CA THR G 11 -9.44 -22.46 31.96
C THR G 11 -10.14 -23.79 32.23
N LYS G 12 -11.35 -23.69 32.80
CA LYS G 12 -12.12 -24.89 33.10
C LYS G 12 -12.54 -25.62 31.83
N ASP G 13 -12.64 -24.93 30.70
CA ASP G 13 -13.15 -25.48 29.47
C ASP G 13 -12.16 -25.49 28.31
N SER G 14 -11.15 -24.63 28.34
CA SER G 14 -10.27 -24.47 27.18
C SER G 14 -8.86 -24.12 27.64
N MET G 15 -7.92 -24.30 26.71
CA MET G 15 -6.52 -23.91 26.88
C MET G 15 -6.22 -22.89 25.80
N THR G 16 -5.56 -21.80 26.17
CA THR G 16 -5.30 -20.71 25.23
C THR G 16 -3.84 -20.31 25.29
N VAL G 17 -3.26 -20.07 24.12
CA VAL G 17 -1.90 -19.56 24.00
C VAL G 17 -1.94 -18.34 23.08
N ARG G 18 -1.14 -17.34 23.41
CA ARG G 18 -1.02 -16.13 22.59
C ARG G 18 0.41 -16.03 22.10
N ILE G 19 0.58 -16.00 20.77
CA ILE G 19 1.88 -15.96 20.12
C ILE G 19 2.07 -14.55 19.58
N PRO G 20 3.04 -13.78 20.08
CA PRO G 20 3.26 -12.42 19.55
C PRO G 20 3.55 -12.42 18.06
N ARG G 21 2.96 -11.46 17.36
CA ARG G 21 3.05 -11.45 15.91
C ARG G 21 4.36 -10.85 15.40
N THR G 22 4.97 -9.95 16.17
CA THR G 22 6.13 -9.23 15.71
C THR G 22 7.39 -10.05 15.99
N LEU G 23 8.11 -10.40 14.92
CA LEU G 23 9.34 -11.16 15.04
C LEU G 23 10.47 -10.27 15.54
N SER G 24 11.42 -10.88 16.24
CA SER G 24 12.55 -10.16 16.79
C SER G 24 13.68 -10.06 15.75
N GLY G 25 14.77 -9.40 16.15
CA GLY G 25 15.91 -9.19 15.28
C GLY G 25 17.07 -10.09 15.63
N PHE G 26 18.22 -9.82 14.99
CA PHE G 26 19.46 -10.57 15.22
C PHE G 26 20.65 -9.61 15.27
N ASP G 27 21.00 -9.18 16.48
CA ASP G 27 22.26 -8.51 16.78
C ASP G 27 22.40 -7.09 16.24
N ASP G 28 21.46 -6.63 15.43
CA ASP G 28 21.51 -5.28 14.89
C ASP G 28 20.44 -4.37 15.48
N GLU G 29 19.63 -4.88 16.42
CA GLU G 29 18.68 -4.08 17.18
C GLU G 29 19.01 -4.08 18.66
N ILE G 30 19.10 -5.25 19.29
CA ILE G 30 19.51 -5.38 20.68
C ILE G 30 20.50 -6.55 20.77
N PRO G 31 21.80 -6.34 20.50
CA PRO G 31 22.76 -7.46 20.49
C PRO G 31 22.98 -8.10 21.86
N SER H 5 -6.48 -21.16 3.85
CA SER H 5 -5.84 -21.54 5.11
C SER H 5 -4.40 -21.03 5.16
N PHE H 6 -4.17 -19.96 5.93
CA PHE H 6 -2.81 -19.45 6.11
C PHE H 6 -1.94 -20.49 6.80
N TRP H 7 -2.42 -21.06 7.91
CA TRP H 7 -1.62 -21.92 8.77
C TRP H 7 -2.26 -23.30 8.90
N ASP H 8 -1.41 -24.30 9.09
CA ASP H 8 -1.83 -25.67 9.41
C ASP H 8 -1.41 -26.01 10.83
N LEU H 9 -2.27 -26.75 11.53
CA LEU H 9 -1.98 -27.18 12.89
C LEU H 9 -1.41 -28.59 12.86
N GLU H 10 -0.17 -28.73 13.31
CA GLU H 10 0.51 -30.02 13.39
C GLU H 10 0.36 -30.56 14.80
N VAL H 11 -0.26 -31.73 14.92
CA VAL H 11 -0.54 -32.37 16.20
C VAL H 11 0.29 -33.64 16.27
N LYS H 12 1.09 -33.77 17.32
CA LYS H 12 1.82 -35.01 17.58
C LYS H 12 0.98 -35.85 18.52
N PHE H 13 0.59 -37.04 18.05
CA PHE H 13 -0.28 -37.93 18.81
C PHE H 13 0.08 -39.36 18.48
N THR H 14 0.21 -40.19 19.52
CA THR H 14 0.56 -41.61 19.37
C THR H 14 1.79 -41.78 18.49
N GLY H 15 2.83 -40.99 18.79
CA GLY H 15 4.10 -41.13 18.10
C GLY H 15 4.05 -40.80 16.63
N GLN H 16 2.98 -40.17 16.18
CA GLN H 16 2.82 -39.75 14.80
C GLN H 16 2.39 -38.29 14.79
N THR H 17 2.48 -37.69 13.60
CA THR H 17 2.10 -36.31 13.40
C THR H 17 0.99 -36.26 12.36
N SER H 18 -0.07 -35.53 12.66
CA SER H 18 -1.14 -35.26 11.70
C SER H 18 -1.14 -33.77 11.40
N LEU H 19 -1.08 -33.42 10.13
CA LEU H 19 -1.16 -32.02 9.69
C LEU H 19 -2.61 -31.71 9.36
N LEU H 20 -3.16 -30.69 10.00
CA LEU H 20 -4.57 -30.35 9.88
C LEU H 20 -4.70 -28.96 9.27
N GLY H 21 -5.57 -28.84 8.27
CA GLY H 21 -5.92 -27.54 7.77
C GLY H 21 -6.66 -26.75 8.82
N MET H 22 -6.79 -25.45 8.58
CA MET H 22 -7.47 -24.60 9.56
C MET H 22 -8.88 -25.11 9.82
N SER H 23 -9.64 -25.36 8.75
CA SER H 23 -11.03 -25.79 8.91
C SER H 23 -11.13 -27.15 9.57
N GLU H 24 -10.26 -28.09 9.20
CA GLU H 24 -10.27 -29.41 9.84
C GLU H 24 -9.95 -29.31 11.32
N ALA H 25 -8.97 -28.47 11.69
CA ALA H 25 -8.63 -28.30 13.10
C ALA H 25 -9.80 -27.72 13.88
N ARG H 26 -10.46 -26.71 13.30
CA ARG H 26 -11.66 -26.18 13.94
C ARG H 26 -12.73 -27.26 14.08
N GLN H 27 -12.90 -28.10 13.05
CA GLN H 27 -13.82 -29.22 13.16
C GLN H 27 -13.46 -30.12 14.32
N ARG H 28 -12.17 -30.35 14.54
CA ARG H 28 -11.68 -31.30 15.52
C ARG H 28 -11.36 -30.66 16.85
N GLY H 29 -11.86 -29.45 17.09
CA GLY H 29 -11.97 -28.93 18.44
C GLY H 29 -11.03 -27.80 18.80
N TYR H 30 -10.29 -27.28 17.84
CA TYR H 30 -9.41 -26.15 18.07
C TYR H 30 -10.07 -24.86 17.62
N GLN H 31 -9.58 -23.75 18.17
CA GLN H 31 -10.04 -22.42 17.79
C GLN H 31 -8.82 -21.57 17.46
N PHE H 32 -9.02 -20.59 16.59
CA PHE H 32 -7.93 -19.73 16.12
C PHE H 32 -8.43 -18.29 16.04
N SER H 33 -7.74 -17.38 16.73
CA SER H 33 -8.09 -15.97 16.75
C SER H 33 -6.85 -15.13 16.51
N SER H 34 -7.05 -13.96 15.88
CA SER H 34 -5.95 -13.12 15.44
C SER H 34 -6.13 -11.71 15.98
N ASP H 35 -5.13 -11.21 16.68
CA ASP H 35 -5.07 -9.87 17.20
C ASP H 35 -3.97 -9.10 16.48
N PRO H 36 -3.98 -7.77 16.54
CA PRO H 36 -2.85 -7.02 15.96
C PRO H 36 -1.51 -7.37 16.57
N TYR H 37 -1.47 -7.83 17.83
CA TYR H 37 -0.21 -8.10 18.51
C TYR H 37 0.04 -9.57 18.80
N TYR H 38 -0.97 -10.41 18.73
CA TYR H 38 -0.83 -11.81 19.08
C TYR H 38 -1.57 -12.68 18.08
N LEU H 39 -1.01 -13.85 17.81
CA LEU H 39 -1.77 -14.96 17.25
C LEU H 39 -2.32 -15.78 18.42
N THR H 40 -3.57 -16.18 18.30
CA THR H 40 -4.26 -16.91 19.36
C THR H 40 -4.57 -18.32 18.87
N VAL H 41 -4.08 -19.31 19.61
CA VAL H 41 -4.42 -20.71 19.38
C VAL H 41 -5.07 -21.23 20.66
N GLN H 42 -6.29 -21.72 20.53
CA GLN H 42 -7.06 -22.26 21.65
C GLN H 42 -7.42 -23.70 21.32
N ALA H 43 -7.42 -24.55 22.34
CA ALA H 43 -7.81 -25.94 22.21
C ALA H 43 -8.79 -26.28 23.32
N SER H 44 -10.00 -26.72 22.94
CA SER H 44 -10.91 -27.27 23.92
C SER H 44 -10.40 -28.62 24.44
N TYR H 45 -10.83 -28.98 25.65
CA TYR H 45 -10.29 -30.18 26.26
C TYR H 45 -10.71 -31.44 25.54
N SER H 46 -11.67 -31.34 24.63
CA SER H 46 -12.08 -32.46 23.78
C SER H 46 -11.38 -32.46 22.43
N ALA H 47 -10.44 -31.55 22.19
CA ALA H 47 -9.80 -31.43 20.90
C ALA H 47 -9.01 -32.69 20.56
N PHE H 48 -8.79 -32.87 19.26
CA PHE H 48 -8.06 -34.03 18.76
C PHE H 48 -6.59 -33.99 19.18
N GLY H 49 -6.05 -35.16 19.49
CA GLY H 49 -4.63 -35.30 19.74
C GLY H 49 -4.13 -34.82 21.08
N LEU H 50 -5.02 -34.52 22.03
CA LEU H 50 -4.60 -34.14 23.36
C LEU H 50 -4.16 -35.36 24.16
N ASN H 51 -3.10 -35.20 24.93
CA ASN H 51 -2.61 -36.23 25.85
C ASN H 51 -3.08 -35.90 27.26
N VAL H 52 -3.70 -36.87 27.92
CA VAL H 52 -4.27 -36.67 29.25
C VAL H 52 -3.58 -37.59 30.25
N PHE H 53 -3.07 -37.01 31.33
CA PHE H 53 -2.46 -37.73 32.43
C PHE H 53 -3.27 -37.50 33.69
N ASN H 54 -3.19 -38.46 34.62
CA ASN H 54 -3.92 -38.37 35.89
C ASN H 54 -3.00 -38.77 37.02
N LEU H 55 -3.03 -38.00 38.11
CA LEU H 55 -2.29 -38.38 39.32
C LEU H 55 -3.23 -38.62 40.50
N GLU H 56 -4.02 -37.64 40.90
CA GLU H 56 -5.01 -37.82 41.97
C GLU H 56 -6.15 -36.85 41.66
N ASN H 57 -7.17 -37.32 40.95
CA ASN H 57 -8.35 -36.55 40.58
C ASN H 57 -8.00 -35.22 39.92
N GLN H 58 -6.76 -35.07 39.48
CA GLN H 58 -6.29 -33.87 38.79
C GLN H 58 -5.63 -34.28 37.48
N ARG H 59 -6.09 -33.68 36.38
CA ARG H 59 -5.70 -34.09 35.03
C ARG H 59 -4.81 -33.04 34.40
N LEU H 60 -3.72 -33.52 33.78
CA LEU H 60 -2.82 -32.71 32.98
C LEU H 60 -3.09 -33.00 31.50
N TYR H 61 -3.47 -31.98 30.76
CA TYR H 61 -3.68 -32.08 29.32
C TYR H 61 -2.45 -31.53 28.60
N VAL H 62 -1.86 -32.35 27.74
CA VAL H 62 -0.68 -31.98 26.98
C VAL H 62 -1.00 -32.05 25.50
N ALA H 63 -0.78 -30.96 24.79
CA ALA H 63 -0.91 -30.90 23.34
C ALA H 63 0.45 -30.53 22.76
N ASP H 64 0.99 -31.39 21.90
CA ASP H 64 2.23 -31.12 21.17
C ASP H 64 1.82 -30.55 19.82
N LEU H 65 1.60 -29.24 19.79
CA LEU H 65 1.07 -28.56 18.62
C LEU H 65 2.16 -27.73 17.95
N ARG H 66 2.04 -27.60 16.63
CA ARG H 66 2.93 -26.73 15.87
C ARG H 66 2.13 -26.15 14.71
N LEU H 67 2.06 -24.82 14.64
CA LEU H 67 1.48 -24.16 13.47
C LEU H 67 2.51 -24.19 12.34
N VAL H 68 2.08 -24.65 11.18
CA VAL H 68 2.95 -24.77 10.02
C VAL H 68 2.29 -24.04 8.85
N SER H 69 2.97 -23.03 8.32
CA SER H 69 2.37 -22.24 7.26
C SER H 69 2.23 -23.04 5.97
N GLN H 70 1.20 -22.71 5.20
CA GLN H 70 1.09 -23.13 3.81
C GLN H 70 1.70 -22.12 2.84
N PHE H 71 2.51 -21.20 3.34
CA PHE H 71 3.02 -20.09 2.54
C PHE H 71 4.06 -20.61 1.56
N GLY H 72 4.72 -19.68 0.86
CA GLY H 72 5.70 -20.05 -0.15
C GLY H 72 7.12 -20.06 0.37
N SER H 73 7.92 -19.07 -0.01
CA SER H 73 9.31 -19.03 0.44
C SER H 73 9.43 -19.10 1.95
N PRO H 74 8.75 -18.24 2.74
CA PRO H 74 8.84 -18.36 4.20
C PRO H 74 7.91 -19.44 4.74
N ARG H 75 8.40 -20.68 4.80
CA ARG H 75 7.67 -21.75 5.48
C ARG H 75 8.01 -21.69 6.97
N ILE H 76 7.23 -20.92 7.71
CA ILE H 76 7.45 -20.74 9.14
C ILE H 76 6.71 -21.82 9.91
N SER H 77 7.41 -22.41 10.88
CA SER H 77 6.84 -23.39 11.79
C SER H 77 7.05 -22.92 13.22
N ILE H 78 5.97 -22.81 13.97
CA ILE H 78 5.97 -22.31 15.34
C ILE H 78 5.47 -23.42 16.25
N ASP H 79 6.29 -23.84 17.21
CA ASP H 79 5.85 -24.80 18.22
C ASP H 79 4.99 -24.06 19.25
N THR H 80 3.75 -24.50 19.41
CA THR H 80 2.82 -23.90 20.36
C THR H 80 2.25 -25.00 21.27
N PRO H 81 3.11 -25.67 22.02
CA PRO H 81 2.62 -26.72 22.92
C PRO H 81 1.78 -26.12 24.04
N MET H 82 0.80 -26.87 24.49
CA MET H 82 -0.06 -26.44 25.58
C MET H 82 -0.04 -27.49 26.69
N ILE H 83 0.13 -27.04 27.92
CA ILE H 83 0.12 -27.88 29.10
C ILE H 83 -0.81 -27.24 30.10
N CYS H 84 -1.84 -27.98 30.55
CA CYS H 84 -2.79 -27.41 31.50
C CYS H 84 -3.26 -28.43 32.52
N ALA H 85 -3.09 -28.08 33.80
CA ALA H 85 -3.68 -28.83 34.92
C ALA H 85 -5.09 -28.31 35.09
N ARG H 86 -6.05 -28.99 34.46
CA ARG H 86 -7.40 -28.42 34.41
C ARG H 86 -8.03 -28.35 35.79
N ASP H 87 -7.78 -29.34 36.64
CA ASP H 87 -8.45 -29.51 37.91
C ASP H 87 -7.76 -28.82 39.07
N SER H 88 -6.51 -28.42 38.91
CA SER H 88 -5.78 -27.76 39.98
C SER H 88 -6.37 -26.37 40.26
N PRO H 89 -6.34 -25.91 41.51
CA PRO H 89 -5.92 -26.62 42.73
C PRO H 89 -7.08 -27.27 43.49
N SER H 90 -6.76 -28.32 44.25
CA SER H 90 -7.72 -28.94 45.17
C SER H 90 -7.52 -28.34 46.56
N CYS H 91 -8.56 -27.73 47.11
CA CYS H 91 -8.51 -27.10 48.42
C CYS H 91 -9.35 -27.88 49.41
N ASN H 92 -8.78 -28.16 50.58
CA ASN H 92 -9.53 -28.72 51.69
C ASN H 92 -9.62 -27.74 52.85
N SER H 93 -8.47 -27.37 53.43
CA SER H 93 -8.38 -26.44 54.54
C SER H 93 -6.89 -26.18 54.73
N THR H 94 -6.49 -24.91 54.79
CA THR H 94 -5.10 -24.54 55.03
C THR H 94 -4.14 -25.08 53.97
N HIS H 95 -4.65 -25.68 52.90
CA HIS H 95 -3.80 -26.17 51.82
C HIS H 95 -4.59 -26.19 50.52
N ALA H 96 -4.13 -25.41 49.54
CA ALA H 96 -4.48 -25.61 48.14
C ALA H 96 -3.38 -26.44 47.51
N THR H 97 -3.76 -27.51 46.82
CA THR H 97 -2.81 -28.47 46.29
C THR H 97 -2.87 -28.46 44.77
N VAL H 98 -1.71 -28.33 44.13
CA VAL H 98 -1.57 -28.46 42.69
C VAL H 98 -0.73 -29.71 42.43
N LEU H 99 -1.22 -30.59 41.57
CA LEU H 99 -0.61 -31.88 41.29
C LEU H 99 -0.23 -31.98 39.82
N ILE H 100 1.05 -32.14 39.54
CA ILE H 100 1.54 -32.26 38.18
C ILE H 100 2.18 -33.64 38.01
N PRO H 101 1.62 -34.51 37.16
CA PRO H 101 2.26 -35.82 36.93
C PRO H 101 3.53 -35.69 36.09
N PHE H 102 4.46 -36.61 36.32
CA PHE H 102 5.64 -36.68 35.48
C PHE H 102 5.23 -36.98 34.04
N PHE H 103 5.53 -36.05 33.13
CA PHE H 103 5.09 -36.17 31.74
C PHE H 103 6.19 -35.90 30.73
N GLY H 104 7.45 -35.83 31.17
CA GLY H 104 8.54 -35.48 30.30
C GLY H 104 8.92 -34.02 30.29
N GLY H 105 8.09 -33.16 30.88
CA GLY H 105 8.42 -31.77 31.01
C GLY H 105 9.19 -31.48 32.28
N VAL H 106 10.11 -30.52 32.19
CA VAL H 106 10.98 -30.17 33.29
C VAL H 106 10.47 -28.88 33.92
N LEU H 107 10.12 -28.94 35.20
CA LEU H 107 9.68 -27.75 35.91
C LEU H 107 10.88 -26.83 36.11
N THR H 108 10.88 -25.69 35.43
CA THR H 108 11.99 -24.75 35.50
C THR H 108 11.66 -23.44 36.19
N GLY H 109 10.39 -23.12 36.36
CA GLY H 109 10.03 -21.88 37.00
C GLY H 109 8.63 -21.88 37.60
N ILE H 110 8.52 -21.32 38.80
CA ILE H 110 7.24 -21.13 39.47
C ILE H 110 7.06 -19.63 39.66
N ASN H 111 5.91 -19.13 39.23
CA ASN H 111 5.59 -17.71 39.27
C ASN H 111 4.21 -17.57 39.88
N VAL H 112 4.13 -16.84 40.99
CA VAL H 112 2.86 -16.59 41.69
C VAL H 112 2.63 -15.10 41.65
N ASN H 113 1.59 -14.67 40.94
CA ASN H 113 1.17 -13.28 40.99
C ASN H 113 2.33 -12.34 40.61
N SER H 114 2.77 -12.46 39.37
CA SER H 114 3.79 -11.56 38.83
C SER H 114 5.07 -11.53 39.68
N VAL H 115 5.32 -12.56 40.49
CA VAL H 115 6.53 -12.65 41.31
C VAL H 115 7.28 -13.90 40.87
N ASN H 116 8.33 -13.73 40.08
CA ASN H 116 9.15 -14.86 39.67
C ASN H 116 9.98 -15.31 40.86
N ILE H 117 9.77 -16.56 41.28
CA ILE H 117 10.37 -17.03 42.52
C ILE H 117 11.82 -17.42 42.32
N GLN H 118 12.20 -17.81 41.10
CA GLN H 118 13.61 -18.09 40.84
C GLN H 118 14.46 -16.83 40.89
N LEU H 119 13.85 -15.67 40.59
CA LEU H 119 14.54 -14.40 40.58
C LEU H 119 14.21 -13.56 41.80
N SER H 120 13.69 -14.18 42.86
CA SER H 120 13.23 -13.48 44.04
C SER H 120 14.22 -13.64 45.19
N SER H 121 14.25 -12.64 46.05
CA SER H 121 15.08 -12.66 47.25
C SER H 121 14.52 -13.56 48.33
N TYR H 122 13.32 -14.11 48.14
CA TYR H 122 12.69 -15.01 49.10
C TYR H 122 12.63 -16.41 48.52
N SER H 123 12.52 -17.39 49.41
CA SER H 123 12.50 -18.79 49.02
C SER H 123 11.06 -19.27 48.73
N LEU H 124 10.96 -20.47 48.15
CA LEU H 124 9.65 -21.07 47.93
C LEU H 124 8.89 -21.24 49.24
N GLN H 125 9.57 -21.77 50.25
CA GLN H 125 8.96 -21.91 51.57
C GLN H 125 8.49 -20.56 52.09
N GLN H 126 9.31 -19.52 51.93
CA GLN H 126 8.91 -18.17 52.33
C GLN H 126 7.74 -17.65 51.52
N HIS H 127 7.49 -18.20 50.33
CA HIS H 127 6.29 -17.90 49.57
C HIS H 127 5.12 -18.79 49.93
N GLY H 128 5.33 -19.79 50.78
CA GLY H 128 4.24 -20.62 51.25
C GLY H 128 3.88 -21.76 50.32
N ILE H 129 4.83 -22.25 49.54
CA ILE H 129 4.62 -23.32 48.58
C ILE H 129 5.55 -24.47 48.93
N THR H 130 4.99 -25.66 49.02
CA THR H 130 5.75 -26.86 49.35
C THR H 130 5.73 -27.79 48.13
N LEU H 131 6.92 -28.19 47.69
CA LEU H 131 7.09 -28.96 46.46
C LEU H 131 7.58 -30.36 46.78
N ASP H 132 6.86 -31.36 46.30
CA ASP H 132 7.27 -32.77 46.37
C ASP H 132 7.48 -33.25 44.94
N SER H 133 8.68 -33.76 44.64
CA SER H 133 9.07 -34.08 43.28
C SER H 133 9.58 -35.52 43.13
N ARG H 134 9.21 -36.42 44.04
CA ARG H 134 9.57 -37.82 43.86
C ARG H 134 8.65 -38.51 42.85
N ASN H 135 7.35 -38.27 42.94
CA ASN H 135 6.33 -38.98 42.18
C ASN H 135 5.43 -38.01 41.44
N GLY H 136 6.06 -37.11 40.68
CA GLY H 136 5.39 -35.96 40.14
C GLY H 136 5.59 -34.75 41.03
N TYR H 137 5.11 -33.61 40.55
CA TYR H 137 5.24 -32.36 41.28
C TYR H 137 3.96 -32.15 42.08
N ARG H 138 4.10 -32.05 43.39
CA ARG H 138 3.00 -31.75 44.29
C ARG H 138 3.30 -30.42 44.97
N LEU H 139 2.47 -29.41 44.74
CA LEU H 139 2.59 -28.11 45.37
C LEU H 139 1.52 -27.98 46.44
N TYR H 140 1.94 -27.67 47.66
CA TYR H 140 1.02 -27.47 48.78
C TYR H 140 1.02 -25.99 49.12
N ILE H 141 -0.06 -25.31 48.78
CA ILE H 141 -0.19 -23.86 48.94
C ILE H 141 -1.17 -23.59 50.08
N LYS H 142 -0.68 -22.93 51.13
CA LYS H 142 -1.52 -22.64 52.28
C LYS H 142 -2.68 -21.73 51.90
N ARG H 143 -3.89 -22.11 52.33
CA ARG H 143 -5.09 -21.39 51.92
C ARG H 143 -5.10 -19.95 52.43
N SER H 144 -4.68 -19.74 53.67
CA SER H 144 -4.69 -18.39 54.23
C SER H 144 -3.37 -17.68 53.94
N ASN H 151 -8.85 -14.10 40.89
CA ASN H 151 -7.97 -13.24 41.66
C ASN H 151 -6.52 -13.69 41.45
N ASP H 152 -5.94 -14.29 42.48
CA ASP H 152 -4.56 -14.77 42.40
C ASP H 152 -4.42 -15.81 41.30
N VAL H 153 -3.24 -15.82 40.65
CA VAL H 153 -2.95 -16.77 39.59
C VAL H 153 -1.56 -17.34 39.82
N LEU H 154 -1.36 -18.56 39.33
CA LEU H 154 -0.08 -19.26 39.41
C LEU H 154 0.35 -19.62 37.99
N VAL H 155 1.64 -19.44 37.70
CA VAL H 155 2.22 -19.80 36.42
C VAL H 155 3.32 -20.81 36.70
N LEU H 156 3.22 -22.00 36.11
CA LEU H 156 4.25 -23.02 36.20
C LEU H 156 4.92 -23.15 34.84
N THR H 157 6.23 -22.89 34.80
CA THR H 157 6.99 -22.89 33.57
C THR H 157 7.65 -24.24 33.42
N PHE H 158 7.53 -24.83 32.23
CA PHE H 158 8.11 -26.12 31.93
C PHE H 158 9.04 -26.01 30.74
N ILE H 159 10.14 -26.76 30.78
CA ILE H 159 10.96 -27.03 29.61
C ILE H 159 10.52 -28.39 29.09
N TYR H 160 9.88 -28.40 27.93
CA TYR H 160 9.28 -29.61 27.37
C TYR H 160 9.82 -29.80 25.95
N TYR H 161 10.64 -30.83 25.76
CA TYR H 161 11.21 -31.14 24.46
C TYR H 161 11.84 -29.91 23.83
N GLY H 162 12.63 -29.20 24.62
CA GLY H 162 13.31 -28.01 24.14
C GLY H 162 12.47 -26.75 24.06
N LYS H 163 11.20 -26.82 24.45
CA LYS H 163 10.30 -25.67 24.43
C LYS H 163 9.98 -25.22 25.84
N THR H 164 10.00 -23.91 26.07
CA THR H 164 9.63 -23.34 27.35
C THR H 164 8.13 -23.03 27.35
N VAL H 165 7.39 -23.70 28.23
CA VAL H 165 5.93 -23.65 28.23
C VAL H 165 5.46 -23.12 29.58
N PRO H 166 5.17 -21.82 29.67
CA PRO H 166 4.53 -21.29 30.89
C PRO H 166 3.06 -21.68 30.94
N MET H 167 2.67 -22.34 32.02
CA MET H 167 1.30 -22.80 32.22
C MET H 167 0.67 -21.95 33.31
N LEU H 168 -0.27 -21.09 32.93
CA LEU H 168 -0.93 -20.20 33.87
C LEU H 168 -2.25 -20.82 34.30
N ILE H 169 -2.47 -20.87 35.61
CA ILE H 169 -3.75 -21.27 36.18
C ILE H 169 -4.12 -20.27 37.26
N SER H 170 -5.42 -20.11 37.46
CA SER H 170 -5.90 -19.32 38.58
C SER H 170 -5.79 -20.14 39.87
N LEU H 171 -5.55 -19.44 40.97
CA LEU H 171 -5.52 -20.07 42.29
C LEU H 171 -6.85 -19.89 43.00
N VAL H 172 -7.90 -20.41 42.37
CA VAL H 172 -9.22 -20.49 42.98
C VAL H 172 -9.42 -21.92 43.44
N CYS H 173 -10.35 -22.13 44.34
CA CYS H 173 -10.58 -23.45 44.94
C CYS H 173 -11.72 -24.15 44.19
N SER H 174 -11.37 -25.23 43.50
CA SER H 174 -12.32 -26.05 42.76
C SER H 174 -12.78 -27.22 43.63
N SER I 5 -42.33 20.62 -20.19
CA SER I 5 -42.63 21.52 -19.08
C SER I 5 -41.52 22.54 -18.89
N SER I 6 -40.60 22.30 -17.95
CA SER I 6 -39.58 23.26 -17.52
C SER I 6 -40.20 24.51 -16.90
N VAL I 7 -41.47 24.41 -16.50
CA VAL I 7 -42.23 25.52 -15.95
C VAL I 7 -42.79 25.11 -14.60
N VAL I 8 -43.03 26.09 -13.75
CA VAL I 8 -43.54 25.84 -12.41
C VAL I 8 -45.03 25.57 -12.51
N THR I 9 -45.45 24.40 -12.06
CA THR I 9 -46.83 23.96 -12.14
C THR I 9 -47.52 24.18 -10.81
N CYS I 10 -48.58 25.00 -10.81
CA CYS I 10 -49.32 25.35 -9.60
C CYS I 10 -50.69 24.70 -9.64
N THR I 11 -50.99 23.90 -8.61
CA THR I 11 -52.29 23.27 -8.42
C THR I 11 -52.91 23.78 -7.12
N LYS I 12 -54.11 23.29 -6.82
CA LYS I 12 -54.77 23.66 -5.57
C LYS I 12 -53.92 23.27 -4.37
N ASP I 13 -53.15 22.19 -4.49
CA ASP I 13 -52.51 21.57 -3.33
C ASP I 13 -50.99 21.49 -3.41
N SER I 14 -50.37 21.78 -4.54
CA SER I 14 -48.92 21.63 -4.64
C SER I 14 -48.38 22.48 -5.76
N MET I 15 -47.08 22.78 -5.66
CA MET I 15 -46.32 23.47 -6.69
C MET I 15 -45.24 22.54 -7.21
N THR I 16 -45.04 22.51 -8.52
CA THR I 16 -44.13 21.53 -9.10
C THR I 16 -43.42 22.08 -10.32
N VAL I 17 -42.10 21.99 -10.32
CA VAL I 17 -41.26 22.33 -11.47
C VAL I 17 -40.57 21.06 -11.93
N ARG I 18 -40.52 20.85 -13.24
CA ARG I 18 -39.94 19.65 -13.83
C ARG I 18 -38.67 20.04 -14.58
N ILE I 19 -37.55 19.44 -14.21
CA ILE I 19 -36.24 19.79 -14.75
C ILE I 19 -35.85 18.71 -15.76
N PRO I 20 -35.83 18.98 -17.06
CA PRO I 20 -35.41 17.96 -18.01
C PRO I 20 -33.99 17.47 -17.72
N ARG I 21 -33.79 16.17 -17.93
CA ARG I 21 -32.48 15.55 -17.73
C ARG I 21 -31.61 15.58 -18.97
N THR I 22 -32.23 15.79 -20.14
CA THR I 22 -31.50 15.85 -21.41
C THR I 22 -31.01 17.29 -21.58
N LEU I 23 -29.72 17.51 -21.36
CA LEU I 23 -29.14 18.83 -21.53
C LEU I 23 -29.23 19.26 -22.99
N SER I 24 -29.55 20.54 -23.21
CA SER I 24 -29.72 21.01 -24.58
C SER I 24 -28.40 21.13 -25.30
N GLY I 25 -27.32 21.37 -24.57
CA GLY I 25 -26.01 21.53 -25.17
C GLY I 25 -25.79 22.95 -25.67
N PHE I 26 -24.55 23.19 -26.13
CA PHE I 26 -24.14 24.50 -26.58
C PHE I 26 -24.58 24.80 -28.00
N ASP I 27 -25.15 23.82 -28.70
CA ASP I 27 -25.43 23.90 -30.12
C ASP I 27 -26.90 23.71 -30.45
N ASP I 28 -27.77 23.62 -29.45
CA ASP I 28 -29.18 23.26 -29.60
C ASP I 28 -29.36 21.79 -29.96
N GLU I 29 -28.28 21.03 -30.10
CA GLU I 29 -28.35 19.61 -30.46
C GLU I 29 -27.24 18.83 -29.76
N PHE J 6 -26.27 11.48 -4.94
CA PHE J 6 -27.54 12.04 -5.38
C PHE J 6 -27.48 13.57 -5.39
N TRP J 7 -28.60 14.21 -5.08
CA TRP J 7 -28.69 15.66 -5.03
C TRP J 7 -29.01 16.12 -3.61
N ASP J 8 -28.63 17.35 -3.30
CA ASP J 8 -29.02 18.02 -2.06
C ASP J 8 -29.89 19.22 -2.42
N LEU J 9 -30.88 19.51 -1.58
CA LEU J 9 -31.80 20.62 -1.81
C LEU J 9 -31.34 21.82 -1.00
N GLU J 10 -30.99 22.90 -1.69
CA GLU J 10 -30.67 24.17 -1.05
C GLU J 10 -31.92 25.04 -1.05
N VAL J 11 -32.34 25.46 0.15
CA VAL J 11 -33.48 26.35 0.33
C VAL J 11 -32.94 27.68 0.83
N LYS J 12 -33.19 28.75 0.08
CA LYS J 12 -32.79 30.08 0.47
C LYS J 12 -33.95 30.75 1.19
N PHE J 13 -33.77 31.06 2.47
CA PHE J 13 -34.84 31.58 3.30
C PHE J 13 -34.27 32.50 4.36
N THR J 14 -34.74 33.77 4.36
CA THR J 14 -34.34 34.77 5.35
C THR J 14 -32.83 34.94 5.41
N GLY J 15 -32.17 34.89 4.25
CA GLY J 15 -30.75 35.13 4.16
C GLY J 15 -29.87 33.94 4.48
N GLN J 16 -30.43 32.78 4.75
CA GLN J 16 -29.67 31.57 5.02
C GLN J 16 -30.02 30.52 3.97
N THR J 17 -29.11 29.56 3.80
CA THR J 17 -29.30 28.45 2.87
C THR J 17 -29.16 27.16 3.65
N SER J 18 -30.11 26.24 3.45
CA SER J 18 -30.18 24.98 4.19
C SER J 18 -29.93 23.83 3.23
N LEU J 19 -28.93 23.01 3.52
CA LEU J 19 -28.63 21.81 2.73
C LEU J 19 -29.38 20.64 3.34
N LEU J 20 -30.39 20.14 2.63
CA LEU J 20 -31.31 19.13 3.15
C LEU J 20 -31.15 17.83 2.38
N GLY J 21 -30.89 16.74 3.10
CA GLY J 21 -31.01 15.42 2.51
C GLY J 21 -32.43 15.14 2.06
N MET J 22 -32.56 14.14 1.19
CA MET J 22 -33.87 13.83 0.63
C MET J 22 -34.86 13.42 1.71
N SER J 23 -34.43 12.60 2.66
CA SER J 23 -35.32 12.22 3.76
C SER J 23 -35.77 13.45 4.54
N GLU J 24 -34.84 14.35 4.84
CA GLU J 24 -35.17 15.52 5.64
C GLU J 24 -36.16 16.43 4.91
N ALA J 25 -35.92 16.67 3.62
CA ALA J 25 -36.84 17.51 2.85
C ALA J 25 -38.22 16.87 2.72
N ARG J 26 -38.26 15.55 2.50
CA ARG J 26 -39.55 14.87 2.46
C ARG J 26 -40.30 15.06 3.76
N GLN J 27 -39.59 14.93 4.88
CA GLN J 27 -40.21 15.20 6.18
C GLN J 27 -40.72 16.64 6.23
N ARG J 28 -39.96 17.57 5.67
CA ARG J 28 -40.26 18.99 5.77
C ARG J 28 -41.05 19.53 4.58
N GLY J 29 -41.76 18.66 3.86
CA GLY J 29 -42.80 19.12 2.96
C GLY J 29 -42.48 19.12 1.50
N TYR J 30 -41.35 18.56 1.09
CA TYR J 30 -40.96 18.48 -0.31
C TYR J 30 -40.99 17.03 -0.77
N GLN J 31 -41.13 16.85 -2.08
CA GLN J 31 -41.16 15.52 -2.66
C GLN J 31 -40.28 15.52 -3.90
N PHE J 32 -39.63 14.39 -4.15
CA PHE J 32 -38.71 14.24 -5.27
C PHE J 32 -39.01 12.95 -6.00
N SER J 33 -39.03 13.04 -7.33
CA SER J 33 -39.12 11.86 -8.18
C SER J 33 -38.17 12.04 -9.36
N SER J 34 -37.67 10.92 -9.87
CA SER J 34 -36.72 10.93 -10.97
C SER J 34 -37.34 10.21 -12.16
N ASP J 35 -37.47 10.94 -13.26
CA ASP J 35 -38.09 10.47 -14.47
C ASP J 35 -37.02 10.32 -15.57
N PRO J 36 -37.22 9.44 -16.55
CA PRO J 36 -36.24 9.38 -17.64
C PRO J 36 -36.03 10.71 -18.32
N TYR J 37 -37.06 11.56 -18.37
CA TYR J 37 -37.04 12.81 -19.10
C TYR J 37 -36.87 14.04 -18.21
N TYR J 38 -37.41 14.03 -16.99
CA TYR J 38 -37.43 15.19 -16.12
C TYR J 38 -36.90 14.83 -14.73
N LEU J 39 -36.40 15.83 -14.02
CA LEU J 39 -36.17 15.77 -12.58
C LEU J 39 -37.24 16.62 -11.91
N THR J 40 -38.08 16.01 -11.10
CA THR J 40 -39.27 16.66 -10.57
C THR J 40 -39.07 17.08 -9.12
N VAL J 41 -39.40 18.33 -8.82
CA VAL J 41 -39.37 18.89 -7.47
C VAL J 41 -40.77 19.42 -7.15
N GLN J 42 -41.32 18.98 -6.03
CA GLN J 42 -42.63 19.40 -5.57
C GLN J 42 -42.52 20.02 -4.18
N ALA J 43 -43.29 21.08 -3.95
CA ALA J 43 -43.35 21.72 -2.64
C ALA J 43 -44.80 21.82 -2.21
N SER J 44 -45.09 21.34 -1.01
CA SER J 44 -46.41 21.48 -0.44
C SER J 44 -46.63 22.91 0.01
N TYR J 45 -47.90 23.32 0.03
CA TYR J 45 -48.24 24.63 0.58
C TYR J 45 -48.13 24.67 2.09
N SER J 46 -47.68 23.58 2.71
CA SER J 46 -47.31 23.54 4.12
C SER J 46 -45.81 23.35 4.30
N ALA J 47 -45.02 23.53 3.24
CA ALA J 47 -43.59 23.27 3.30
C ALA J 47 -42.88 24.34 4.14
N PHE J 48 -41.70 23.97 4.62
CA PHE J 48 -40.93 24.82 5.53
C PHE J 48 -40.23 25.93 4.75
N GLY J 49 -40.47 27.18 5.14
CA GLY J 49 -39.72 28.29 4.59
C GLY J 49 -40.28 28.94 3.35
N LEU J 50 -41.59 28.89 3.14
CA LEU J 50 -42.20 29.48 1.96
C LEU J 50 -42.59 30.93 2.23
N ASN J 51 -42.15 31.83 1.35
CA ASN J 51 -42.54 33.23 1.44
C ASN J 51 -43.91 33.41 0.83
N VAL J 52 -44.81 34.08 1.54
CA VAL J 52 -46.17 34.31 1.08
C VAL J 52 -46.40 35.81 0.96
N PHE J 53 -46.80 36.25 -0.22
CA PHE J 53 -47.27 37.61 -0.46
C PHE J 53 -48.75 37.55 -0.75
N ASN J 54 -49.40 38.70 -0.59
CA ASN J 54 -50.84 38.83 -0.81
C ASN J 54 -51.09 40.20 -1.43
N LEU J 55 -51.98 40.24 -2.46
CA LEU J 55 -52.42 41.52 -2.97
C LEU J 55 -53.77 41.94 -2.37
N GLU J 56 -54.85 41.20 -2.63
CA GLU J 56 -56.10 41.41 -1.93
C GLU J 56 -56.59 40.13 -1.25
N ASN J 57 -56.78 39.06 -2.02
CA ASN J 57 -57.20 37.78 -1.48
C ASN J 57 -56.48 36.64 -2.20
N GLN J 58 -55.46 36.94 -3.00
CA GLN J 58 -54.74 35.96 -3.80
C GLN J 58 -53.29 35.91 -3.34
N ARG J 59 -52.86 34.73 -2.88
CA ARG J 59 -51.54 34.57 -2.28
C ARG J 59 -50.52 34.14 -3.32
N LEU J 60 -49.38 34.85 -3.31
CA LEU J 60 -48.23 34.57 -4.17
C LEU J 60 -47.16 33.93 -3.30
N TYR J 61 -46.99 32.62 -3.45
CA TYR J 61 -45.94 31.89 -2.78
C TYR J 61 -44.67 31.92 -3.62
N VAL J 62 -43.54 32.16 -2.93
CA VAL J 62 -42.22 32.17 -3.54
C VAL J 62 -41.38 31.12 -2.84
N ALA J 63 -40.74 30.25 -3.61
CA ALA J 63 -39.76 29.30 -3.08
C ALA J 63 -38.49 29.44 -3.89
N ASP J 64 -37.40 29.86 -3.24
CA ASP J 64 -36.12 30.04 -3.92
C ASP J 64 -35.27 28.81 -3.60
N LEU J 65 -35.40 27.76 -4.42
CA LEU J 65 -34.68 26.53 -4.19
C LEU J 65 -33.49 26.43 -5.13
N ARG J 66 -32.58 25.53 -4.78
CA ARG J 66 -31.50 25.16 -5.68
C ARG J 66 -31.10 23.73 -5.35
N LEU J 67 -30.96 22.91 -6.39
CA LEU J 67 -30.42 21.57 -6.25
C LEU J 67 -28.91 21.63 -6.46
N VAL J 68 -28.15 21.16 -5.49
CA VAL J 68 -26.69 21.16 -5.57
C VAL J 68 -26.21 19.72 -5.47
N SER J 69 -25.37 19.32 -6.41
CA SER J 69 -24.83 17.97 -6.37
C SER J 69 -24.01 17.79 -5.10
N GLN J 70 -24.07 16.57 -4.56
CA GLN J 70 -23.22 16.21 -3.44
C GLN J 70 -21.79 15.93 -3.87
N PHE J 71 -21.53 15.80 -5.16
CA PHE J 71 -20.21 15.47 -5.68
C PHE J 71 -19.68 16.64 -6.50
N GLY J 72 -18.41 16.96 -6.30
CA GLY J 72 -17.78 18.07 -7.01
C GLY J 72 -17.19 17.74 -8.35
N SER J 73 -17.18 16.45 -8.74
CA SER J 73 -16.65 16.10 -10.05
C SER J 73 -17.52 16.67 -11.17
N PRO J 74 -18.84 16.43 -11.22
CA PRO J 74 -19.69 17.22 -12.11
C PRO J 74 -20.01 18.58 -11.50
N ARG J 75 -20.24 18.58 -10.19
CA ARG J 75 -20.55 19.78 -9.42
C ARG J 75 -21.61 20.64 -10.12
N ILE J 76 -22.78 20.04 -10.30
CA ILE J 76 -23.88 20.70 -10.99
C ILE J 76 -24.76 21.41 -9.97
N SER J 77 -25.12 22.66 -10.26
CA SER J 77 -26.04 23.43 -9.44
C SER J 77 -27.18 23.91 -10.31
N ILE J 78 -28.41 23.59 -9.91
CA ILE J 78 -29.60 23.94 -10.68
C ILE J 78 -30.45 24.87 -9.82
N ASP J 79 -30.47 26.14 -10.15
CA ASP J 79 -31.39 27.06 -9.48
C ASP J 79 -32.81 26.71 -9.90
N THR J 80 -33.65 26.36 -8.93
CA THR J 80 -35.06 26.04 -9.19
C THR J 80 -35.88 26.95 -8.28
N PRO J 81 -36.20 28.15 -8.74
CA PRO J 81 -37.23 28.92 -8.07
C PRO J 81 -38.62 28.50 -8.54
N MET J 82 -39.54 28.45 -7.58
CA MET J 82 -40.96 28.20 -7.83
C MET J 82 -41.74 29.44 -7.45
N ILE J 83 -42.59 29.92 -8.35
CA ILE J 83 -43.48 31.04 -8.12
C ILE J 83 -44.88 30.52 -8.37
N CYS J 84 -45.80 30.75 -7.42
CA CYS J 84 -47.15 30.25 -7.62
C CYS J 84 -48.18 31.16 -6.97
N ALA J 85 -49.18 31.56 -7.74
CA ALA J 85 -50.37 32.22 -7.20
C ALA J 85 -51.37 31.13 -6.89
N ARG J 86 -51.40 30.69 -5.61
CA ARG J 86 -52.19 29.51 -5.29
C ARG J 86 -53.68 29.73 -5.50
N ASP J 87 -54.17 30.92 -5.14
CA ASP J 87 -55.60 31.23 -5.13
C ASP J 87 -56.05 31.93 -6.40
N SER J 88 -55.18 32.09 -7.38
CA SER J 88 -55.54 32.72 -8.64
C SER J 88 -56.07 31.67 -9.60
N PRO J 89 -57.08 31.99 -10.44
CA PRO J 89 -57.81 33.25 -10.60
C PRO J 89 -59.15 33.34 -9.91
N SER J 90 -59.57 34.57 -9.62
CA SER J 90 -60.93 34.85 -9.20
C SER J 90 -61.75 35.18 -10.42
N CYS J 91 -63.02 34.79 -10.39
CA CYS J 91 -63.91 35.02 -11.51
C CYS J 91 -65.13 35.81 -11.08
N ASN J 92 -65.66 36.59 -12.01
CA ASN J 92 -67.03 37.06 -11.89
C ASN J 92 -67.73 36.67 -13.18
N SER J 93 -68.93 37.19 -13.40
CA SER J 93 -69.72 36.76 -14.54
C SER J 93 -69.07 37.07 -15.87
N THR J 94 -68.05 37.94 -15.90
CA THR J 94 -67.48 38.39 -17.16
C THR J 94 -65.97 38.20 -17.28
N HIS J 95 -65.25 38.31 -16.16
CA HIS J 95 -63.80 38.27 -16.17
C HIS J 95 -63.27 37.28 -15.15
N ALA J 96 -62.14 36.67 -15.48
CA ALA J 96 -61.34 35.92 -14.53
C ALA J 96 -60.12 36.77 -14.17
N THR J 97 -60.06 37.22 -12.91
CA THR J 97 -59.06 38.18 -12.47
C THR J 97 -57.91 37.48 -11.77
N VAL J 98 -56.69 37.77 -12.19
CA VAL J 98 -55.47 37.32 -11.54
C VAL J 98 -54.81 38.52 -10.88
N LEU J 99 -54.34 38.34 -9.65
CA LEU J 99 -53.75 39.41 -8.86
C LEU J 99 -52.37 38.97 -8.36
N ILE J 100 -51.33 39.61 -8.88
CA ILE J 100 -49.95 39.30 -8.53
C ILE J 100 -49.32 40.53 -7.91
N PRO J 101 -49.13 40.55 -6.59
CA PRO J 101 -48.41 41.68 -5.97
C PRO J 101 -46.95 41.67 -6.38
N PHE J 102 -46.34 42.86 -6.36
CA PHE J 102 -44.93 42.95 -6.76
C PHE J 102 -44.09 42.29 -5.66
N PHE J 103 -43.61 41.09 -5.95
CA PHE J 103 -42.90 40.25 -5.00
C PHE J 103 -41.41 40.16 -5.26
N GLY J 104 -40.91 40.87 -6.28
CA GLY J 104 -39.52 40.78 -6.68
C GLY J 104 -39.30 40.15 -8.04
N GLY J 105 -40.34 39.55 -8.62
CA GLY J 105 -40.25 38.98 -9.95
C GLY J 105 -40.80 39.96 -10.97
N VAL J 106 -40.07 40.13 -12.07
CA VAL J 106 -40.44 41.07 -13.12
C VAL J 106 -41.14 40.29 -14.23
N LEU J 107 -42.36 40.69 -14.54
CA LEU J 107 -43.11 40.01 -15.60
C LEU J 107 -42.52 40.36 -16.96
N THR J 108 -42.14 39.33 -17.72
CA THR J 108 -41.58 39.49 -19.05
C THR J 108 -42.42 38.84 -20.14
N GLY J 109 -43.29 37.90 -19.81
CA GLY J 109 -44.08 37.24 -20.82
C GLY J 109 -45.41 36.71 -20.34
N ILE J 110 -46.42 36.82 -21.20
CA ILE J 110 -47.75 36.30 -20.94
C ILE J 110 -48.07 35.29 -22.03
N ASN J 111 -48.42 34.08 -21.63
CA ASN J 111 -48.83 33.02 -22.54
C ASN J 111 -50.19 32.52 -22.10
N VAL J 112 -51.12 32.39 -23.04
CA VAL J 112 -52.43 31.81 -22.78
C VAL J 112 -52.70 30.71 -23.81
N ASN J 113 -52.90 29.48 -23.33
CA ASN J 113 -53.22 28.33 -24.18
C ASN J 113 -52.15 28.11 -25.25
N SER J 114 -50.89 28.11 -24.80
CA SER J 114 -49.71 27.88 -25.62
C SER J 114 -49.43 29.01 -26.60
N VAL J 115 -50.14 30.13 -26.48
CA VAL J 115 -49.97 31.28 -27.37
C VAL J 115 -49.09 32.28 -26.66
N ASN J 116 -47.92 32.57 -27.25
CA ASN J 116 -47.04 33.61 -26.71
C ASN J 116 -47.60 34.98 -27.06
N ILE J 117 -47.76 35.83 -26.05
CA ILE J 117 -48.39 37.13 -26.20
C ILE J 117 -47.38 38.20 -25.79
N GLN J 118 -47.19 39.18 -26.66
CA GLN J 118 -46.30 40.29 -26.36
C GLN J 118 -46.93 41.19 -25.29
N LEU J 119 -46.07 41.83 -24.50
CA LEU J 119 -46.52 42.69 -23.41
C LEU J 119 -46.89 44.08 -23.93
N SER J 120 -47.84 44.09 -24.87
CA SER J 120 -48.45 45.30 -25.38
C SER J 120 -49.95 45.22 -25.15
N SER J 121 -50.53 46.34 -24.70
CA SER J 121 -51.95 46.36 -24.42
C SER J 121 -52.74 45.87 -25.62
N TYR J 122 -52.27 46.17 -26.82
CA TYR J 122 -53.01 45.82 -28.03
C TYR J 122 -53.03 44.31 -28.25
N SER J 123 -51.87 43.66 -28.18
CA SER J 123 -51.82 42.21 -28.35
C SER J 123 -52.52 41.51 -27.20
N LEU J 124 -52.30 41.97 -25.97
CA LEU J 124 -53.00 41.40 -24.82
C LEU J 124 -54.51 41.44 -25.01
N GLN J 125 -55.04 42.62 -25.32
CA GLN J 125 -56.48 42.75 -25.47
C GLN J 125 -56.98 41.89 -26.62
N GLN J 126 -56.26 41.87 -27.73
CA GLN J 126 -56.57 40.94 -28.81
C GLN J 126 -56.72 39.53 -28.26
N HIS J 127 -55.86 39.16 -27.32
CA HIS J 127 -56.00 37.90 -26.59
C HIS J 127 -56.90 38.03 -25.37
N GLY J 128 -57.72 39.08 -25.32
CA GLY J 128 -58.72 39.21 -24.28
C GLY J 128 -58.17 39.55 -22.91
N ILE J 129 -56.97 40.09 -22.84
CA ILE J 129 -56.29 40.38 -21.58
C ILE J 129 -56.13 41.89 -21.45
N THR J 130 -56.35 42.41 -20.25
CA THR J 130 -56.05 43.80 -19.94
C THR J 130 -55.12 43.81 -18.73
N LEU J 131 -53.90 44.32 -18.94
CA LEU J 131 -52.85 44.27 -17.94
C LEU J 131 -52.68 45.65 -17.30
N ASP J 132 -52.80 45.71 -15.98
CA ASP J 132 -52.52 46.91 -15.19
C ASP J 132 -51.30 46.59 -14.32
N SER J 133 -50.18 47.25 -14.61
CA SER J 133 -48.92 47.04 -13.89
C SER J 133 -48.65 48.11 -12.85
N ARG J 134 -49.67 48.86 -12.46
CA ARG J 134 -49.46 50.01 -11.59
C ARG J 134 -49.03 49.56 -10.19
N ASN J 135 -49.75 48.61 -9.61
CA ASN J 135 -49.57 48.18 -8.22
C ASN J 135 -49.36 46.68 -8.18
N GLY J 136 -48.40 46.21 -8.95
CA GLY J 136 -48.25 44.79 -9.18
C GLY J 136 -48.99 44.37 -10.44
N TYR J 137 -48.77 43.12 -10.83
CA TYR J 137 -49.28 42.62 -12.10
C TYR J 137 -50.71 42.11 -11.90
N ARG J 138 -51.64 42.76 -12.60
CA ARG J 138 -53.06 42.50 -12.46
C ARG J 138 -53.64 42.19 -13.84
N LEU J 139 -54.03 40.93 -14.05
CA LEU J 139 -54.56 40.47 -15.33
C LEU J 139 -56.07 40.32 -15.22
N TYR J 140 -56.78 40.94 -16.15
CA TYR J 140 -58.23 40.75 -16.31
C TYR J 140 -58.46 39.98 -17.61
N ILE J 141 -58.78 38.69 -17.50
CA ILE J 141 -58.87 37.82 -18.67
C ILE J 141 -60.33 37.62 -19.01
N LYS J 142 -60.68 37.90 -20.26
CA LYS J 142 -62.07 37.84 -20.70
C LYS J 142 -62.55 36.39 -20.78
N ARG J 143 -63.52 36.06 -19.94
CA ARG J 143 -64.11 34.73 -19.99
C ARG J 143 -64.75 34.47 -21.35
N SER J 144 -65.18 35.53 -22.05
CA SER J 144 -65.72 35.36 -23.39
C SER J 144 -64.67 34.85 -24.35
N THR J 145 -63.40 35.23 -24.14
CA THR J 145 -62.32 34.76 -24.99
C THR J 145 -61.74 33.42 -24.55
N LEU J 146 -61.94 33.03 -23.29
CA LEU J 146 -61.38 31.75 -22.87
C LEU J 146 -62.23 30.57 -23.35
N LYS J 147 -61.60 29.38 -23.34
CA LYS J 147 -62.29 28.15 -23.74
C LYS J 147 -63.45 27.84 -22.81
N GLY J 148 -63.23 27.98 -21.50
CA GLY J 148 -64.05 27.34 -20.51
C GLY J 148 -63.63 25.93 -20.17
N ASP J 149 -62.67 25.37 -20.90
CA ASP J 149 -62.22 24.02 -20.69
C ASP J 149 -61.53 23.89 -19.33
N ARG J 150 -61.23 22.64 -18.96
CA ARG J 150 -60.18 22.37 -17.98
C ARG J 150 -58.80 22.54 -18.59
N ASN J 151 -58.72 22.99 -19.85
CA ASN J 151 -57.47 23.12 -20.59
C ASN J 151 -57.05 24.58 -20.77
N ASP J 152 -57.72 25.52 -20.10
CA ASP J 152 -57.31 26.90 -20.11
C ASP J 152 -56.09 27.07 -19.19
N VAL J 153 -54.97 27.50 -19.76
CA VAL J 153 -53.71 27.63 -19.04
C VAL J 153 -53.15 29.02 -19.27
N LEU J 154 -52.67 29.64 -18.19
CA LEU J 154 -51.99 30.93 -18.24
C LEU J 154 -50.57 30.75 -17.75
N VAL J 155 -49.61 31.32 -18.48
CA VAL J 155 -48.22 31.38 -18.05
C VAL J 155 -47.83 32.84 -17.88
N LEU J 156 -47.31 33.18 -16.72
CA LEU J 156 -46.71 34.48 -16.44
C LEU J 156 -45.22 34.26 -16.23
N THR J 157 -44.42 34.78 -17.15
CA THR J 157 -42.98 34.62 -17.08
C THR J 157 -42.39 35.74 -16.23
N PHE J 158 -41.58 35.37 -15.25
CA PHE J 158 -40.95 36.33 -14.37
C PHE J 158 -39.44 36.24 -14.50
N ILE J 159 -38.79 37.39 -14.43
CA ILE J 159 -37.40 37.46 -14.03
C ILE J 159 -37.38 37.67 -12.54
N TYR J 160 -36.66 36.81 -11.82
CA TYR J 160 -36.63 36.85 -10.35
C TYR J 160 -35.18 36.71 -9.88
N TYR J 161 -34.59 37.83 -9.48
CA TYR J 161 -33.24 37.85 -8.92
C TYR J 161 -32.24 37.13 -9.82
N GLY J 162 -32.36 37.37 -11.12
CA GLY J 162 -31.43 36.77 -12.06
C GLY J 162 -31.77 35.36 -12.48
N LYS J 163 -33.02 34.94 -12.32
CA LYS J 163 -33.47 33.63 -12.77
C LYS J 163 -34.79 33.82 -13.48
N THR J 164 -34.92 33.21 -14.66
CA THR J 164 -36.18 33.25 -15.38
C THR J 164 -37.10 32.17 -14.84
N VAL J 165 -38.33 32.57 -14.49
CA VAL J 165 -39.26 31.64 -13.88
C VAL J 165 -40.60 31.69 -14.63
N PRO J 166 -40.90 30.69 -15.45
CA PRO J 166 -42.24 30.61 -16.07
C PRO J 166 -43.24 29.99 -15.11
N MET J 167 -44.25 30.77 -14.70
CA MET J 167 -45.27 30.30 -13.79
C MET J 167 -46.50 29.89 -14.57
N LEU J 168 -46.97 28.66 -14.34
CA LEU J 168 -48.14 28.13 -15.00
C LEU J 168 -49.28 28.04 -13.99
N ILE J 169 -50.43 28.63 -14.33
CA ILE J 169 -51.62 28.55 -13.50
C ILE J 169 -52.82 28.19 -14.38
N SER J 170 -53.65 27.28 -13.89
CA SER J 170 -54.92 27.01 -14.53
C SER J 170 -55.81 28.24 -14.44
N LEU J 171 -56.55 28.51 -15.51
CA LEU J 171 -57.52 29.61 -15.52
C LEU J 171 -58.92 29.11 -15.20
N VAL J 172 -59.04 28.34 -14.12
CA VAL J 172 -60.32 27.80 -13.67
C VAL J 172 -60.69 28.53 -12.38
N CYS J 173 -61.96 28.89 -12.28
CA CYS J 173 -62.40 29.76 -11.21
C CYS J 173 -62.24 29.11 -9.84
N SER J 174 -62.31 29.94 -8.82
CA SER J 174 -62.20 29.51 -7.44
C SER J 174 -63.04 30.47 -6.60
N GLY J 175 -62.82 30.47 -5.29
CA GLY J 175 -63.54 31.33 -4.36
C GLY J 175 -64.27 32.53 -4.92
N SER K 6 -16.24 12.90 -14.41
CA SER K 6 -15.81 14.19 -14.94
C SER K 6 -14.34 14.43 -14.65
N VAL K 7 -13.48 13.87 -15.49
CA VAL K 7 -12.05 13.80 -15.26
C VAL K 7 -11.34 14.74 -16.22
N VAL K 8 -10.42 15.53 -15.68
CA VAL K 8 -9.65 16.46 -16.51
C VAL K 8 -8.53 15.67 -17.18
N THR K 9 -8.48 15.74 -18.50
CA THR K 9 -7.45 15.08 -19.29
C THR K 9 -6.39 16.10 -19.64
N CYS K 10 -5.14 15.81 -19.28
CA CYS K 10 -4.05 16.76 -19.37
C CYS K 10 -2.94 16.24 -20.29
N THR K 11 -2.82 16.86 -21.46
CA THR K 11 -1.74 16.60 -22.40
C THR K 11 -0.81 17.81 -22.43
N LYS K 12 0.21 17.73 -23.29
CA LYS K 12 1.13 18.85 -23.42
C LYS K 12 0.48 20.06 -24.07
N ASP K 13 -0.67 19.89 -24.72
CA ASP K 13 -1.25 20.94 -25.55
C ASP K 13 -2.70 21.31 -25.22
N SER K 14 -3.45 20.49 -24.48
CA SER K 14 -4.83 20.83 -24.17
C SER K 14 -5.28 20.18 -22.86
N MET K 15 -6.34 20.74 -22.29
CA MET K 15 -7.03 20.20 -21.13
C MET K 15 -8.48 19.91 -21.52
N THR K 16 -9.01 18.79 -21.06
CA THR K 16 -10.35 18.38 -21.44
C THR K 16 -11.08 17.75 -20.25
N VAL K 17 -12.31 18.20 -20.01
CA VAL K 17 -13.18 17.63 -18.99
C VAL K 17 -14.52 17.29 -19.64
N ARG K 18 -15.02 16.09 -19.36
CA ARG K 18 -16.23 15.58 -19.99
C ARG K 18 -17.34 15.43 -18.95
N ILE K 19 -18.49 16.02 -19.23
CA ILE K 19 -19.65 16.03 -18.33
C ILE K 19 -20.76 15.22 -19.00
N PRO K 20 -21.27 14.16 -18.36
CA PRO K 20 -22.34 13.38 -18.99
C PRO K 20 -23.61 14.21 -19.18
N ARG K 21 -24.32 13.94 -20.28
CA ARG K 21 -25.53 14.68 -20.59
C ARG K 21 -26.73 14.24 -19.78
N THR K 22 -26.69 13.02 -19.23
CA THR K 22 -27.81 12.48 -18.47
C THR K 22 -27.57 12.78 -17.00
N LEU K 23 -28.35 13.70 -16.44
CA LEU K 23 -28.22 14.06 -15.04
C LEU K 23 -28.53 12.87 -14.16
N SER K 24 -27.78 12.74 -13.06
CA SER K 24 -28.03 11.67 -12.10
C SER K 24 -29.34 11.91 -11.35
N GLY K 25 -29.85 10.85 -10.73
CA GLY K 25 -31.15 10.87 -10.10
C GLY K 25 -31.08 10.89 -8.58
N PHE K 26 -32.28 10.80 -7.98
CA PHE K 26 -32.42 10.71 -6.54
C PHE K 26 -32.48 9.26 -6.05
N ASP K 27 -33.01 8.37 -6.87
CA ASP K 27 -33.04 6.93 -6.65
C ASP K 27 -32.60 6.20 -7.91
N ASP K 28 -31.48 6.65 -8.47
CA ASP K 28 -30.94 6.13 -9.72
C ASP K 28 -31.89 6.37 -10.89
N PHE L 6 -27.93 29.85 -24.75
CA PHE L 6 -28.09 28.71 -23.85
C PHE L 6 -27.09 28.80 -22.72
N TRP L 7 -25.85 28.39 -23.01
CA TRP L 7 -24.79 28.32 -22.02
C TRP L 7 -23.84 29.50 -22.15
N ASP L 8 -23.35 29.98 -21.02
CA ASP L 8 -22.23 30.88 -20.94
C ASP L 8 -21.19 30.26 -20.01
N LEU L 9 -19.94 30.67 -20.17
CA LEU L 9 -18.84 30.17 -19.36
C LEU L 9 -18.42 31.28 -18.39
N GLU L 10 -18.51 30.98 -17.09
CA GLU L 10 -18.08 31.91 -16.05
C GLU L 10 -16.68 31.48 -15.60
N VAL L 11 -15.73 32.40 -15.69
CA VAL L 11 -14.33 32.15 -15.36
C VAL L 11 -13.98 32.94 -14.12
N LYS L 12 -13.51 32.24 -13.09
CA LYS L 12 -13.02 32.87 -11.87
C LYS L 12 -11.52 33.08 -12.01
N PHE L 13 -11.09 34.35 -12.00
CA PHE L 13 -9.74 34.71 -12.42
C PHE L 13 -9.27 35.92 -11.65
N THR L 14 -8.17 35.76 -10.89
CA THR L 14 -7.47 36.85 -10.20
C THR L 14 -8.33 37.53 -9.13
N GLY L 15 -9.34 36.85 -8.62
CA GLY L 15 -10.29 37.48 -7.70
C GLY L 15 -11.42 38.20 -8.37
N GLN L 16 -11.44 38.29 -9.69
CA GLN L 16 -12.53 38.84 -10.45
C GLN L 16 -13.28 37.72 -11.16
N THR L 17 -14.53 38.01 -11.52
CA THR L 17 -15.36 37.07 -12.25
C THR L 17 -15.61 37.60 -13.65
N SER L 18 -15.38 36.76 -14.65
CA SER L 18 -15.51 37.13 -16.04
C SER L 18 -16.63 36.32 -16.68
N LEU L 19 -17.49 37.00 -17.45
CA LEU L 19 -18.56 36.36 -18.21
C LEU L 19 -18.17 36.33 -19.68
N LEU L 20 -18.21 35.14 -20.28
CA LEU L 20 -17.84 34.95 -21.67
C LEU L 20 -18.99 34.30 -22.43
N GLY L 21 -19.34 34.88 -23.57
CA GLY L 21 -20.19 34.20 -24.50
C GLY L 21 -19.45 33.06 -25.17
N MET L 22 -20.18 32.29 -25.96
CA MET L 22 -19.58 31.16 -26.65
C MET L 22 -18.59 31.61 -27.71
N SER L 23 -18.97 32.60 -28.52
CA SER L 23 -18.05 33.16 -29.50
C SER L 23 -16.82 33.72 -28.82
N GLU L 24 -17.02 34.45 -27.72
CA GLU L 24 -15.90 35.06 -27.01
C GLU L 24 -14.95 33.99 -26.47
N ALA L 25 -15.50 32.92 -25.88
CA ALA L 25 -14.66 31.85 -25.35
C ALA L 25 -13.90 31.14 -26.46
N ARG L 26 -14.57 30.83 -27.57
CA ARG L 26 -13.89 30.21 -28.71
C ARG L 26 -12.73 31.08 -29.18
N GLN L 27 -12.95 32.41 -29.25
CA GLN L 27 -11.88 33.31 -29.66
C GLN L 27 -10.79 33.43 -28.60
N ARG L 28 -11.11 33.17 -27.34
CA ARG L 28 -10.16 33.33 -26.25
C ARG L 28 -9.56 32.02 -25.77
N GLY L 29 -9.71 30.96 -26.54
CA GLY L 29 -8.93 29.76 -26.33
C GLY L 29 -9.65 28.58 -25.73
N TYR L 30 -10.98 28.60 -25.73
CA TYR L 30 -11.79 27.50 -25.24
C TYR L 30 -12.49 26.84 -26.42
N GLN L 31 -12.75 25.54 -26.28
CA GLN L 31 -13.51 24.79 -27.27
C GLN L 31 -14.58 23.98 -26.56
N PHE L 32 -15.71 23.80 -27.24
CA PHE L 32 -16.86 23.12 -26.66
C PHE L 32 -17.44 22.16 -27.68
N SER L 33 -17.75 20.95 -27.21
CA SER L 33 -18.28 19.88 -28.03
C SER L 33 -19.43 19.23 -27.28
N SER L 34 -20.34 18.61 -28.03
CA SER L 34 -21.48 17.92 -27.45
C SER L 34 -21.65 16.56 -28.11
N ASP L 35 -21.63 15.51 -27.31
CA ASP L 35 -21.81 14.13 -27.70
C ASP L 35 -23.15 13.63 -27.15
N PRO L 36 -23.74 12.59 -27.74
CA PRO L 36 -24.96 12.02 -27.12
C PRO L 36 -24.71 11.56 -25.69
N TYR L 37 -23.49 11.12 -25.38
CA TYR L 37 -23.16 10.62 -24.05
C TYR L 37 -22.64 11.71 -23.12
N TYR L 38 -21.83 12.64 -23.64
CA TYR L 38 -21.15 13.65 -22.82
C TYR L 38 -21.27 15.05 -23.42
N LEU L 39 -21.25 16.05 -22.55
CA LEU L 39 -20.89 17.42 -22.92
C LEU L 39 -19.43 17.63 -22.57
N THR L 40 -18.66 18.12 -23.54
CA THR L 40 -17.20 18.23 -23.40
C THR L 40 -16.79 19.69 -23.35
N VAL L 41 -16.01 20.04 -22.33
CA VAL L 41 -15.39 21.35 -22.21
C VAL L 41 -13.90 21.17 -22.35
N GLN L 42 -13.30 21.89 -23.28
CA GLN L 42 -11.88 21.83 -23.51
C GLN L 42 -11.31 23.24 -23.43
N ALA L 43 -10.12 23.34 -22.87
CA ALA L 43 -9.40 24.60 -22.77
C ALA L 43 -7.99 24.38 -23.27
N SER L 44 -7.54 25.23 -24.18
CA SER L 44 -6.14 25.26 -24.56
C SER L 44 -5.33 25.93 -23.46
N TYR L 45 -4.03 25.70 -23.48
CA TYR L 45 -3.15 26.36 -22.50
C TYR L 45 -2.90 27.85 -22.82
N SER L 46 -3.62 28.42 -23.79
CA SER L 46 -3.57 29.83 -24.11
C SER L 46 -4.89 30.54 -23.78
N ALA L 47 -5.69 29.97 -22.88
CA ALA L 47 -7.03 30.47 -22.62
C ALA L 47 -6.98 31.79 -21.87
N PHE L 48 -8.16 32.38 -21.69
CA PHE L 48 -8.26 33.73 -21.15
C PHE L 48 -8.21 33.80 -19.63
N GLY L 49 -8.40 32.69 -18.92
CA GLY L 49 -8.51 32.78 -17.48
C GLY L 49 -7.71 31.78 -16.70
N LEU L 50 -6.69 31.19 -17.32
CA LEU L 50 -5.94 30.15 -16.64
C LEU L 50 -5.06 30.76 -15.54
N ASN L 51 -5.03 30.08 -14.40
CA ASN L 51 -4.11 30.37 -13.32
C ASN L 51 -2.97 29.37 -13.40
N VAL L 52 -1.73 29.86 -13.34
CA VAL L 52 -0.55 29.02 -13.50
C VAL L 52 0.24 29.04 -12.19
N PHE L 53 0.62 27.86 -11.73
CA PHE L 53 1.42 27.69 -10.52
C PHE L 53 2.77 27.08 -10.89
N ASN L 54 3.77 27.45 -10.11
CA ASN L 54 5.16 27.08 -10.38
C ASN L 54 5.81 26.70 -9.07
N LEU L 55 6.45 25.52 -9.03
CA LEU L 55 7.18 25.10 -7.84
C LEU L 55 8.68 25.00 -8.07
N GLU L 56 9.13 24.09 -8.95
CA GLU L 56 10.53 24.05 -9.34
C GLU L 56 10.70 24.22 -10.85
N ASN L 57 10.14 23.30 -11.64
CA ASN L 57 10.24 23.37 -13.10
C ASN L 57 8.99 22.88 -13.80
N GLN L 58 7.95 22.48 -13.09
CA GLN L 58 6.73 21.95 -13.69
C GLN L 58 5.59 22.92 -13.43
N ARG L 59 4.77 23.15 -14.44
CA ARG L 59 3.68 24.10 -14.37
C ARG L 59 2.38 23.36 -14.10
N LEU L 60 1.63 23.87 -13.13
CA LEU L 60 0.28 23.39 -12.85
C LEU L 60 -0.71 24.49 -13.25
N TYR L 61 -1.57 24.17 -14.20
CA TYR L 61 -2.58 25.08 -14.71
C TYR L 61 -3.91 24.79 -14.05
N VAL L 62 -4.58 25.83 -13.56
CA VAL L 62 -5.87 25.70 -12.90
C VAL L 62 -6.85 26.64 -13.62
N ALA L 63 -7.93 26.06 -14.13
CA ALA L 63 -9.00 26.79 -14.78
C ALA L 63 -10.24 26.65 -13.91
N ASP L 64 -10.67 27.77 -13.33
CA ASP L 64 -11.91 27.83 -12.53
C ASP L 64 -13.07 28.09 -13.49
N LEU L 65 -13.55 27.01 -14.09
CA LEU L 65 -14.59 27.10 -15.11
C LEU L 65 -15.94 26.70 -14.54
N ARG L 66 -16.98 27.39 -14.98
CA ARG L 66 -18.34 27.09 -14.54
C ARG L 66 -19.30 27.51 -15.64
N LEU L 67 -19.95 26.52 -16.25
CA LEU L 67 -20.97 26.78 -17.25
C LEU L 67 -22.26 27.23 -16.56
N VAL L 68 -22.76 28.40 -16.93
CA VAL L 68 -23.98 28.95 -16.37
C VAL L 68 -24.98 29.16 -17.49
N SER L 69 -26.17 28.58 -17.36
CA SER L 69 -27.20 28.75 -18.38
C SER L 69 -27.79 30.15 -18.28
N GLN L 70 -27.62 30.93 -19.36
CA GLN L 70 -28.33 32.20 -19.45
C GLN L 70 -29.83 31.95 -19.35
N PHE L 71 -30.31 30.96 -20.08
CA PHE L 71 -31.72 30.56 -20.04
C PHE L 71 -32.10 30.08 -18.64
N GLY L 72 -32.93 30.86 -17.96
CA GLY L 72 -33.34 30.54 -16.61
C GLY L 72 -34.45 29.52 -16.49
N SER L 73 -34.99 29.01 -17.60
CA SER L 73 -36.06 28.02 -17.52
C SER L 73 -35.59 26.76 -16.77
N PRO L 74 -34.54 26.06 -17.22
CA PRO L 74 -33.91 25.07 -16.34
C PRO L 74 -33.01 25.73 -15.30
N ARG L 75 -32.18 26.66 -15.78
CA ARG L 75 -31.24 27.44 -14.96
C ARG L 75 -30.21 26.54 -14.27
N ILE L 76 -29.35 25.94 -15.10
CA ILE L 76 -28.34 24.99 -14.63
C ILE L 76 -26.98 25.67 -14.53
N SER L 77 -26.20 25.26 -13.52
CA SER L 77 -24.83 25.74 -13.34
C SER L 77 -23.91 24.57 -13.03
N ILE L 78 -22.91 24.37 -13.88
CA ILE L 78 -22.03 23.19 -13.82
C ILE L 78 -20.60 23.68 -13.62
N ASP L 79 -20.01 23.36 -12.47
CA ASP L 79 -18.60 23.65 -12.25
C ASP L 79 -17.76 22.58 -12.94
N THR L 80 -16.92 23.00 -13.88
CA THR L 80 -16.07 22.09 -14.66
C THR L 80 -14.61 22.52 -14.50
N PRO L 81 -14.08 22.44 -13.28
CA PRO L 81 -12.70 22.90 -13.06
C PRO L 81 -11.71 22.02 -13.80
N MET L 82 -10.57 22.62 -14.15
CA MET L 82 -9.48 21.89 -14.76
C MET L 82 -8.22 22.14 -13.97
N ILE L 83 -7.48 21.08 -13.66
CA ILE L 83 -6.20 21.17 -12.97
C ILE L 83 -5.23 20.23 -13.68
N CYS L 84 -4.13 20.78 -14.22
CA CYS L 84 -3.28 20.04 -15.15
C CYS L 84 -1.81 20.36 -14.92
N ALA L 85 -1.02 19.33 -14.61
CA ALA L 85 0.44 19.45 -14.54
C ALA L 85 0.97 19.25 -15.96
N ARG L 86 1.17 20.37 -16.67
CA ARG L 86 1.34 20.31 -18.12
C ARG L 86 2.64 19.62 -18.52
N ASP L 87 3.70 19.83 -17.75
CA ASP L 87 5.00 19.23 -18.05
C ASP L 87 5.22 17.93 -17.29
N SER L 88 4.21 17.44 -16.59
CA SER L 88 4.41 16.22 -15.82
C SER L 88 4.12 15.00 -16.69
N PRO L 89 4.88 13.89 -16.47
CA PRO L 89 5.99 13.77 -15.51
C PRO L 89 7.33 14.11 -16.12
N SER L 90 8.32 14.37 -15.26
CA SER L 90 9.70 14.54 -15.66
C SER L 90 10.47 13.27 -15.34
N CYS L 91 11.38 12.89 -16.22
CA CYS L 91 12.17 11.67 -16.07
C CYS L 91 13.66 11.97 -16.04
N ASN L 92 14.40 11.20 -15.26
CA ASN L 92 15.86 11.25 -15.27
C ASN L 92 16.46 9.85 -15.28
N HIS L 95 13.75 7.51 -12.43
CA HIS L 95 12.59 8.04 -11.73
C HIS L 95 11.74 8.96 -12.61
N ALA L 96 10.42 8.86 -12.46
CA ALA L 96 9.47 9.80 -13.01
C ALA L 96 8.98 10.71 -11.89
N THR L 97 9.20 12.01 -12.04
CA THR L 97 8.96 12.98 -10.98
C THR L 97 7.81 13.92 -11.36
N VAL L 98 6.81 14.01 -10.49
CA VAL L 98 5.69 14.92 -10.68
C VAL L 98 5.67 15.89 -9.50
N LEU L 99 5.76 17.18 -9.79
CA LEU L 99 5.79 18.24 -8.81
C LEU L 99 4.51 19.06 -8.94
N ILE L 100 3.70 19.06 -7.89
CA ILE L 100 2.45 19.81 -7.87
C ILE L 100 2.60 20.94 -6.85
N PRO L 101 2.59 22.20 -7.27
CA PRO L 101 2.62 23.30 -6.30
C PRO L 101 1.35 23.32 -5.46
N PHE L 102 1.49 23.77 -4.22
CA PHE L 102 0.30 24.05 -3.42
C PHE L 102 -0.50 25.15 -4.10
N PHE L 103 -1.77 24.87 -4.36
CA PHE L 103 -2.60 25.80 -5.12
C PHE L 103 -4.01 25.94 -4.55
N GLY L 104 -4.21 25.53 -3.31
CA GLY L 104 -5.55 25.52 -2.73
C GLY L 104 -6.31 24.24 -2.95
N GLY L 105 -5.67 23.22 -3.53
CA GLY L 105 -6.24 21.89 -3.63
C GLY L 105 -5.50 20.96 -2.69
N VAL L 106 -6.22 19.95 -2.19
CA VAL L 106 -5.66 18.94 -1.31
C VAL L 106 -5.53 17.65 -2.11
N LEU L 107 -4.34 17.09 -2.16
CA LEU L 107 -4.12 15.82 -2.84
C LEU L 107 -4.71 14.69 -1.99
N THR L 108 -5.76 14.04 -2.51
CA THR L 108 -6.49 13.02 -1.78
C THR L 108 -6.40 11.62 -2.38
N GLY L 109 -5.95 11.49 -3.62
CA GLY L 109 -5.89 10.20 -4.26
C GLY L 109 -4.77 10.09 -5.26
N ILE L 110 -4.15 8.91 -5.34
CA ILE L 110 -3.13 8.59 -6.32
C ILE L 110 -3.55 7.32 -7.04
N ASN L 111 -3.56 7.37 -8.37
CA ASN L 111 -3.97 6.25 -9.20
C ASN L 111 -2.93 6.09 -10.29
N VAL L 112 -2.39 4.88 -10.42
CA VAL L 112 -1.43 4.57 -11.47
C VAL L 112 -1.90 3.31 -12.19
N ASN L 113 -2.12 3.43 -13.50
CA ASN L 113 -2.63 2.31 -14.30
C ASN L 113 -3.95 1.81 -13.72
N SER L 114 -4.86 2.72 -13.43
CA SER L 114 -6.17 2.42 -12.91
C SER L 114 -6.09 1.84 -11.51
N VAL L 115 -4.89 1.72 -10.93
CA VAL L 115 -4.68 1.12 -9.62
C VAL L 115 -4.54 2.27 -8.63
N ASN L 116 -5.62 2.58 -7.92
CA ASN L 116 -5.51 3.57 -6.86
C ASN L 116 -4.56 3.07 -5.78
N ILE L 117 -3.68 3.95 -5.33
CA ILE L 117 -2.66 3.64 -4.33
C ILE L 117 -2.99 4.43 -3.08
N GLN L 118 -3.02 3.76 -1.94
CA GLN L 118 -3.28 4.43 -0.68
C GLN L 118 -2.14 5.38 -0.36
N LEU L 119 -2.48 6.57 0.17
CA LEU L 119 -1.48 7.59 0.43
C LEU L 119 -0.75 7.31 1.74
N SER L 120 -0.26 6.09 1.92
CA SER L 120 0.49 5.70 3.10
C SER L 120 1.92 5.37 2.66
N SER L 121 2.86 5.64 3.56
CA SER L 121 4.26 5.36 3.26
C SER L 121 4.46 3.91 2.86
N TYR L 122 3.67 2.98 3.44
CA TYR L 122 3.88 1.57 3.16
C TYR L 122 3.35 1.16 1.79
N SER L 123 2.11 1.50 1.46
CA SER L 123 1.59 1.16 0.14
C SER L 123 2.42 1.84 -0.95
N LEU L 124 2.81 3.10 -0.72
CA LEU L 124 3.69 3.77 -1.68
C LEU L 124 5.03 3.07 -1.79
N GLN L 125 5.60 2.63 -0.67
CA GLN L 125 6.87 1.92 -0.70
C GLN L 125 6.75 0.63 -1.50
N GLN L 126 5.64 -0.08 -1.34
CA GLN L 126 5.37 -1.24 -2.17
C GLN L 126 5.34 -0.86 -3.64
N HIS L 127 4.68 0.24 -3.98
CA HIS L 127 4.55 0.68 -5.37
C HIS L 127 5.74 1.50 -5.85
N GLY L 128 6.83 1.55 -5.08
CA GLY L 128 8.02 2.25 -5.52
C GLY L 128 7.87 3.75 -5.67
N ILE L 129 6.98 4.36 -4.90
CA ILE L 129 6.69 5.80 -4.97
C ILE L 129 7.13 6.45 -3.66
N THR L 130 7.73 7.63 -3.78
CA THR L 130 8.08 8.47 -2.65
C THR L 130 7.28 9.75 -2.73
N LEU L 131 6.70 10.17 -1.61
CA LEU L 131 5.94 11.41 -1.55
C LEU L 131 6.52 12.32 -0.47
N ASP L 132 6.82 13.57 -0.86
CA ASP L 132 7.21 14.62 0.06
C ASP L 132 6.23 15.77 -0.11
N SER L 133 5.47 16.08 0.94
CA SER L 133 4.41 17.07 0.88
C SER L 133 4.76 18.38 1.59
N ARG L 134 6.04 18.59 1.90
CA ARG L 134 6.40 19.72 2.75
C ARG L 134 6.35 21.04 1.99
N ASN L 135 6.66 21.05 0.70
CA ASN L 135 6.69 22.28 -0.09
C ASN L 135 5.92 22.10 -1.39
N GLY L 136 4.74 21.53 -1.29
CA GLY L 136 4.03 21.03 -2.45
C GLY L 136 4.19 19.53 -2.58
N TYR L 137 3.37 18.96 -3.45
CA TYR L 137 3.31 17.51 -3.59
C TYR L 137 4.39 17.04 -4.56
N ARG L 138 5.24 16.13 -4.11
CA ARG L 138 6.41 15.69 -4.86
C ARG L 138 6.40 14.16 -4.95
N LEU L 139 5.88 13.64 -6.07
CA LEU L 139 5.81 12.19 -6.29
C LEU L 139 7.03 11.75 -7.07
N TYR L 140 7.88 10.93 -6.46
CA TYR L 140 9.10 10.41 -7.08
C TYR L 140 8.86 8.93 -7.38
N ILE L 141 8.40 8.65 -8.59
CA ILE L 141 8.06 7.30 -9.02
C ILE L 141 9.25 6.73 -9.77
N LYS L 142 9.86 5.69 -9.22
CA LYS L 142 10.93 5.00 -9.94
C LYS L 142 10.37 4.50 -11.28
N ARG L 143 11.13 4.72 -12.36
CA ARG L 143 10.69 4.29 -13.67
C ARG L 143 10.66 2.77 -13.80
N SER L 144 11.38 2.05 -12.93
CA SER L 144 11.35 0.60 -12.98
C SER L 144 9.93 0.05 -12.87
N THR L 145 9.03 0.78 -12.21
CA THR L 145 7.66 0.33 -12.04
C THR L 145 6.78 0.66 -13.23
N LEU L 146 7.33 1.25 -14.29
CA LEU L 146 6.55 1.68 -15.43
C LEU L 146 6.54 0.60 -16.50
N LYS L 147 5.47 0.59 -17.29
CA LYS L 147 5.37 -0.35 -18.42
C LYS L 147 6.25 0.10 -19.60
N GLY L 148 6.22 1.39 -19.91
CA GLY L 148 6.77 1.90 -21.14
C GLY L 148 5.75 2.15 -22.23
N ASP L 149 4.51 1.67 -22.04
CA ASP L 149 3.47 1.82 -23.05
C ASP L 149 2.92 3.25 -23.05
N ARG L 150 2.05 3.51 -24.02
CA ARG L 150 1.28 4.74 -24.06
C ARG L 150 0.14 4.74 -23.04
N ASN L 151 -0.14 3.61 -22.39
CA ASN L 151 -1.28 3.48 -21.51
C ASN L 151 -0.95 3.74 -20.06
N ASP L 152 0.28 4.13 -19.73
CA ASP L 152 0.65 4.51 -18.37
C ASP L 152 -0.06 5.82 -18.00
N VAL L 153 -0.98 5.77 -17.04
CA VAL L 153 -1.80 6.91 -16.67
C VAL L 153 -1.65 7.16 -15.17
N LEU L 154 -1.54 8.44 -14.81
CA LEU L 154 -1.60 8.87 -13.42
C LEU L 154 -2.83 9.73 -13.22
N VAL L 155 -3.66 9.38 -12.25
CA VAL L 155 -4.80 10.19 -11.87
C VAL L 155 -4.58 10.62 -10.42
N LEU L 156 -4.31 11.91 -10.23
CA LEU L 156 -4.29 12.51 -8.90
C LEU L 156 -5.63 13.21 -8.70
N THR L 157 -6.32 12.85 -7.62
CA THR L 157 -7.60 13.45 -7.29
C THR L 157 -7.40 14.51 -6.22
N PHE L 158 -7.90 15.72 -6.50
CA PHE L 158 -7.80 16.84 -5.59
C PHE L 158 -9.20 17.27 -5.17
N ILE L 159 -9.27 17.95 -4.04
CA ILE L 159 -10.45 18.74 -3.66
C ILE L 159 -10.06 20.20 -3.81
N TYR L 160 -10.70 20.90 -4.74
CA TYR L 160 -10.35 22.27 -5.05
C TYR L 160 -11.61 23.12 -5.01
N TYR L 161 -11.63 24.12 -4.13
CA TYR L 161 -12.71 25.10 -4.04
C TYR L 161 -14.08 24.42 -4.08
N GLY L 162 -14.23 23.38 -3.26
CA GLY L 162 -15.49 22.67 -3.16
C GLY L 162 -15.79 21.72 -4.29
N LYS L 163 -14.81 21.42 -5.15
CA LYS L 163 -15.00 20.53 -6.28
C LYS L 163 -13.99 19.39 -6.21
N THR L 164 -14.40 18.20 -6.61
CA THR L 164 -13.50 17.07 -6.76
C THR L 164 -12.97 17.05 -8.20
N VAL L 165 -11.65 17.04 -8.33
CA VAL L 165 -11.00 17.17 -9.63
C VAL L 165 -10.02 16.02 -9.82
N PRO L 166 -10.36 15.00 -10.61
CA PRO L 166 -9.37 13.96 -10.96
C PRO L 166 -8.53 14.39 -12.15
N MET L 167 -7.21 14.34 -11.98
CA MET L 167 -6.26 14.84 -12.98
C MET L 167 -5.58 13.64 -13.65
N LEU L 168 -6.04 13.29 -14.85
CA LEU L 168 -5.41 12.22 -15.61
C LEU L 168 -4.27 12.81 -16.43
N ILE L 169 -3.06 12.31 -16.20
CA ILE L 169 -1.89 12.65 -17.01
C ILE L 169 -1.24 11.35 -17.46
N SER L 170 -0.74 11.34 -18.68
CA SER L 170 0.09 10.22 -19.11
C SER L 170 1.39 10.23 -18.31
N LEU L 171 1.88 9.04 -17.99
CA LEU L 171 3.20 8.91 -17.36
C LEU L 171 4.27 8.63 -18.41
N VAL L 172 4.29 9.43 -19.47
CA VAL L 172 5.28 9.32 -20.53
C VAL L 172 6.23 10.50 -20.39
N CYS L 173 7.51 10.22 -20.52
CA CYS L 173 8.54 11.22 -20.24
C CYS L 173 8.42 12.41 -21.18
N SER L 174 8.69 13.59 -20.64
CA SER L 174 8.70 14.83 -21.39
C SER L 174 10.12 15.39 -21.42
N GLY L 175 10.38 16.20 -22.44
CA GLY L 175 11.69 16.80 -22.63
C GLY L 175 11.61 18.29 -22.84
N SER M 6 -7.40 34.44 12.22
CA SER M 6 -6.72 33.18 12.03
C SER M 6 -7.67 31.99 12.23
N VAL M 7 -8.13 31.82 13.47
CA VAL M 7 -8.88 30.64 13.90
C VAL M 7 -10.31 31.04 14.21
N VAL M 8 -11.26 30.28 13.68
CA VAL M 8 -12.69 30.53 13.93
C VAL M 8 -13.03 30.01 15.31
N THR M 9 -13.57 30.90 16.15
CA THR M 9 -14.05 30.52 17.48
C THR M 9 -15.57 30.44 17.41
N CYS M 10 -16.10 29.25 17.71
CA CYS M 10 -17.51 28.99 17.60
C CYS M 10 -18.09 28.73 19.00
N THR M 11 -19.12 29.49 19.35
CA THR M 11 -19.91 29.26 20.55
C THR M 11 -21.31 28.84 20.14
N LYS M 12 -22.16 28.56 21.13
CA LYS M 12 -23.54 28.19 20.84
C LYS M 12 -24.38 29.37 20.40
N ASP M 13 -23.80 30.58 20.33
CA ASP M 13 -24.55 31.76 19.92
C ASP M 13 -23.84 32.62 18.89
N SER M 14 -22.57 32.37 18.59
CA SER M 14 -21.84 33.28 17.72
C SER M 14 -20.64 32.57 17.08
N MET M 15 -20.16 33.18 16.00
CA MET M 15 -18.96 32.75 15.28
C MET M 15 -18.06 33.98 15.14
N THR M 16 -16.78 33.85 15.52
CA THR M 16 -15.88 34.99 15.56
C THR M 16 -14.52 34.66 14.99
N VAL M 17 -13.95 35.60 14.23
CA VAL M 17 -12.60 35.49 13.65
C VAL M 17 -11.83 36.77 13.96
N ARG M 18 -10.60 36.62 14.45
CA ARG M 18 -9.73 37.75 14.76
C ARG M 18 -8.55 37.74 13.78
N ILE M 19 -8.31 38.88 13.13
CA ILE M 19 -7.28 38.99 12.11
C ILE M 19 -6.22 39.96 12.62
N PRO M 20 -4.95 39.55 12.68
CA PRO M 20 -3.90 40.49 13.08
C PRO M 20 -3.88 41.72 12.18
N ARG M 21 -3.77 42.89 12.81
CA ARG M 21 -3.69 44.13 12.03
C ARG M 21 -2.30 44.32 11.41
N THR M 22 -1.26 43.71 11.99
CA THR M 22 0.10 43.85 11.48
C THR M 22 0.38 42.68 10.54
N LEU M 23 0.51 43.00 9.25
CA LEU M 23 0.75 41.97 8.24
C LEU M 23 2.06 41.25 8.51
N SER M 24 2.10 39.97 8.12
CA SER M 24 3.30 39.18 8.30
C SER M 24 4.36 39.60 7.28
N GLY M 25 5.60 39.16 7.53
CA GLY M 25 6.72 39.52 6.69
C GLY M 25 7.00 38.51 5.60
N PHE M 26 8.12 38.72 4.91
CA PHE M 26 8.54 37.82 3.84
C PHE M 26 9.54 36.77 4.30
N ASP M 27 10.16 36.97 5.46
CA ASP M 27 11.21 36.09 5.93
C ASP M 27 11.06 35.94 7.44
N ASP M 28 12.02 35.25 8.05
CA ASP M 28 12.07 35.09 9.49
C ASP M 28 12.65 36.35 10.14
N GLU M 29 12.39 36.48 11.44
CA GLU M 29 12.95 37.54 12.28
C GLU M 29 12.35 38.92 12.01
N ILE M 30 11.20 38.99 11.34
CA ILE M 30 10.64 40.29 10.96
C ILE M 30 9.52 40.72 11.92
N SER N 5 -14.63 52.26 8.53
CA SER N 5 -13.39 52.76 7.97
C SER N 5 -12.71 51.73 7.06
N PHE N 6 -12.71 52.00 5.77
CA PHE N 6 -11.84 51.36 4.78
C PHE N 6 -12.18 49.90 4.51
N TRP N 7 -13.26 49.36 5.08
CA TRP N 7 -13.60 47.95 4.90
C TRP N 7 -15.06 47.79 4.52
N ASP N 8 -15.30 47.09 3.42
CA ASP N 8 -16.61 46.57 3.06
C ASP N 8 -16.61 45.06 3.25
N LEU N 9 -17.80 44.49 3.43
CA LEU N 9 -17.95 43.06 3.61
C LEU N 9 -18.44 42.41 2.33
N GLU N 10 -17.69 41.42 1.85
CA GLU N 10 -18.08 40.62 0.69
C GLU N 10 -18.60 39.28 1.19
N VAL N 11 -19.80 38.90 0.71
CA VAL N 11 -20.40 37.61 1.05
C VAL N 11 -20.49 36.79 -0.22
N LYS N 12 -19.77 35.67 -0.26
CA LYS N 12 -19.91 34.69 -1.31
C LYS N 12 -21.05 33.75 -0.90
N PHE N 13 -22.14 33.73 -1.67
CA PHE N 13 -23.35 33.07 -1.20
C PHE N 13 -24.28 32.81 -2.38
N THR N 14 -24.62 31.53 -2.58
CA THR N 14 -25.44 31.04 -3.70
C THR N 14 -24.87 31.49 -5.05
N GLY N 15 -23.56 31.29 -5.21
CA GLY N 15 -22.93 31.55 -6.50
C GLY N 15 -22.89 33.01 -6.92
N GLN N 16 -23.23 33.92 -6.03
CA GLN N 16 -23.17 35.35 -6.29
C GLN N 16 -22.40 36.03 -5.18
N THR N 17 -21.58 37.01 -5.54
CA THR N 17 -20.86 37.83 -4.57
C THR N 17 -21.58 39.17 -4.43
N SER N 18 -21.77 39.59 -3.18
CA SER N 18 -22.36 40.88 -2.86
C SER N 18 -21.42 41.59 -1.90
N LEU N 19 -21.26 42.90 -2.08
CA LEU N 19 -20.53 43.73 -1.15
C LEU N 19 -21.52 44.53 -0.32
N LEU N 20 -21.38 44.43 1.00
CA LEU N 20 -22.30 45.08 1.93
C LEU N 20 -21.55 46.14 2.73
N GLY N 21 -22.13 47.34 2.80
CA GLY N 21 -21.58 48.36 3.66
C GLY N 21 -21.72 47.98 5.13
N MET N 22 -21.03 48.75 5.98
CA MET N 22 -21.02 48.43 7.41
C MET N 22 -22.44 48.43 7.98
N SER N 23 -23.26 49.39 7.57
CA SER N 23 -24.60 49.51 8.12
C SER N 23 -25.45 48.30 7.74
N GLU N 24 -25.45 47.93 6.46
CA GLU N 24 -26.24 46.77 6.03
C GLU N 24 -25.73 45.50 6.68
N ALA N 25 -24.41 45.31 6.74
CA ALA N 25 -23.88 44.10 7.36
C ALA N 25 -24.29 44.01 8.82
N ARG N 26 -24.16 45.11 9.56
CA ARG N 26 -24.53 45.08 10.97
C ARG N 26 -26.02 44.81 11.15
N GLN N 27 -26.86 45.44 10.33
CA GLN N 27 -28.29 45.21 10.46
C GLN N 27 -28.70 43.84 9.94
N ARG N 28 -27.82 43.14 9.22
CA ARG N 28 -28.10 41.80 8.74
C ARG N 28 -27.24 40.74 9.43
N GLY N 29 -26.69 41.08 10.60
CA GLY N 29 -26.23 40.04 11.50
C GLY N 29 -24.73 39.94 11.69
N TYR N 30 -24.00 41.02 11.44
CA TYR N 30 -22.55 41.01 11.52
C TYR N 30 -22.07 42.07 12.52
N GLN N 31 -21.19 41.65 13.42
CA GLN N 31 -20.60 42.51 14.43
C GLN N 31 -19.14 42.75 14.09
N PHE N 32 -18.71 44.01 14.09
CA PHE N 32 -17.35 44.38 13.74
C PHE N 32 -16.73 45.21 14.87
N SER N 33 -15.53 44.84 15.28
CA SER N 33 -14.81 45.59 16.31
C SER N 33 -13.34 45.66 15.92
N SER N 34 -12.70 46.76 16.32
CA SER N 34 -11.32 47.03 15.99
C SER N 34 -10.55 47.31 17.27
N ASP N 35 -9.51 46.54 17.51
CA ASP N 35 -8.59 46.82 18.60
C ASP N 35 -7.23 47.16 18.00
N PRO N 36 -6.27 47.61 18.81
CA PRO N 36 -4.95 47.98 18.23
C PRO N 36 -4.26 46.85 17.50
N TYR N 37 -4.51 45.60 17.86
CA TYR N 37 -3.80 44.47 17.28
C TYR N 37 -4.64 43.61 16.35
N TYR N 38 -5.96 43.63 16.49
CA TYR N 38 -6.82 42.75 15.71
C TYR N 38 -8.02 43.52 15.18
N LEU N 39 -8.48 43.11 14.00
CA LEU N 39 -9.81 43.45 13.50
C LEU N 39 -10.68 42.22 13.74
N THR N 40 -11.77 42.39 14.49
CA THR N 40 -12.63 41.28 14.85
C THR N 40 -13.94 41.37 14.06
N VAL N 41 -14.24 40.31 13.31
CA VAL N 41 -15.53 40.14 12.66
C VAL N 41 -16.25 39.01 13.39
N GLN N 42 -17.43 39.30 13.91
CA GLN N 42 -18.25 38.32 14.61
C GLN N 42 -19.63 38.28 13.98
N ALA N 43 -20.18 37.07 13.85
CA ALA N 43 -21.48 36.88 13.23
C ALA N 43 -22.34 35.96 14.09
N SER N 44 -23.63 36.25 14.12
CA SER N 44 -24.58 35.39 14.81
C SER N 44 -24.86 34.20 13.89
N TYR N 45 -25.80 33.35 14.30
CA TYR N 45 -26.23 32.22 13.50
C TYR N 45 -27.49 32.52 12.67
N SER N 46 -27.97 33.76 12.70
CA SER N 46 -29.04 34.19 11.80
C SER N 46 -28.55 35.18 10.76
N ALA N 47 -27.24 35.38 10.67
CA ALA N 47 -26.68 36.39 9.78
C ALA N 47 -26.87 35.99 8.31
N PHE N 48 -26.96 37.02 7.46
CA PHE N 48 -27.06 36.82 6.02
C PHE N 48 -25.75 36.27 5.46
N GLY N 49 -25.88 35.30 4.55
CA GLY N 49 -24.72 34.67 3.96
C GLY N 49 -24.29 33.36 4.58
N LEU N 50 -25.15 32.73 5.37
CA LEU N 50 -24.80 31.50 6.08
C LEU N 50 -25.37 30.29 5.36
N ASN N 51 -24.51 29.33 5.05
CA ASN N 51 -24.90 28.05 4.48
C ASN N 51 -25.02 27.05 5.61
N VAL N 52 -26.19 26.41 5.72
CA VAL N 52 -26.49 25.51 6.83
C VAL N 52 -26.63 24.10 6.29
N PHE N 53 -25.86 23.18 6.85
CA PHE N 53 -25.87 21.78 6.49
C PHE N 53 -26.42 20.96 7.65
N ASN N 54 -26.96 19.78 7.35
CA ASN N 54 -27.56 18.94 8.39
C ASN N 54 -26.94 17.55 8.38
N LEU N 55 -26.58 17.07 9.57
CA LEU N 55 -26.20 15.66 9.76
C LEU N 55 -26.67 15.20 11.13
N GLU N 56 -27.75 14.41 11.16
CA GLU N 56 -28.29 13.85 12.41
C GLU N 56 -28.70 14.95 13.39
N ASN N 57 -29.51 15.89 12.90
CA ASN N 57 -30.01 17.00 13.70
C ASN N 57 -28.89 17.89 14.23
N GLN N 58 -27.69 17.80 13.66
CA GLN N 58 -26.55 18.62 14.08
C GLN N 58 -26.10 19.53 12.93
N ARG N 59 -26.04 20.82 13.20
CA ARG N 59 -25.93 21.84 12.16
C ARG N 59 -24.52 22.37 12.01
N LEU N 60 -24.09 22.52 10.77
CA LEU N 60 -22.83 23.17 10.41
C LEU N 60 -23.15 24.47 9.66
N TYR N 61 -22.64 25.58 10.19
CA TYR N 61 -22.84 26.90 9.63
C TYR N 61 -21.57 27.33 8.91
N VAL N 62 -21.67 27.68 7.64
CA VAL N 62 -20.52 28.10 6.83
C VAL N 62 -20.80 29.49 6.28
N ALA N 63 -19.94 30.44 6.63
CA ALA N 63 -20.04 31.83 6.16
C ALA N 63 -18.83 32.11 5.27
N ASP N 64 -19.09 32.28 3.97
CA ASP N 64 -18.05 32.61 3.00
C ASP N 64 -17.96 34.13 2.94
N LEU N 65 -16.95 34.70 3.62
CA LEU N 65 -16.85 36.13 3.79
C LEU N 65 -15.46 36.62 3.40
N ARG N 66 -15.42 37.80 2.78
CA ARG N 66 -14.17 38.48 2.49
C ARG N 66 -14.35 39.95 2.81
N LEU N 67 -13.38 40.50 3.55
CA LEU N 67 -13.27 41.94 3.79
C LEU N 67 -12.53 42.55 2.60
N VAL N 68 -13.23 43.39 1.84
CA VAL N 68 -12.66 44.06 0.69
C VAL N 68 -12.52 45.54 1.04
N SER N 69 -11.30 46.05 0.93
CA SER N 69 -11.08 47.47 1.15
C SER N 69 -11.85 48.28 0.12
N GLN N 70 -12.72 49.16 0.59
CA GLN N 70 -13.42 50.07 -0.32
C GLN N 70 -12.44 50.98 -1.02
N PHE N 71 -11.46 51.50 -0.28
CA PHE N 71 -10.46 52.38 -0.87
C PHE N 71 -9.60 51.63 -1.87
N GLY N 72 -9.26 52.30 -2.97
CA GLY N 72 -8.50 51.71 -4.05
C GLY N 72 -7.00 51.79 -3.93
N SER N 73 -6.47 52.58 -2.97
CA SER N 73 -5.01 52.70 -2.87
C SER N 73 -4.39 51.38 -2.44
N PRO N 74 -4.73 50.80 -1.28
CA PRO N 74 -4.13 49.51 -0.91
C PRO N 74 -4.79 48.32 -1.59
N ARG N 75 -6.12 48.37 -1.76
CA ARG N 75 -6.89 47.28 -2.36
C ARG N 75 -6.55 45.93 -1.72
N ILE N 76 -6.91 45.81 -0.45
CA ILE N 76 -6.64 44.62 0.35
C ILE N 76 -7.92 43.81 0.46
N SER N 77 -7.83 42.51 0.17
CA SER N 77 -8.98 41.61 0.25
C SER N 77 -8.63 40.41 1.15
N ILE N 78 -9.01 40.50 2.42
CA ILE N 78 -8.74 39.45 3.40
C ILE N 78 -9.92 38.48 3.42
N ASP N 79 -9.64 37.19 3.32
CA ASP N 79 -10.69 36.18 3.36
C ASP N 79 -10.84 35.66 4.78
N THR N 80 -12.06 35.71 5.32
CA THR N 80 -12.32 35.27 6.69
C THR N 80 -13.50 34.31 6.73
N PRO N 81 -13.38 33.15 6.09
CA PRO N 81 -14.47 32.18 6.13
C PRO N 81 -14.63 31.62 7.54
N MET N 82 -15.88 31.32 7.88
CA MET N 82 -16.20 30.79 9.21
C MET N 82 -16.98 29.49 9.09
N ILE N 83 -16.48 28.44 9.74
CA ILE N 83 -17.14 27.15 9.78
C ILE N 83 -17.38 26.76 11.23
N CYS N 84 -18.63 26.47 11.58
CA CYS N 84 -19.01 26.22 12.95
C CYS N 84 -20.01 25.08 13.02
N ALA N 85 -19.68 24.02 13.74
CA ALA N 85 -20.68 23.00 14.10
C ALA N 85 -21.36 23.48 15.36
N ARG N 86 -22.50 24.16 15.19
CA ARG N 86 -23.08 24.90 16.31
C ARG N 86 -23.44 23.98 17.46
N ASP N 87 -24.04 22.83 17.16
CA ASP N 87 -24.66 21.99 18.18
C ASP N 87 -23.75 20.87 18.66
N SER N 88 -22.60 20.68 18.04
CA SER N 88 -21.73 19.60 18.46
C SER N 88 -21.04 19.93 19.77
N PRO N 89 -20.74 18.91 20.61
CA PRO N 89 -21.06 17.49 20.49
C PRO N 89 -22.25 17.05 21.35
N SER N 90 -22.92 15.98 20.92
CA SER N 90 -23.87 15.28 21.77
C SER N 90 -23.12 14.17 22.50
N CYS N 91 -23.52 13.91 23.74
CA CYS N 91 -22.82 12.97 24.60
C CYS N 91 -23.79 11.90 25.09
N ASN N 92 -23.31 10.66 25.16
CA ASN N 92 -24.05 9.56 25.77
C ASN N 92 -23.28 8.96 26.94
N SER N 93 -22.64 9.83 27.73
CA SER N 93 -22.09 9.46 29.02
C SER N 93 -20.83 8.62 28.90
N THR N 94 -20.49 8.21 27.70
CA THR N 94 -19.25 7.48 27.46
C THR N 94 -18.44 8.09 26.32
N HIS N 95 -19.11 8.61 25.29
CA HIS N 95 -18.47 9.19 24.14
C HIS N 95 -19.08 10.56 23.84
N ALA N 96 -18.25 11.44 23.31
CA ALA N 96 -18.68 12.70 22.72
C ALA N 96 -18.61 12.57 21.21
N THR N 97 -19.73 12.83 20.54
CA THR N 97 -19.86 12.60 19.10
C THR N 97 -20.02 13.94 18.40
N VAL N 98 -19.08 14.25 17.50
CA VAL N 98 -19.14 15.45 16.65
C VAL N 98 -19.44 15.00 15.24
N LEU N 99 -20.49 15.56 14.65
CA LEU N 99 -20.96 15.17 13.32
C LEU N 99 -20.84 16.35 12.37
N ILE N 100 -19.94 16.22 11.40
CA ILE N 100 -19.65 17.27 10.41
C ILE N 100 -20.13 16.77 9.05
N PRO N 101 -21.23 17.29 8.51
CA PRO N 101 -21.63 16.91 7.15
C PRO N 101 -20.61 17.38 6.12
N PHE N 102 -20.49 16.61 5.05
CA PHE N 102 -19.57 16.98 3.97
C PHE N 102 -20.08 18.25 3.30
N PHE N 103 -19.27 19.30 3.36
CA PHE N 103 -19.67 20.63 2.92
C PHE N 103 -18.70 21.24 1.92
N GLY N 104 -17.58 20.59 1.61
CA GLY N 104 -16.58 21.12 0.72
C GLY N 104 -15.26 21.46 1.38
N GLY N 105 -15.14 21.30 2.70
CA GLY N 105 -13.91 21.56 3.41
C GLY N 105 -13.19 20.25 3.72
N VAL N 106 -11.88 20.25 3.50
CA VAL N 106 -11.06 19.06 3.69
C VAL N 106 -10.46 19.09 5.08
N LEU N 107 -10.75 18.06 5.88
CA LEU N 107 -10.13 17.94 7.19
C LEU N 107 -8.64 17.70 7.00
N THR N 108 -7.82 18.50 7.68
CA THR N 108 -6.37 18.35 7.61
C THR N 108 -5.69 18.34 8.97
N GLY N 109 -6.41 18.59 10.04
CA GLY N 109 -5.80 18.62 11.36
C GLY N 109 -6.83 18.37 12.45
N ILE N 110 -6.36 17.74 13.53
CA ILE N 110 -7.16 17.56 14.74
C ILE N 110 -6.29 17.96 15.93
N ASN N 111 -6.82 18.83 16.78
CA ASN N 111 -6.10 19.29 17.96
C ASN N 111 -7.03 19.31 19.16
N VAL N 112 -6.59 18.71 20.26
CA VAL N 112 -7.35 18.63 21.49
C VAL N 112 -6.52 19.24 22.61
N ASN N 113 -7.04 20.31 23.22
CA ASN N 113 -6.37 20.99 24.32
C ASN N 113 -4.92 21.33 23.97
N SER N 114 -4.75 22.03 22.86
CA SER N 114 -3.45 22.54 22.42
C SER N 114 -2.44 21.43 22.21
N VAL N 115 -2.92 20.23 21.90
CA VAL N 115 -2.07 19.11 21.52
C VAL N 115 -2.37 18.79 20.07
N ASN N 116 -1.34 18.87 19.22
CA ASN N 116 -1.49 18.50 17.82
C ASN N 116 -1.51 16.98 17.71
N ILE N 117 -2.49 16.46 16.98
CA ILE N 117 -2.70 15.03 16.84
C ILE N 117 -2.53 14.66 15.37
N GLN N 118 -1.70 13.66 15.11
CA GLN N 118 -1.57 13.14 13.76
C GLN N 118 -2.87 12.48 13.34
N LEU N 119 -3.17 12.58 12.04
CA LEU N 119 -4.38 11.95 11.50
C LEU N 119 -4.09 10.51 11.06
N SER N 120 -3.53 9.71 11.97
CA SER N 120 -3.32 8.29 11.76
C SER N 120 -4.17 7.53 12.76
N SER N 121 -4.80 6.45 12.29
CA SER N 121 -5.65 5.67 13.18
C SER N 121 -4.90 5.20 14.42
N TYR N 122 -3.58 4.99 14.30
CA TYR N 122 -2.80 4.53 15.46
C TYR N 122 -2.64 5.65 16.50
N SER N 123 -2.36 6.88 16.04
CA SER N 123 -2.28 8.01 16.96
C SER N 123 -3.66 8.30 17.59
N LEU N 124 -4.72 8.21 16.78
CA LEU N 124 -6.06 8.39 17.33
C LEU N 124 -6.42 7.28 18.31
N GLN N 125 -5.95 6.06 18.07
CA GLN N 125 -6.13 4.99 19.04
C GLN N 125 -5.42 5.32 20.35
N GLN N 126 -4.17 5.79 20.25
CA GLN N 126 -3.47 6.22 21.46
C GLN N 126 -4.24 7.29 22.21
N HIS N 127 -4.91 8.18 21.46
CA HIS N 127 -5.71 9.25 22.07
C HIS N 127 -7.17 8.88 22.26
N GLY N 128 -7.52 7.61 22.09
CA GLY N 128 -8.89 7.17 22.32
C GLY N 128 -9.88 7.82 21.37
N ILE N 129 -9.48 8.05 20.12
CA ILE N 129 -10.33 8.66 19.11
C ILE N 129 -10.48 7.69 17.95
N THR N 130 -11.72 7.54 17.47
CA THR N 130 -12.02 6.73 16.29
C THR N 130 -12.74 7.60 15.28
N LEU N 131 -12.27 7.58 14.03
CA LEU N 131 -12.81 8.40 12.95
C LEU N 131 -13.36 7.52 11.84
N ASP N 132 -14.60 7.78 11.43
CA ASP N 132 -15.24 7.12 10.31
C ASP N 132 -15.66 8.19 9.31
N SER N 133 -15.01 8.19 8.13
CA SER N 133 -15.22 9.23 7.13
C SER N 133 -16.14 8.79 6.00
N ARG N 134 -16.81 7.64 6.14
CA ARG N 134 -17.61 7.13 5.03
C ARG N 134 -18.82 8.01 4.75
N ASN N 135 -19.47 8.53 5.79
CA ASN N 135 -20.72 9.29 5.66
C ASN N 135 -20.57 10.65 6.33
N GLY N 136 -19.47 11.33 6.02
CA GLY N 136 -19.10 12.53 6.72
C GLY N 136 -18.11 12.22 7.84
N TYR N 137 -17.61 13.29 8.46
CA TYR N 137 -16.59 13.16 9.50
C TYR N 137 -17.27 12.90 10.84
N ARG N 138 -16.97 11.75 11.46
CA ARG N 138 -17.54 11.36 12.74
C ARG N 138 -16.40 11.01 13.68
N LEU N 139 -16.22 11.80 14.74
CA LEU N 139 -15.14 11.59 15.70
C LEU N 139 -15.68 10.93 16.96
N TYR N 140 -15.23 9.71 17.22
CA TYR N 140 -15.60 8.96 18.42
C TYR N 140 -14.49 9.18 19.44
N ILE N 141 -14.68 10.13 20.34
CA ILE N 141 -13.72 10.42 21.40
C ILE N 141 -14.30 9.89 22.71
N LYS N 142 -13.62 8.93 23.31
CA LYS N 142 -14.02 8.42 24.61
C LYS N 142 -13.87 9.52 25.64
N ARG N 143 -14.89 9.69 26.49
CA ARG N 143 -14.86 10.79 27.46
C ARG N 143 -13.85 10.56 28.57
N SER N 144 -13.28 9.37 28.69
CA SER N 144 -12.15 9.17 29.58
C SER N 144 -10.90 9.94 29.15
N THR N 145 -10.96 10.68 28.04
CA THR N 145 -9.88 11.55 27.60
C THR N 145 -10.16 13.02 27.86
N LEU N 146 -11.39 13.39 28.16
CA LEU N 146 -11.75 14.75 28.52
C LEU N 146 -11.63 14.94 30.03
N LYS N 147 -11.44 16.19 30.44
CA LYS N 147 -11.40 16.54 31.85
C LYS N 147 -12.73 17.11 32.36
N GLY N 148 -13.77 17.07 31.53
CA GLY N 148 -15.12 17.37 31.98
C GLY N 148 -15.49 18.84 32.02
N ASP N 149 -14.49 19.68 32.27
CA ASP N 149 -14.72 21.11 32.45
C ASP N 149 -15.20 21.75 31.15
N ARG N 150 -15.58 23.03 31.26
CA ARG N 150 -15.87 23.82 30.06
C ARG N 150 -14.60 24.18 29.29
N ASN N 151 -13.43 23.85 29.83
CA ASN N 151 -12.16 24.12 29.17
C ASN N 151 -11.84 23.10 28.08
N ASP N 152 -12.64 22.05 27.95
CA ASP N 152 -12.46 21.12 26.85
C ASP N 152 -12.72 21.82 25.52
N VAL N 153 -11.75 21.74 24.61
CA VAL N 153 -11.81 22.41 23.31
C VAL N 153 -11.43 21.41 22.23
N LEU N 154 -12.11 21.52 21.09
CA LEU N 154 -11.76 20.76 19.89
C LEU N 154 -11.47 21.76 18.77
N VAL N 155 -10.36 21.56 18.08
CA VAL N 155 -9.96 22.40 16.94
C VAL N 155 -9.88 21.52 15.70
N LEU N 156 -10.75 21.78 14.74
CA LEU N 156 -10.76 21.07 13.46
C LEU N 156 -10.22 21.99 12.39
N THR N 157 -9.17 21.57 11.70
CA THR N 157 -8.49 22.38 10.70
C THR N 157 -8.92 21.93 9.30
N PHE N 158 -9.52 22.84 8.55
CA PHE N 158 -10.02 22.56 7.21
C PHE N 158 -9.21 23.32 6.17
N ILE N 159 -9.25 22.81 4.94
CA ILE N 159 -8.81 23.54 3.76
C ILE N 159 -10.08 23.82 2.96
N TYR N 160 -10.59 25.05 3.07
CA TYR N 160 -11.84 25.44 2.43
C TYR N 160 -11.54 26.56 1.44
N TYR N 161 -11.94 26.34 0.18
CA TYR N 161 -11.74 27.33 -0.88
C TYR N 161 -10.31 27.89 -0.86
N GLY N 162 -9.34 26.98 -0.74
CA GLY N 162 -7.95 27.37 -0.75
C GLY N 162 -7.46 28.04 0.51
N LYS N 163 -8.23 28.00 1.59
CA LYS N 163 -7.90 28.65 2.84
C LYS N 163 -7.76 27.61 3.95
N THR N 164 -6.79 27.84 4.84
CA THR N 164 -6.62 27.03 6.05
C THR N 164 -7.50 27.63 7.15
N VAL N 165 -8.52 26.89 7.56
CA VAL N 165 -9.55 27.38 8.46
C VAL N 165 -9.54 26.50 9.70
N PRO N 166 -8.97 26.99 10.82
CA PRO N 166 -9.11 26.26 12.09
C PRO N 166 -10.46 26.57 12.73
N MET N 167 -11.26 25.54 12.99
CA MET N 167 -12.52 25.70 13.67
C MET N 167 -12.38 25.26 15.12
N LEU N 168 -12.55 26.20 16.04
CA LEU N 168 -12.47 25.95 17.47
C LEU N 168 -13.87 25.94 18.04
N ILE N 169 -14.23 24.85 18.73
CA ILE N 169 -15.56 24.70 19.30
C ILE N 169 -15.45 24.34 20.78
N SER N 170 -16.49 24.68 21.53
CA SER N 170 -16.62 24.30 22.93
C SER N 170 -17.37 22.98 23.00
N LEU N 171 -16.85 22.04 23.79
CA LEU N 171 -17.44 20.70 23.90
C LEU N 171 -18.55 20.66 24.94
N VAL N 172 -19.53 21.57 24.80
CA VAL N 172 -20.68 21.62 25.69
C VAL N 172 -21.68 20.56 25.23
N CYS N 173 -21.82 19.49 26.02
CA CYS N 173 -22.73 18.41 25.65
C CYS N 173 -24.14 18.93 25.39
N SER N 174 -24.58 18.88 24.14
CA SER N 174 -25.87 19.43 23.74
C SER N 174 -26.28 18.88 22.39
N GLY O 4 8.21 53.64 3.60
CA GLY O 4 8.58 55.02 3.86
C GLY O 4 7.93 56.04 2.94
N SER O 5 7.34 55.56 1.84
CA SER O 5 6.70 56.40 0.84
C SER O 5 5.24 56.05 0.61
N SER O 6 4.93 54.76 0.44
CA SER O 6 3.62 54.27 0.04
C SER O 6 3.23 54.71 -1.37
N VAL O 7 4.22 55.07 -2.19
CA VAL O 7 4.01 55.48 -3.57
C VAL O 7 4.99 54.72 -4.44
N VAL O 8 4.55 54.37 -5.65
CA VAL O 8 5.44 53.70 -6.60
C VAL O 8 6.51 54.67 -7.03
N THR O 9 7.76 54.32 -6.78
CA THR O 9 8.90 55.19 -7.06
C THR O 9 9.63 54.64 -8.28
N CYS O 10 9.79 55.49 -9.31
CA CYS O 10 10.38 55.12 -10.59
C CYS O 10 11.73 55.83 -10.73
N THR O 11 12.81 55.08 -10.55
CA THR O 11 14.15 55.64 -10.55
C THR O 11 14.86 55.43 -11.89
N LYS O 12 14.10 55.20 -12.96
CA LYS O 12 14.64 54.95 -14.29
C LYS O 12 15.44 53.64 -14.33
N ASP O 13 15.55 52.97 -13.19
CA ASP O 13 16.24 51.68 -13.11
C ASP O 13 15.51 50.67 -12.24
N SER O 14 14.46 51.05 -11.51
CA SER O 14 13.72 50.11 -10.69
C SER O 14 12.32 50.67 -10.42
N MET O 15 11.40 49.77 -10.09
CA MET O 15 10.06 50.12 -9.66
C MET O 15 9.88 49.59 -8.24
N THR O 16 9.49 50.48 -7.32
CA THR O 16 9.37 50.13 -5.92
C THR O 16 8.04 50.63 -5.37
N VAL O 17 7.32 49.75 -4.67
CA VAL O 17 6.08 50.09 -3.99
C VAL O 17 6.25 49.73 -2.52
N ARG O 18 5.47 50.41 -1.67
CA ARG O 18 5.58 50.22 -0.22
C ARG O 18 4.17 50.08 0.36
N ILE O 19 4.00 49.08 1.22
CA ILE O 19 2.70 48.70 1.74
C ILE O 19 2.71 48.88 3.26
N PRO O 20 1.87 49.73 3.84
CA PRO O 20 1.77 49.80 5.29
C PRO O 20 1.32 48.47 5.88
N ARG O 21 1.97 48.09 6.98
CA ARG O 21 1.76 46.77 7.56
C ARG O 21 0.56 46.72 8.51
N THR O 22 0.17 47.84 9.09
CA THR O 22 -0.93 47.84 10.06
C THR O 22 -2.23 48.12 9.32
N LEU O 23 -3.15 47.17 9.39
CA LEU O 23 -4.45 47.33 8.75
C LEU O 23 -5.24 48.43 9.44
N SER O 24 -5.99 49.18 8.65
CA SER O 24 -6.85 50.21 9.21
C SER O 24 -8.03 49.59 9.95
N GLY O 25 -8.49 50.29 10.98
CA GLY O 25 -9.62 49.81 11.74
C GLY O 25 -10.93 49.95 10.98
N PHE O 26 -12.02 49.80 11.71
CA PHE O 26 -13.35 50.00 11.20
C PHE O 26 -13.83 51.41 11.59
N ASP O 27 -15.09 51.72 11.32
CA ASP O 27 -15.68 52.96 11.84
C ASP O 27 -15.68 52.97 13.37
N ASP O 28 -15.48 51.80 13.98
CA ASP O 28 -15.17 51.72 15.39
C ASP O 28 -13.97 52.62 15.72
N GLU O 29 -12.88 52.48 14.97
CA GLU O 29 -11.64 53.20 15.24
C GLU O 29 -11.36 54.22 14.16
N ILE O 30 -11.26 55.48 14.56
CA ILE O 30 -10.75 56.53 13.68
C ILE O 30 -9.23 56.48 13.70
N PRO O 31 -8.58 56.57 14.87
CA PRO O 31 -7.11 56.56 14.88
C PRO O 31 -6.53 55.14 14.75
N PHE P 6 4.59 32.81 4.74
CA PHE P 6 5.21 33.86 3.95
C PHE P 6 4.27 34.26 2.81
N TRP P 7 4.78 35.03 1.85
CA TRP P 7 3.98 35.56 0.75
C TRP P 7 4.32 34.87 -0.57
N ASP P 8 3.32 34.77 -1.42
CA ASP P 8 3.50 34.40 -2.82
C ASP P 8 3.16 35.61 -3.70
N LEU P 9 3.85 35.71 -4.82
CA LEU P 9 3.65 36.82 -5.76
C LEU P 9 2.81 36.32 -6.92
N GLU P 10 1.68 36.97 -7.15
CA GLU P 10 0.82 36.69 -8.30
C GLU P 10 1.09 37.77 -9.34
N VAL P 11 1.52 37.36 -10.52
CA VAL P 11 1.84 38.27 -11.62
C VAL P 11 0.78 38.08 -12.69
N LYS P 12 -0.01 39.12 -12.94
CA LYS P 12 -1.11 39.08 -13.90
C LYS P 12 -0.61 39.67 -15.22
N PHE P 13 -0.68 38.86 -16.28
CA PHE P 13 -0.15 39.24 -17.58
C PHE P 13 -1.11 38.74 -18.64
N THR P 14 -1.41 39.60 -19.62
CA THR P 14 -2.44 39.34 -20.62
C THR P 14 -3.60 38.57 -20.00
N GLY P 15 -3.90 37.36 -20.50
CA GLY P 15 -5.01 36.57 -20.03
C GLY P 15 -4.69 35.48 -19.04
N GLN P 16 -3.43 35.31 -18.64
CA GLN P 16 -3.04 34.25 -17.74
C GLN P 16 -2.41 34.83 -16.48
N THR P 17 -2.38 34.02 -15.42
CA THR P 17 -1.81 34.41 -14.14
C THR P 17 -0.66 33.45 -13.83
N SER P 18 0.40 33.99 -13.25
CA SER P 18 1.55 33.20 -12.82
C SER P 18 1.80 33.48 -11.35
N LEU P 19 1.61 32.47 -10.50
CA LEU P 19 1.87 32.59 -9.08
C LEU P 19 3.27 32.05 -8.81
N LEU P 20 4.11 32.89 -8.21
CA LEU P 20 5.51 32.57 -7.96
C LEU P 20 5.76 32.44 -6.46
N GLY P 21 6.56 31.46 -6.08
CA GLY P 21 7.11 31.44 -4.75
C GLY P 21 8.09 32.57 -4.56
N MET P 22 8.44 32.83 -3.32
CA MET P 22 9.35 33.94 -3.01
C MET P 22 10.65 33.79 -3.78
N SER P 23 11.25 32.59 -3.72
CA SER P 23 12.50 32.33 -4.42
C SER P 23 12.35 32.53 -5.93
N GLU P 24 11.26 32.01 -6.50
CA GLU P 24 11.04 32.11 -7.93
C GLU P 24 10.90 33.56 -8.37
N ALA P 25 10.18 34.37 -7.59
CA ALA P 25 10.03 35.79 -7.93
C ALA P 25 11.38 36.50 -7.86
N ARG P 26 12.12 36.27 -6.78
CA ARG P 26 13.41 36.94 -6.63
C ARG P 26 14.38 36.50 -7.73
N GLN P 27 14.19 35.30 -8.29
CA GLN P 27 14.96 34.88 -9.44
C GLN P 27 14.47 35.53 -10.74
N ARG P 28 13.17 35.82 -10.83
CA ARG P 28 12.60 36.44 -12.02
C ARG P 28 12.52 37.95 -11.92
N GLY P 29 13.32 38.55 -11.05
CA GLY P 29 13.62 39.96 -11.18
C GLY P 29 12.95 40.86 -10.18
N TYR P 30 12.38 40.29 -9.13
CA TYR P 30 11.76 41.04 -8.04
C TYR P 30 12.62 40.89 -6.79
N GLN P 31 12.41 41.79 -5.85
CA GLN P 31 12.98 41.62 -4.53
C GLN P 31 11.95 42.09 -3.52
N PHE P 32 11.98 41.46 -2.35
CA PHE P 32 11.00 41.70 -1.30
C PHE P 32 11.75 41.93 0.01
N SER P 33 11.49 43.07 0.63
CA SER P 33 12.14 43.46 1.87
C SER P 33 11.07 43.83 2.89
N SER P 34 11.36 43.55 4.16
CA SER P 34 10.40 43.79 5.23
C SER P 34 11.10 44.46 6.41
N ASP P 35 10.53 45.57 6.84
CA ASP P 35 10.90 46.22 8.09
C ASP P 35 9.70 46.19 9.04
N PRO P 36 9.86 46.61 10.29
CA PRO P 36 8.75 46.49 11.25
C PRO P 36 7.49 47.19 10.81
N TYR P 37 7.57 48.21 9.95
CA TYR P 37 6.41 49.03 9.63
C TYR P 37 5.88 48.86 8.22
N TYR P 38 6.71 48.48 7.26
CA TYR P 38 6.27 48.43 5.87
C TYR P 38 6.77 47.15 5.20
N LEU P 39 5.99 46.71 4.21
CA LEU P 39 6.43 45.68 3.26
C LEU P 39 6.78 46.36 1.96
N THR P 40 7.98 46.08 1.45
CA THR P 40 8.49 46.73 0.25
C THR P 40 8.62 45.69 -0.84
N VAL P 41 8.18 46.04 -2.05
CA VAL P 41 8.34 45.20 -3.23
C VAL P 41 9.00 46.05 -4.31
N GLN P 42 10.16 45.61 -4.79
CA GLN P 42 10.92 46.32 -5.80
C GLN P 42 11.08 45.42 -7.02
N ALA P 43 10.95 46.02 -8.21
CA ALA P 43 11.17 45.31 -9.46
C ALA P 43 12.09 46.12 -10.36
N SER P 44 13.00 45.41 -11.02
CA SER P 44 13.79 46.01 -12.09
C SER P 44 12.98 46.02 -13.38
N TYR P 45 13.42 46.85 -14.32
CA TYR P 45 12.76 46.97 -15.61
C TYR P 45 13.07 45.82 -16.55
N SER P 46 13.79 44.80 -16.05
CA SER P 46 14.00 43.55 -16.76
C SER P 46 13.27 42.39 -16.10
N ALA P 47 12.35 42.65 -15.19
CA ALA P 47 11.63 41.60 -14.49
C ALA P 47 10.66 40.89 -15.44
N PHE P 48 10.31 39.67 -15.07
CA PHE P 48 9.40 38.87 -15.87
C PHE P 48 7.96 39.37 -15.73
N GLY P 49 7.24 39.40 -16.85
CA GLY P 49 5.85 39.78 -16.85
C GLY P 49 5.56 41.27 -16.86
N LEU P 50 6.54 42.11 -17.15
CA LEU P 50 6.30 43.54 -17.27
C LEU P 50 5.72 43.85 -18.65
N ASN P 51 4.67 44.66 -18.68
CA ASN P 51 4.10 45.16 -19.92
C ASN P 51 4.77 46.49 -20.26
N VAL P 52 5.33 46.59 -21.46
CA VAL P 52 6.11 47.76 -21.85
C VAL P 52 5.34 48.52 -22.92
N PHE P 53 4.96 49.75 -22.60
CA PHE P 53 4.35 50.67 -23.54
C PHE P 53 5.37 51.76 -23.88
N ASN P 54 5.20 52.34 -25.07
CA ASN P 54 6.12 53.35 -25.56
C ASN P 54 5.34 54.52 -26.16
N LEU P 55 5.79 55.73 -25.86
CA LEU P 55 5.31 56.94 -26.51
C LEU P 55 6.54 57.75 -26.89
N GLU P 56 6.85 57.80 -28.20
CA GLU P 56 8.10 58.37 -28.68
C GLU P 56 9.23 57.69 -27.91
N ASN P 57 10.22 58.43 -27.44
CA ASN P 57 11.36 57.80 -26.78
C ASN P 57 11.08 57.42 -25.33
N GLN P 58 9.86 57.61 -24.84
CA GLN P 58 9.52 57.44 -23.42
C GLN P 58 8.74 56.15 -23.22
N ARG P 59 9.23 55.31 -22.31
CA ARG P 59 8.66 53.99 -22.08
C ARG P 59 7.87 53.96 -20.78
N LEU P 60 6.68 53.35 -20.84
CA LEU P 60 5.79 53.20 -19.70
C LEU P 60 5.69 51.71 -19.37
N TYR P 61 6.28 51.32 -18.24
CA TYR P 61 6.26 49.94 -17.78
C TYR P 61 5.09 49.71 -16.83
N VAL P 62 4.39 48.60 -17.03
CA VAL P 62 3.26 48.22 -16.19
C VAL P 62 3.47 46.82 -15.64
N ALA P 63 3.25 46.66 -14.35
CA ALA P 63 3.23 45.36 -13.68
C ALA P 63 1.91 45.22 -12.94
N ASP P 64 1.13 44.20 -13.29
CA ASP P 64 -0.13 43.89 -12.61
C ASP P 64 0.15 42.84 -11.54
N LEU P 65 0.57 43.30 -10.36
CA LEU P 65 1.04 42.41 -9.29
C LEU P 65 0.06 42.36 -8.14
N ARG P 66 0.06 41.22 -7.45
CA ARG P 66 -0.77 41.01 -6.26
C ARG P 66 0.01 40.15 -5.27
N LEU P 67 0.08 40.63 -4.04
CA LEU P 67 0.68 39.88 -2.93
C LEU P 67 -0.39 39.00 -2.32
N VAL P 68 -0.20 37.69 -2.43
CA VAL P 68 -1.15 36.71 -1.93
C VAL P 68 -0.48 35.93 -0.80
N SER P 69 -1.16 35.83 0.33
CA SER P 69 -0.63 35.03 1.42
C SER P 69 -0.45 33.60 0.94
N GLN P 70 0.70 33.02 1.29
CA GLN P 70 1.01 31.68 0.83
C GLN P 70 0.00 30.65 1.36
N PHE P 71 -0.33 30.75 2.64
CA PHE P 71 -1.28 29.85 3.26
C PHE P 71 -2.67 30.48 3.19
N GLY P 72 -3.60 29.94 3.97
CA GLY P 72 -4.94 30.50 4.02
C GLY P 72 -5.39 30.92 5.40
N SER P 73 -4.56 30.66 6.43
CA SER P 73 -4.93 31.11 7.76
C SER P 73 -5.04 32.63 7.82
N PRO P 74 -4.04 33.41 7.37
CA PRO P 74 -4.29 34.85 7.17
C PRO P 74 -5.05 35.11 5.88
N ARG P 75 -4.59 34.46 4.80
CA ARG P 75 -5.11 34.62 3.45
C ARG P 75 -5.36 36.08 3.08
N ILE P 76 -4.29 36.85 2.96
CA ILE P 76 -4.36 38.27 2.66
C ILE P 76 -4.09 38.48 1.19
N SER P 77 -4.91 39.30 0.53
CA SER P 77 -4.72 39.64 -0.88
C SER P 77 -4.56 41.15 -0.98
N ILE P 78 -3.40 41.59 -1.47
CA ILE P 78 -3.09 43.00 -1.65
C ILE P 78 -2.77 43.23 -3.12
N ASP P 79 -3.43 44.19 -3.76
CA ASP P 79 -3.09 44.57 -5.13
C ASP P 79 -1.97 45.61 -5.08
N THR P 80 -0.85 45.34 -5.75
CA THR P 80 0.30 46.25 -5.76
C THR P 80 0.77 46.50 -7.19
N PRO P 81 -0.07 47.11 -8.03
CA PRO P 81 0.36 47.40 -9.39
C PRO P 81 1.44 48.47 -9.40
N MET P 82 2.31 48.41 -10.41
CA MET P 82 3.38 49.39 -10.56
C MET P 82 3.38 49.93 -11.98
N ILE P 83 3.47 51.26 -12.11
CA ILE P 83 3.49 51.95 -13.40
C ILE P 83 4.64 52.95 -13.38
N CYS P 84 5.52 52.89 -14.38
CA CYS P 84 6.72 53.72 -14.37
C CYS P 84 7.08 54.25 -15.75
N ALA P 85 7.13 55.58 -15.86
CA ALA P 85 7.74 56.25 -17.02
C ALA P 85 9.25 56.19 -16.80
N ARG P 86 9.85 55.10 -17.30
CA ARG P 86 11.25 54.84 -16.98
C ARG P 86 12.19 55.88 -17.59
N ASP P 87 11.77 56.51 -18.69
CA ASP P 87 12.63 57.41 -19.45
C ASP P 87 12.20 58.87 -19.36
N SER P 88 11.07 59.15 -18.72
CA SER P 88 10.65 60.52 -18.54
C SER P 88 11.52 61.24 -17.51
N PRO P 89 11.65 62.58 -17.61
CA PRO P 89 11.17 63.47 -18.67
C PRO P 89 12.20 63.73 -19.74
N SER P 90 11.75 64.33 -20.85
CA SER P 90 12.64 64.79 -21.91
C SER P 90 12.72 66.30 -21.84
N CYS P 91 13.94 66.82 -21.74
CA CYS P 91 14.16 68.26 -21.61
C CYS P 91 14.82 68.80 -22.87
N ASN P 92 14.23 69.87 -23.43
CA ASN P 92 14.76 70.55 -24.60
C ASN P 92 15.12 71.98 -24.28
N SER P 93 15.73 72.21 -23.13
CA SER P 93 16.26 73.49 -22.68
C SER P 93 15.19 74.50 -22.37
N THR P 94 13.92 74.18 -22.61
CA THR P 94 12.82 75.09 -22.32
C THR P 94 11.74 74.37 -21.54
N HIS P 95 11.57 73.08 -21.80
CA HIS P 95 10.53 72.30 -21.16
C HIS P 95 11.05 70.93 -20.81
N ALA P 96 10.55 70.40 -19.71
CA ALA P 96 10.65 68.98 -19.39
C ALA P 96 9.36 68.32 -19.86
N THR P 97 9.49 67.27 -20.67
CA THR P 97 8.34 66.62 -21.28
C THR P 97 8.21 65.20 -20.76
N VAL P 98 7.02 64.88 -20.29
CA VAL P 98 6.65 63.53 -19.87
C VAL P 98 5.61 63.03 -20.87
N LEU P 99 5.86 61.86 -21.44
CA LEU P 99 4.96 61.26 -22.43
C LEU P 99 4.47 59.93 -21.89
N ILE P 100 3.16 59.83 -21.67
CA ILE P 100 2.55 58.61 -21.16
C ILE P 100 1.70 58.03 -22.28
N PRO P 101 2.09 56.92 -22.89
CA PRO P 101 1.21 56.28 -23.86
C PRO P 101 -0.08 55.84 -23.18
N PHE P 102 -1.14 55.73 -24.00
CA PHE P 102 -2.38 55.14 -23.51
C PHE P 102 -2.13 53.65 -23.23
N PHE P 103 -2.34 53.23 -21.98
CA PHE P 103 -2.08 51.85 -21.57
C PHE P 103 -3.21 51.28 -20.72
N GLY P 104 -4.35 51.96 -20.65
CA GLY P 104 -5.45 51.58 -19.78
C GLY P 104 -5.61 52.49 -18.58
N GLY P 105 -4.58 53.23 -18.21
CA GLY P 105 -4.68 54.14 -17.10
C GLY P 105 -5.34 55.46 -17.49
N VAL P 106 -5.93 56.10 -16.49
CA VAL P 106 -6.53 57.43 -16.64
C VAL P 106 -5.88 58.35 -15.62
N LEU P 107 -5.31 59.45 -16.10
CA LEU P 107 -4.68 60.40 -15.19
C LEU P 107 -5.76 61.17 -14.43
N THR P 108 -5.66 61.16 -13.09
CA THR P 108 -6.59 61.86 -12.22
C THR P 108 -5.92 62.87 -11.31
N GLY P 109 -4.60 62.88 -11.24
CA GLY P 109 -3.91 63.83 -10.39
C GLY P 109 -2.47 64.08 -10.78
N ILE P 110 -2.06 65.34 -10.67
CA ILE P 110 -0.69 65.76 -10.94
C ILE P 110 -0.16 66.41 -9.67
N ASN P 111 1.01 65.95 -9.22
CA ASN P 111 1.67 66.50 -8.05
C ASN P 111 3.11 66.82 -8.44
N VAL P 112 3.60 67.96 -7.94
CA VAL P 112 4.97 68.41 -8.21
C VAL P 112 5.61 68.80 -6.88
N ASN P 113 6.68 68.10 -6.51
CA ASN P 113 7.45 68.40 -5.30
C ASN P 113 6.56 68.46 -4.06
N SER P 114 5.62 67.51 -3.97
CA SER P 114 4.71 67.42 -2.84
C SER P 114 3.71 68.58 -2.80
N VAL P 115 3.40 69.13 -3.97
CA VAL P 115 2.42 70.20 -4.12
C VAL P 115 1.33 69.65 -5.05
N ASN P 116 0.22 69.21 -4.47
CA ASN P 116 -0.87 68.64 -5.24
C ASN P 116 -1.58 69.74 -6.03
N ILE P 117 -1.50 69.66 -7.36
CA ILE P 117 -2.05 70.71 -8.21
C ILE P 117 -3.56 70.57 -8.40
N GLN P 118 -4.11 69.37 -8.20
CA GLN P 118 -5.56 69.22 -8.23
C GLN P 118 -6.22 69.93 -7.06
N LEU P 119 -5.48 70.15 -5.97
CA LEU P 119 -5.99 70.78 -4.76
C LEU P 119 -5.18 72.01 -4.37
N SER P 120 -4.65 72.75 -5.36
CA SER P 120 -3.73 73.84 -5.08
C SER P 120 -4.34 75.22 -5.23
N SER P 121 -5.52 75.35 -5.83
CA SER P 121 -6.16 76.62 -6.12
C SER P 121 -5.43 77.42 -7.18
N TYR P 122 -4.49 76.80 -7.89
CA TYR P 122 -3.83 77.38 -9.04
C TYR P 122 -3.91 76.37 -10.18
N SER P 123 -4.10 76.86 -11.40
CA SER P 123 -4.22 75.97 -12.55
C SER P 123 -2.86 75.36 -12.93
N LEU P 124 -2.93 74.35 -13.81
CA LEU P 124 -1.68 73.80 -14.36
C LEU P 124 -0.93 74.86 -15.15
N GLN P 125 -1.63 75.66 -15.95
CA GLN P 125 -1.01 76.81 -16.58
C GLN P 125 -0.28 77.66 -15.54
N GLN P 126 -0.96 78.00 -14.44
CA GLN P 126 -0.37 78.81 -13.39
C GLN P 126 0.74 78.08 -12.65
N HIS P 127 0.91 76.78 -12.89
CA HIS P 127 2.12 76.06 -12.48
C HIS P 127 3.10 75.89 -13.63
N GLY P 128 2.79 76.42 -14.81
CA GLY P 128 3.67 76.26 -15.96
C GLY P 128 3.57 74.93 -16.66
N ILE P 129 2.43 74.25 -16.56
CA ILE P 129 2.23 72.92 -17.13
C ILE P 129 1.14 73.01 -18.19
N THR P 130 1.41 72.42 -19.35
CA THR P 130 0.42 72.25 -20.39
C THR P 130 0.15 70.76 -20.56
N LEU P 131 -1.12 70.38 -20.61
CA LEU P 131 -1.52 68.98 -20.69
C LEU P 131 -2.30 68.75 -21.97
N ASP P 132 -1.78 67.86 -22.82
CA ASP P 132 -2.47 67.41 -24.02
C ASP P 132 -2.93 65.98 -23.78
N SER P 133 -4.22 65.73 -23.94
CA SER P 133 -4.80 64.42 -23.69
C SER P 133 -5.33 63.77 -24.96
N ARG P 134 -4.85 64.22 -26.12
CA ARG P 134 -5.35 63.71 -27.39
C ARG P 134 -4.80 62.32 -27.71
N ASN P 135 -3.48 62.15 -27.57
CA ASN P 135 -2.75 60.95 -27.99
C ASN P 135 -1.87 60.46 -26.85
N GLY P 136 -2.49 60.25 -25.69
CA GLY P 136 -1.78 59.97 -24.47
C GLY P 136 -1.73 61.20 -23.60
N TYR P 137 -1.02 61.07 -22.49
CA TYR P 137 -0.83 62.18 -21.56
C TYR P 137 0.56 62.77 -21.80
N ARG P 138 0.58 64.05 -22.19
CA ARG P 138 1.80 64.75 -22.55
C ARG P 138 1.91 65.98 -21.66
N LEU P 139 2.83 65.96 -20.71
CA LEU P 139 3.03 67.07 -19.79
C LEU P 139 4.19 67.92 -20.29
N TYR P 140 3.93 69.22 -20.47
CA TYR P 140 4.91 70.17 -20.97
C TYR P 140 5.17 71.17 -19.86
N ILE P 141 6.28 70.99 -19.15
CA ILE P 141 6.55 71.69 -17.90
C ILE P 141 7.65 72.72 -18.15
N LYS P 142 7.36 73.98 -17.85
CA LYS P 142 8.32 75.05 -18.07
C LYS P 142 9.47 74.97 -17.06
N ARG P 143 10.68 75.13 -17.56
CA ARG P 143 11.88 75.12 -16.72
C ARG P 143 12.00 76.45 -15.99
N GLY P 148 15.25 74.93 -10.61
CA GLY P 148 16.39 75.31 -9.79
C GLY P 148 17.34 74.17 -9.55
N ASP P 149 18.21 74.29 -8.54
CA ASP P 149 19.19 73.25 -8.22
C ASP P 149 18.63 72.24 -7.22
N ARG P 150 17.46 71.69 -7.53
CA ARG P 150 16.77 70.76 -6.64
C ARG P 150 16.28 69.56 -7.44
N ASN P 151 16.10 68.45 -6.75
CA ASN P 151 15.60 67.23 -7.39
C ASN P 151 14.10 67.36 -7.48
N ASP P 152 13.64 68.03 -8.54
CA ASP P 152 12.21 68.16 -8.77
C ASP P 152 11.59 66.80 -9.04
N VAL P 153 10.44 66.56 -8.41
CA VAL P 153 9.77 65.27 -8.46
C VAL P 153 8.34 65.48 -8.91
N LEU P 154 7.87 64.61 -9.80
CA LEU P 154 6.50 64.62 -10.30
C LEU P 154 5.83 63.33 -9.88
N VAL P 155 4.59 63.44 -9.39
CA VAL P 155 3.80 62.29 -9.00
C VAL P 155 2.52 62.34 -9.84
N LEU P 156 2.37 61.39 -10.75
CA LEU P 156 1.20 61.32 -11.62
C LEU P 156 0.31 60.20 -11.12
N THR P 157 -0.96 60.51 -10.85
CA THR P 157 -1.89 59.57 -10.28
C THR P 157 -2.81 59.06 -11.38
N PHE P 158 -2.86 57.73 -11.53
CA PHE P 158 -3.67 57.10 -12.55
C PHE P 158 -4.66 56.16 -11.90
N ILE P 159 -5.80 55.98 -12.58
CA ILE P 159 -6.75 54.92 -12.28
C ILE P 159 -6.43 53.78 -13.22
N TYR P 160 -5.97 52.66 -12.68
CA TYR P 160 -5.60 51.49 -13.46
C TYR P 160 -6.27 50.26 -12.86
N TYR P 161 -7.14 49.63 -13.65
CA TYR P 161 -7.88 48.45 -13.19
C TYR P 161 -8.64 48.75 -11.90
N GLY P 162 -9.19 49.97 -11.81
CA GLY P 162 -9.91 50.36 -10.62
C GLY P 162 -9.05 50.61 -9.40
N LYS P 163 -7.73 50.72 -9.57
CA LYS P 163 -6.81 51.00 -8.47
C LYS P 163 -6.15 52.35 -8.70
N THR P 164 -5.80 53.02 -7.60
CA THR P 164 -5.12 54.30 -7.65
C THR P 164 -3.61 54.07 -7.58
N VAL P 165 -2.90 54.43 -8.64
CA VAL P 165 -1.47 54.20 -8.76
C VAL P 165 -0.78 55.54 -9.01
N PRO P 166 -0.18 56.14 -7.97
CA PRO P 166 0.60 57.37 -8.18
C PRO P 166 2.03 57.06 -8.62
N MET P 167 2.41 57.57 -9.78
CA MET P 167 3.71 57.33 -10.37
C MET P 167 4.65 58.48 -10.04
N LEU P 168 5.72 58.19 -9.29
CA LEU P 168 6.66 59.21 -8.86
C LEU P 168 7.92 59.13 -9.72
N ILE P 169 8.21 60.21 -10.43
CA ILE P 169 9.39 60.30 -11.28
C ILE P 169 10.14 61.57 -10.95
N SER P 170 11.44 61.54 -11.19
CA SER P 170 12.27 62.73 -11.06
C SER P 170 12.11 63.62 -12.29
N LEU P 171 12.04 64.92 -12.07
CA LEU P 171 12.00 65.90 -13.16
C LEU P 171 13.34 66.56 -13.37
N VAL P 172 14.42 65.78 -13.25
CA VAL P 172 15.78 66.29 -13.34
C VAL P 172 16.32 66.02 -14.74
N CYS P 173 17.03 67.00 -15.29
CA CYS P 173 17.80 66.82 -16.51
C CYS P 173 19.16 67.47 -16.34
#